data_2KVK
#
_entry.id   2KVK
#
_entity_poly.entity_id   1
_entity_poly.type   'polypeptide(L)'
_entity_poly.pdbx_seq_one_letter_code
;MAISGVTLEESVRGAIDDLRMKKSRYVMMCIGADGKKIEVTEVGERSVNYTDLKEKFSTEKPCYVAFDFEYNDAGSKREK
LILIQWIPDTARPREKMMYSASRDALSSVSEGYLPIQANDESGLDAEEIIRKVRLHRSVAAALE
;
_entity_poly.pdbx_strand_id   A
#
# COMPACT_ATOMS: atom_id res chain seq x y z
N MET A 1 -4.64 -14.91 -16.08
CA MET A 1 -5.53 -13.76 -16.08
C MET A 1 -6.63 -13.96 -17.10
N ALA A 2 -7.82 -14.22 -16.62
CA ALA A 2 -8.97 -14.41 -17.49
C ALA A 2 -10.14 -13.62 -16.94
N ILE A 3 -10.52 -13.91 -15.71
CA ILE A 3 -11.60 -13.20 -15.07
C ILE A 3 -11.02 -12.02 -14.33
N SER A 4 -11.05 -10.89 -14.96
CA SER A 4 -10.46 -9.69 -14.42
C SER A 4 -11.51 -8.85 -13.69
N GLY A 5 -12.60 -9.50 -13.32
CA GLY A 5 -13.62 -8.86 -12.51
C GLY A 5 -13.23 -8.93 -11.07
N VAL A 6 -12.13 -8.25 -10.79
CA VAL A 6 -11.48 -8.23 -9.52
C VAL A 6 -12.44 -7.91 -8.37
N THR A 7 -12.55 -8.83 -7.47
CA THR A 7 -13.42 -8.70 -6.35
C THR A 7 -12.60 -8.47 -5.07
N LEU A 8 -13.17 -7.74 -4.15
CA LEU A 8 -12.59 -7.44 -2.85
C LEU A 8 -13.26 -8.36 -1.86
N GLU A 9 -12.50 -9.18 -1.15
CA GLU A 9 -13.11 -10.11 -0.22
C GLU A 9 -12.92 -9.71 1.25
N GLU A 10 -13.42 -10.54 2.16
CA GLU A 10 -13.50 -10.18 3.58
C GLU A 10 -12.13 -10.06 4.26
N SER A 11 -11.19 -10.92 3.91
CA SER A 11 -9.89 -10.93 4.56
C SER A 11 -9.15 -9.62 4.25
N VAL A 12 -9.35 -9.15 3.02
CA VAL A 12 -8.86 -7.85 2.57
C VAL A 12 -9.44 -6.75 3.45
N ARG A 13 -10.74 -6.77 3.60
CA ARG A 13 -11.45 -5.76 4.38
C ARG A 13 -11.06 -5.82 5.85
N GLY A 14 -10.94 -7.04 6.35
CA GLY A 14 -10.53 -7.25 7.72
C GLY A 14 -9.12 -6.76 7.97
N ALA A 15 -8.26 -6.93 6.98
CA ALA A 15 -6.87 -6.48 7.08
C ALA A 15 -6.81 -4.96 7.16
N ILE A 16 -7.66 -4.32 6.38
CA ILE A 16 -7.77 -2.88 6.41
C ILE A 16 -8.29 -2.47 7.78
N ASP A 17 -9.30 -3.18 8.25
CA ASP A 17 -9.96 -2.93 9.54
C ASP A 17 -8.96 -2.94 10.70
N ASP A 18 -8.10 -3.94 10.75
CA ASP A 18 -7.12 -4.04 11.84
C ASP A 18 -6.00 -3.02 11.71
N LEU A 19 -5.66 -2.65 10.49
CA LEU A 19 -4.61 -1.68 10.26
C LEU A 19 -5.14 -0.27 10.62
N ARG A 20 -6.44 -0.04 10.38
CA ARG A 20 -7.08 1.26 10.64
C ARG A 20 -6.93 1.73 12.08
N MET A 21 -6.84 0.81 13.01
CA MET A 21 -6.67 1.19 14.41
C MET A 21 -5.27 0.72 14.90
N LYS A 22 -4.42 0.41 13.95
CA LYS A 22 -3.06 -0.06 14.18
C LYS A 22 -2.92 -1.26 15.09
N LYS A 23 -3.69 -2.29 14.80
CA LYS A 23 -3.48 -3.59 15.41
C LYS A 23 -2.33 -4.21 14.65
N SER A 24 -2.29 -3.86 13.39
CA SER A 24 -1.25 -4.21 12.51
C SER A 24 -0.53 -2.91 12.13
N ARG A 25 0.42 -3.01 11.27
CA ARG A 25 1.21 -1.87 10.83
C ARG A 25 1.30 -1.90 9.33
N TYR A 26 1.49 -3.09 8.77
CA TYR A 26 1.54 -3.23 7.34
C TYR A 26 0.69 -4.42 6.92
N VAL A 27 0.09 -4.29 5.79
CA VAL A 27 -0.64 -5.35 5.14
C VAL A 27 -0.18 -5.40 3.69
N MET A 28 0.45 -6.47 3.30
CA MET A 28 0.86 -6.63 1.94
C MET A 28 -0.19 -7.45 1.26
N MET A 29 -0.66 -6.95 0.17
CA MET A 29 -1.78 -7.53 -0.48
C MET A 29 -1.41 -7.87 -1.93
N CYS A 30 -2.04 -8.86 -2.47
CA CYS A 30 -1.75 -9.41 -3.76
C CYS A 30 -3.07 -9.62 -4.50
N ILE A 31 -3.00 -9.97 -5.75
CA ILE A 31 -4.17 -10.28 -6.54
C ILE A 31 -3.95 -11.67 -7.09
N GLY A 32 -5.00 -12.47 -7.16
CA GLY A 32 -4.89 -13.80 -7.72
C GLY A 32 -4.37 -13.77 -9.15
N ALA A 33 -3.75 -14.87 -9.57
CA ALA A 33 -3.13 -14.98 -10.90
C ALA A 33 -4.12 -14.73 -12.03
N ASP A 34 -5.37 -15.08 -11.78
CA ASP A 34 -6.43 -14.91 -12.74
C ASP A 34 -6.92 -13.46 -12.79
N GLY A 35 -6.56 -12.69 -11.77
CA GLY A 35 -7.04 -11.33 -11.64
C GLY A 35 -8.44 -11.35 -11.06
N LYS A 36 -8.79 -12.49 -10.52
CA LYS A 36 -10.12 -12.78 -10.03
C LYS A 36 -10.48 -11.95 -8.81
N LYS A 37 -9.57 -11.84 -7.86
CA LYS A 37 -9.83 -11.11 -6.65
C LYS A 37 -8.55 -10.65 -5.98
N ILE A 38 -8.67 -9.61 -5.18
CA ILE A 38 -7.57 -9.08 -4.40
C ILE A 38 -7.55 -9.88 -3.11
N GLU A 39 -6.38 -10.21 -2.61
CA GLU A 39 -6.26 -11.01 -1.43
C GLU A 39 -5.06 -10.59 -0.58
N VAL A 40 -5.15 -10.81 0.70
CA VAL A 40 -4.07 -10.51 1.60
C VAL A 40 -3.04 -11.64 1.51
N THR A 41 -1.77 -11.31 1.51
CA THR A 41 -0.78 -12.34 1.41
C THR A 41 0.10 -12.39 2.67
N GLU A 42 0.46 -11.24 3.22
CA GLU A 42 1.24 -11.19 4.45
C GLU A 42 0.90 -9.93 5.24
N VAL A 43 0.84 -10.04 6.53
CA VAL A 43 0.46 -8.94 7.40
C VAL A 43 1.40 -8.89 8.60
N GLY A 44 1.70 -7.70 9.09
CA GLY A 44 2.61 -7.57 10.19
C GLY A 44 2.24 -6.43 11.10
N GLU A 45 2.69 -6.51 12.32
CA GLU A 45 2.37 -5.53 13.33
C GLU A 45 3.45 -4.45 13.45
N ARG A 46 3.42 -3.67 14.54
CA ARG A 46 4.25 -2.44 14.70
C ARG A 46 5.75 -2.69 14.77
N SER A 47 6.16 -3.93 14.75
CA SER A 47 7.55 -4.28 14.76
C SER A 47 8.16 -4.02 13.38
N VAL A 48 7.30 -4.04 12.36
CA VAL A 48 7.73 -3.82 11.00
C VAL A 48 7.70 -2.33 10.71
N ASN A 49 8.86 -1.77 10.64
CA ASN A 49 9.03 -0.36 10.39
C ASN A 49 9.76 -0.15 9.10
N TYR A 50 9.99 1.10 8.73
CA TYR A 50 10.53 1.51 7.43
C TYR A 50 11.75 0.71 7.00
N THR A 51 12.66 0.51 7.92
CA THR A 51 13.86 -0.26 7.64
C THR A 51 13.50 -1.73 7.27
N ASP A 52 12.49 -2.27 7.93
CA ASP A 52 12.08 -3.65 7.77
C ASP A 52 11.41 -3.85 6.44
N LEU A 53 10.56 -2.93 6.06
CA LEU A 53 9.85 -3.06 4.81
C LEU A 53 10.80 -2.92 3.60
N LYS A 54 11.87 -2.16 3.78
CA LYS A 54 12.86 -1.98 2.74
C LYS A 54 13.75 -3.20 2.57
N GLU A 55 14.02 -3.91 3.66
CA GLU A 55 14.81 -5.13 3.53
C GLU A 55 13.95 -6.26 3.01
N LYS A 56 12.64 -6.05 3.02
CA LYS A 56 11.67 -6.97 2.49
C LYS A 56 11.37 -6.66 1.02
N PHE A 57 12.11 -5.71 0.47
CA PHE A 57 11.94 -5.29 -0.91
C PHE A 57 12.35 -6.39 -1.88
N SER A 58 11.39 -6.87 -2.59
CA SER A 58 11.58 -7.84 -3.61
C SER A 58 10.82 -7.33 -4.82
N THR A 59 11.54 -6.82 -5.81
CA THR A 59 10.95 -6.15 -6.95
C THR A 59 10.12 -7.08 -7.85
N GLU A 60 10.11 -8.36 -7.58
CA GLU A 60 9.32 -9.27 -8.37
C GLU A 60 8.22 -9.94 -7.54
N LYS A 61 7.95 -9.41 -6.35
CA LYS A 61 6.85 -9.92 -5.54
C LYS A 61 5.58 -9.13 -5.77
N PRO A 62 4.44 -9.82 -5.95
CA PRO A 62 3.12 -9.17 -6.10
C PRO A 62 2.78 -8.42 -4.82
N CYS A 63 2.37 -7.16 -4.94
CA CYS A 63 2.33 -6.31 -3.79
C CYS A 63 1.39 -5.10 -3.92
N TYR A 64 1.00 -4.69 -2.76
CA TYR A 64 0.22 -3.61 -2.35
C TYR A 64 0.67 -3.53 -0.93
N VAL A 65 1.04 -2.42 -0.44
CA VAL A 65 1.43 -2.35 0.94
C VAL A 65 0.66 -1.28 1.63
N ALA A 66 -0.24 -1.70 2.43
CA ALA A 66 -0.98 -0.82 3.24
C ALA A 66 -0.16 -0.66 4.49
N PHE A 67 0.33 0.51 4.72
CA PHE A 67 1.20 0.74 5.84
C PHE A 67 0.82 2.01 6.55
N ASP A 68 0.90 1.99 7.84
CA ASP A 68 0.65 3.17 8.66
C ASP A 68 1.92 3.98 8.74
N PHE A 69 1.90 5.09 8.08
CA PHE A 69 3.06 5.91 7.95
C PHE A 69 3.01 7.06 8.95
N GLU A 70 3.95 7.09 9.85
CA GLU A 70 4.04 8.16 10.79
C GLU A 70 5.11 9.14 10.31
N TYR A 71 4.81 10.40 10.34
CA TYR A 71 5.69 11.40 9.80
C TYR A 71 5.59 12.68 10.57
N ASN A 72 6.44 13.60 10.26
CA ASN A 72 6.48 14.88 10.92
C ASN A 72 5.68 15.90 10.13
N ASP A 73 4.85 16.63 10.84
CA ASP A 73 4.05 17.68 10.27
C ASP A 73 3.92 18.79 11.29
N ALA A 74 4.53 19.92 11.00
CA ALA A 74 4.49 21.13 11.84
C ALA A 74 5.16 20.90 13.21
N GLY A 75 5.95 19.85 13.29
CA GLY A 75 6.61 19.51 14.53
C GLY A 75 5.90 18.41 15.28
N SER A 76 4.76 17.99 14.77
CA SER A 76 3.99 16.93 15.40
C SER A 76 4.11 15.66 14.58
N LYS A 77 4.08 14.54 15.24
CA LYS A 77 4.10 13.26 14.59
C LYS A 77 2.68 12.89 14.20
N ARG A 78 2.40 12.87 12.93
CA ARG A 78 1.09 12.53 12.43
C ARG A 78 1.11 11.14 11.87
N GLU A 79 -0.05 10.56 11.65
CA GLU A 79 -0.16 9.19 11.22
C GLU A 79 -1.08 9.13 10.02
N LYS A 80 -0.56 8.72 8.90
CA LYS A 80 -1.33 8.60 7.71
C LYS A 80 -1.13 7.25 7.11
N LEU A 81 -2.21 6.56 6.93
CA LEU A 81 -2.18 5.27 6.35
C LEU A 81 -1.97 5.43 4.84
N ILE A 82 -0.97 4.79 4.34
CA ILE A 82 -0.68 4.87 2.94
C ILE A 82 -0.85 3.53 2.26
N LEU A 83 -1.31 3.57 1.05
CA LEU A 83 -1.55 2.38 0.30
C LEU A 83 -0.59 2.33 -0.85
N ILE A 84 0.39 1.52 -0.72
CA ILE A 84 1.43 1.35 -1.71
C ILE A 84 1.01 0.28 -2.71
N GLN A 85 1.34 0.48 -3.92
CA GLN A 85 1.15 -0.41 -5.02
C GLN A 85 2.48 -0.50 -5.69
N TRP A 86 3.06 -1.63 -5.70
CA TRP A 86 4.30 -1.81 -6.36
C TRP A 86 4.01 -1.99 -7.84
N ILE A 87 4.54 -1.12 -8.62
CA ILE A 87 4.48 -1.19 -10.05
C ILE A 87 5.92 -1.25 -10.57
N PRO A 88 6.57 -2.40 -10.39
CA PRO A 88 7.95 -2.55 -10.69
C PRO A 88 8.20 -2.98 -12.12
N ASP A 89 9.07 -2.25 -12.77
CA ASP A 89 9.53 -2.51 -14.16
C ASP A 89 10.36 -3.82 -14.24
N THR A 90 10.40 -4.57 -13.16
CA THR A 90 11.17 -5.77 -13.09
C THR A 90 10.24 -6.93 -12.75
N ALA A 91 8.98 -6.62 -12.55
CA ALA A 91 8.04 -7.62 -12.16
C ALA A 91 7.32 -8.17 -13.36
N ARG A 92 6.50 -9.13 -13.09
CA ARG A 92 5.71 -9.82 -14.06
C ARG A 92 4.60 -8.88 -14.54
N PRO A 93 4.24 -8.92 -15.84
CA PRO A 93 3.21 -8.06 -16.45
C PRO A 93 1.95 -7.90 -15.58
N ARG A 94 1.45 -8.99 -15.02
CA ARG A 94 0.26 -8.97 -14.15
C ARG A 94 0.44 -7.99 -12.99
N GLU A 95 1.56 -8.12 -12.31
CA GLU A 95 1.94 -7.31 -11.17
C GLU A 95 2.06 -5.85 -11.54
N LYS A 96 2.58 -5.60 -12.72
CA LYS A 96 2.69 -4.24 -13.16
C LYS A 96 1.28 -3.65 -13.53
N MET A 97 0.58 -4.34 -14.42
CA MET A 97 -0.69 -3.83 -14.99
C MET A 97 -1.90 -3.94 -14.06
N MET A 98 -2.10 -5.12 -13.51
CA MET A 98 -3.32 -5.42 -12.77
C MET A 98 -3.33 -4.71 -11.45
N TYR A 99 -2.18 -4.64 -10.84
CA TYR A 99 -2.03 -4.04 -9.55
C TYR A 99 -2.17 -2.53 -9.64
N SER A 100 -1.64 -1.93 -10.70
CA SER A 100 -1.82 -0.51 -10.90
C SER A 100 -3.31 -0.17 -11.16
N ALA A 101 -3.95 -0.96 -12.01
CA ALA A 101 -5.34 -0.72 -12.40
C ALA A 101 -6.34 -1.02 -11.29
N SER A 102 -6.14 -2.09 -10.58
CA SER A 102 -7.12 -2.52 -9.58
C SER A 102 -6.96 -1.79 -8.25
N ARG A 103 -6.00 -0.87 -8.17
CA ARG A 103 -5.77 -0.10 -6.94
C ARG A 103 -6.97 0.78 -6.68
N ASP A 104 -7.66 1.12 -7.77
CA ASP A 104 -8.86 1.95 -7.76
C ASP A 104 -9.95 1.34 -6.89
N ALA A 105 -10.15 0.04 -7.06
CA ALA A 105 -11.18 -0.67 -6.33
C ALA A 105 -10.79 -0.82 -4.87
N LEU A 106 -9.51 -1.08 -4.61
CA LEU A 106 -9.03 -1.25 -3.25
C LEU A 106 -9.15 0.07 -2.47
N SER A 107 -9.07 1.19 -3.19
CA SER A 107 -9.15 2.51 -2.57
C SER A 107 -10.53 2.74 -1.90
N SER A 108 -11.52 1.99 -2.33
CA SER A 108 -12.85 2.09 -1.76
C SER A 108 -12.88 1.43 -0.38
N VAL A 109 -12.16 0.34 -0.22
CA VAL A 109 -12.14 -0.35 1.06
C VAL A 109 -11.05 0.19 1.97
N SER A 110 -10.04 0.78 1.39
CA SER A 110 -8.97 1.32 2.17
C SER A 110 -9.30 2.76 2.64
N GLU A 111 -10.04 2.85 3.72
CA GLU A 111 -10.40 4.14 4.30
C GLU A 111 -9.20 4.80 4.98
N GLY A 112 -8.84 5.98 4.55
CA GLY A 112 -7.78 6.74 5.19
C GLY A 112 -6.45 6.58 4.52
N TYR A 113 -6.42 5.87 3.42
CA TYR A 113 -5.18 5.57 2.73
C TYR A 113 -4.94 6.48 1.55
N LEU A 114 -3.71 6.87 1.36
CA LEU A 114 -3.31 7.65 0.23
C LEU A 114 -2.64 6.70 -0.76
N PRO A 115 -3.11 6.63 -2.01
CA PRO A 115 -2.51 5.74 -3.01
C PRO A 115 -1.14 6.24 -3.44
N ILE A 116 -0.14 5.45 -3.16
CA ILE A 116 1.24 5.79 -3.46
C ILE A 116 1.90 4.60 -4.18
N GLN A 117 2.49 4.85 -5.32
CA GLN A 117 3.03 3.77 -6.11
C GLN A 117 4.53 3.67 -5.94
N ALA A 118 5.03 2.47 -5.93
CA ALA A 118 6.45 2.24 -5.84
C ALA A 118 6.90 1.46 -7.05
N ASN A 119 7.87 1.99 -7.74
CA ASN A 119 8.41 1.31 -8.94
C ASN A 119 9.72 0.67 -8.58
N ASP A 120 10.36 1.28 -7.62
CA ASP A 120 11.69 0.94 -7.18
C ASP A 120 11.70 1.04 -5.66
N GLU A 121 12.81 0.65 -5.01
CA GLU A 121 12.96 0.72 -3.56
C GLU A 121 12.72 2.15 -3.07
N SER A 122 13.03 3.11 -3.93
CA SER A 122 12.89 4.51 -3.62
C SER A 122 11.42 4.90 -3.36
N GLY A 123 10.49 4.20 -3.99
CA GLY A 123 9.09 4.50 -3.78
C GLY A 123 8.57 3.88 -2.50
N LEU A 124 9.38 3.01 -1.96
CA LEU A 124 9.12 2.33 -0.71
C LEU A 124 10.03 2.90 0.37
N ASP A 125 10.81 3.87 0.00
CA ASP A 125 11.75 4.47 0.90
C ASP A 125 11.10 5.60 1.62
N ALA A 126 11.12 5.50 2.94
CA ALA A 126 10.47 6.44 3.84
C ALA A 126 10.80 7.88 3.54
N GLU A 127 12.04 8.14 3.18
CA GLU A 127 12.47 9.50 2.95
C GLU A 127 11.78 10.14 1.75
N GLU A 128 11.59 9.39 0.67
CA GLU A 128 10.87 9.94 -0.47
C GLU A 128 9.38 9.96 -0.12
N ILE A 129 8.93 8.93 0.60
CA ILE A 129 7.53 8.84 0.99
C ILE A 129 7.13 10.04 1.84
N ILE A 130 7.98 10.42 2.81
CA ILE A 130 7.72 11.60 3.65
C ILE A 130 7.51 12.82 2.77
N ARG A 131 8.40 12.99 1.80
CA ARG A 131 8.38 14.11 0.89
C ARG A 131 7.06 14.16 0.10
N LYS A 132 6.65 13.04 -0.45
CA LYS A 132 5.42 13.00 -1.23
C LYS A 132 4.17 13.07 -0.34
N VAL A 133 4.23 12.51 0.87
CA VAL A 133 3.15 12.69 1.85
C VAL A 133 3.03 14.17 2.25
N ARG A 134 4.19 14.86 2.36
CA ARG A 134 4.23 16.31 2.63
C ARG A 134 3.42 17.06 1.56
N LEU A 135 3.61 16.64 0.32
CA LEU A 135 2.91 17.21 -0.82
C LEU A 135 1.42 16.90 -0.74
N HIS A 136 1.11 15.68 -0.34
CA HIS A 136 -0.25 15.21 -0.28
C HIS A 136 -1.03 15.89 0.86
N ARG A 137 -0.31 16.39 1.88
CA ARG A 137 -0.89 17.07 3.08
C ARG A 137 -1.96 18.10 2.75
N SER A 138 -1.86 18.72 1.59
CA SER A 138 -2.84 19.68 1.13
C SER A 138 -4.27 19.04 1.09
N VAL A 139 -4.33 17.74 0.87
CA VAL A 139 -5.59 17.01 0.85
C VAL A 139 -5.63 16.02 2.02
N ALA A 140 -4.47 15.38 2.29
CA ALA A 140 -4.32 14.37 3.35
C ALA A 140 -4.69 14.87 4.74
N ALA A 141 -4.61 16.20 4.93
CA ALA A 141 -5.00 16.83 6.19
C ALA A 141 -6.51 16.65 6.44
N ALA A 142 -7.23 16.35 5.40
CA ALA A 142 -8.64 16.10 5.50
C ALA A 142 -8.88 14.65 5.17
N LEU A 143 -10.01 14.13 5.58
CA LEU A 143 -10.32 12.75 5.30
C LEU A 143 -10.84 12.59 3.88
N GLU A 144 -9.92 12.37 2.97
CA GLU A 144 -10.21 12.13 1.57
C GLU A 144 -9.06 11.36 0.95
N MET A 1 -5.05 -16.78 -14.44
CA MET A 1 -4.79 -15.71 -15.40
C MET A 1 -5.95 -15.57 -16.38
N ALA A 2 -7.04 -16.23 -16.09
CA ALA A 2 -8.17 -16.26 -16.96
C ALA A 2 -9.30 -15.40 -16.46
N ILE A 3 -9.72 -15.59 -15.22
CA ILE A 3 -10.88 -14.87 -14.72
C ILE A 3 -10.47 -13.61 -13.99
N SER A 4 -10.05 -12.65 -14.76
CA SER A 4 -9.62 -11.41 -14.25
C SER A 4 -10.80 -10.45 -14.11
N GLY A 5 -11.15 -10.25 -12.89
CA GLY A 5 -12.23 -9.41 -12.47
C GLY A 5 -12.04 -9.19 -11.01
N VAL A 6 -11.04 -8.39 -10.71
CA VAL A 6 -10.58 -8.20 -9.36
C VAL A 6 -11.63 -7.60 -8.44
N THR A 7 -11.65 -8.07 -7.24
CA THR A 7 -12.52 -7.61 -6.21
C THR A 7 -11.78 -7.85 -4.87
N LEU A 8 -12.13 -7.15 -3.82
CA LEU A 8 -11.54 -7.47 -2.53
C LEU A 8 -12.43 -8.42 -1.79
N GLU A 9 -11.84 -9.25 -0.99
CA GLU A 9 -12.63 -10.09 -0.16
C GLU A 9 -12.71 -9.50 1.26
N GLU A 10 -13.42 -10.13 2.14
CA GLU A 10 -13.70 -9.52 3.44
C GLU A 10 -12.47 -9.39 4.36
N SER A 11 -11.55 -10.35 4.31
CA SER A 11 -10.42 -10.37 5.22
C SER A 11 -9.49 -9.17 5.00
N VAL A 12 -9.22 -8.84 3.74
CA VAL A 12 -8.38 -7.69 3.43
C VAL A 12 -9.00 -6.38 3.90
N ARG A 13 -10.34 -6.28 3.83
CA ARG A 13 -11.01 -5.06 4.29
C ARG A 13 -10.88 -4.94 5.78
N GLY A 14 -10.93 -6.09 6.45
CA GLY A 14 -10.75 -6.15 7.88
C GLY A 14 -9.37 -5.70 8.27
N ALA A 15 -8.37 -6.13 7.51
CA ALA A 15 -6.99 -5.75 7.74
C ALA A 15 -6.79 -4.25 7.51
N ILE A 16 -7.43 -3.73 6.46
CA ILE A 16 -7.41 -2.30 6.13
C ILE A 16 -7.90 -1.47 7.32
N ASP A 17 -9.00 -1.90 7.91
CA ASP A 17 -9.59 -1.17 9.02
C ASP A 17 -8.82 -1.41 10.32
N ASP A 18 -8.19 -2.56 10.40
CA ASP A 18 -7.41 -2.95 11.58
C ASP A 18 -6.20 -2.04 11.71
N LEU A 19 -5.68 -1.63 10.57
CA LEU A 19 -4.56 -0.71 10.48
C LEU A 19 -5.05 0.69 10.88
N ARG A 20 -6.32 0.98 10.57
CA ARG A 20 -6.92 2.27 10.94
C ARG A 20 -7.10 2.32 12.44
N MET A 21 -7.26 1.16 13.04
CA MET A 21 -7.37 1.04 14.50
C MET A 21 -6.00 1.02 15.14
N LYS A 22 -4.96 1.07 14.29
CA LYS A 22 -3.55 1.08 14.72
C LYS A 22 -3.11 -0.20 15.42
N LYS A 23 -3.83 -1.27 15.18
CA LYS A 23 -3.45 -2.55 15.75
C LYS A 23 -2.49 -3.21 14.78
N SER A 24 -2.85 -3.17 13.52
CA SER A 24 -1.98 -3.64 12.48
C SER A 24 -1.19 -2.45 11.93
N ARG A 25 0.04 -2.67 11.58
CA ARG A 25 0.90 -1.63 11.04
C ARG A 25 1.12 -1.87 9.57
N TYR A 26 1.27 -3.12 9.25
CA TYR A 26 1.65 -3.53 7.93
C TYR A 26 0.72 -4.60 7.46
N VAL A 27 0.38 -4.57 6.19
CA VAL A 27 -0.47 -5.55 5.55
C VAL A 27 -0.08 -5.64 4.09
N MET A 28 0.60 -6.69 3.72
CA MET A 28 0.95 -6.88 2.34
C MET A 28 -0.10 -7.78 1.72
N MET A 29 -0.80 -7.26 0.75
CA MET A 29 -1.88 -7.95 0.11
C MET A 29 -1.51 -8.23 -1.32
N CYS A 30 -1.66 -9.45 -1.74
CA CYS A 30 -1.33 -9.85 -3.08
C CYS A 30 -2.60 -10.17 -3.82
N ILE A 31 -2.54 -10.05 -5.09
CA ILE A 31 -3.67 -10.30 -5.92
C ILE A 31 -3.58 -11.73 -6.37
N GLY A 32 -4.71 -12.44 -6.39
CA GLY A 32 -4.73 -13.76 -6.93
C GLY A 32 -4.29 -13.72 -8.37
N ALA A 33 -3.41 -14.62 -8.76
CA ALA A 33 -2.80 -14.64 -10.09
C ALA A 33 -3.81 -14.74 -11.23
N ASP A 34 -5.00 -15.24 -10.91
CA ASP A 34 -6.04 -15.39 -11.92
C ASP A 34 -6.74 -14.05 -12.15
N GLY A 35 -6.52 -13.14 -11.22
CA GLY A 35 -7.13 -11.84 -11.29
C GLY A 35 -8.49 -11.84 -10.63
N LYS A 36 -8.66 -12.74 -9.71
CA LYS A 36 -9.94 -12.87 -9.02
C LYS A 36 -10.09 -11.90 -7.85
N LYS A 37 -9.35 -12.14 -6.81
CA LYS A 37 -9.45 -11.30 -5.65
C LYS A 37 -8.12 -11.10 -4.99
N ILE A 38 -8.03 -10.02 -4.25
CA ILE A 38 -6.83 -9.69 -3.52
C ILE A 38 -6.96 -10.27 -2.14
N GLU A 39 -5.90 -10.84 -1.65
CA GLU A 39 -5.91 -11.46 -0.36
C GLU A 39 -4.64 -11.13 0.40
N VAL A 40 -4.72 -11.20 1.70
CA VAL A 40 -3.61 -10.88 2.55
C VAL A 40 -2.52 -11.96 2.47
N THR A 41 -1.33 -11.52 2.22
CA THR A 41 -0.19 -12.39 2.15
C THR A 41 0.48 -12.43 3.53
N GLU A 42 0.68 -11.26 4.12
CA GLU A 42 1.32 -11.15 5.41
C GLU A 42 0.89 -9.85 6.09
N VAL A 43 0.59 -9.93 7.37
CA VAL A 43 0.16 -8.77 8.15
C VAL A 43 0.97 -8.71 9.44
N GLY A 44 1.43 -7.53 9.79
CA GLY A 44 2.31 -7.40 10.93
C GLY A 44 1.96 -6.25 11.86
N GLU A 45 2.54 -6.29 13.04
CA GLU A 45 2.28 -5.32 14.09
C GLU A 45 3.19 -4.07 14.00
N ARG A 46 3.10 -3.20 15.01
CA ARG A 46 3.72 -1.87 15.01
C ARG A 46 5.26 -1.86 14.90
N SER A 47 5.89 -2.97 15.21
CA SER A 47 7.34 -3.05 15.13
C SER A 47 7.82 -3.13 13.66
N VAL A 48 6.91 -3.45 12.76
CA VAL A 48 7.25 -3.48 11.35
C VAL A 48 7.43 -2.05 10.87
N ASN A 49 8.63 -1.72 10.49
CA ASN A 49 8.97 -0.39 10.07
C ASN A 49 9.21 -0.31 8.57
N TYR A 50 9.46 0.89 8.08
CA TYR A 50 9.57 1.20 6.62
C TYR A 50 10.64 0.36 5.94
N THR A 51 11.73 0.14 6.62
CA THR A 51 12.82 -0.62 6.09
C THR A 51 12.44 -2.11 5.95
N ASP A 52 11.47 -2.56 6.75
CA ASP A 52 11.08 -3.96 6.76
C ASP A 52 10.24 -4.26 5.54
N LEU A 53 9.40 -3.29 5.14
CA LEU A 53 8.55 -3.49 3.97
C LEU A 53 9.40 -3.49 2.70
N LYS A 54 10.48 -2.71 2.73
CA LYS A 54 11.41 -2.66 1.61
C LYS A 54 12.24 -3.91 1.56
N GLU A 55 12.52 -4.46 2.74
CA GLU A 55 13.31 -5.68 2.90
C GLU A 55 12.60 -6.87 2.23
N LYS A 56 11.35 -6.70 1.91
CA LYS A 56 10.52 -7.73 1.35
C LYS A 56 10.60 -7.79 -0.18
N PHE A 57 11.72 -7.34 -0.77
CA PHE A 57 11.95 -7.52 -2.22
C PHE A 57 11.84 -9.01 -2.53
N SER A 58 10.82 -9.37 -3.26
CA SER A 58 10.54 -10.73 -3.56
C SER A 58 11.06 -11.12 -4.96
N THR A 59 10.60 -12.28 -5.43
CA THR A 59 10.95 -12.85 -6.71
C THR A 59 10.82 -11.83 -7.87
N GLU A 60 9.65 -11.21 -8.02
CA GLU A 60 9.51 -10.18 -9.02
C GLU A 60 9.59 -8.85 -8.34
N LYS A 61 8.53 -8.55 -7.64
CA LYS A 61 8.39 -7.39 -6.84
C LYS A 61 7.09 -7.57 -6.10
N PRO A 62 6.96 -7.08 -4.86
CA PRO A 62 5.72 -7.20 -4.13
C PRO A 62 4.51 -6.47 -4.76
N CYS A 63 3.43 -6.67 -4.14
CA CYS A 63 2.15 -6.12 -4.41
C CYS A 63 1.93 -4.99 -3.39
N TYR A 64 0.80 -4.31 -3.37
CA TYR A 64 0.71 -3.12 -2.61
C TYR A 64 0.32 -3.40 -1.19
N VAL A 65 1.06 -2.72 -0.35
CA VAL A 65 1.06 -2.86 1.07
C VAL A 65 0.33 -1.70 1.71
N ALA A 66 -0.56 -2.02 2.61
CA ALA A 66 -1.18 -1.03 3.42
C ALA A 66 -0.26 -0.82 4.60
N PHE A 67 0.16 0.41 4.84
CA PHE A 67 1.10 0.63 5.90
C PHE A 67 0.81 1.93 6.64
N ASP A 68 0.97 1.88 7.94
CA ASP A 68 0.82 3.03 8.84
C ASP A 68 2.09 3.85 8.87
N PHE A 69 2.01 5.06 8.41
CA PHE A 69 3.15 5.92 8.32
C PHE A 69 3.10 6.96 9.43
N GLU A 70 4.13 7.01 10.22
CA GLU A 70 4.22 7.97 11.29
C GLU A 70 5.44 8.81 11.07
N TYR A 71 5.32 10.08 11.33
CA TYR A 71 6.44 10.96 11.17
C TYR A 71 6.26 12.13 12.12
N ASN A 72 7.22 13.01 12.15
CA ASN A 72 7.12 14.19 12.97
C ASN A 72 6.20 15.19 12.31
N ASP A 73 4.98 15.17 12.73
CA ASP A 73 3.91 15.98 12.20
C ASP A 73 3.67 17.12 13.17
N ALA A 74 4.21 18.29 12.82
CA ALA A 74 4.04 19.53 13.59
C ALA A 74 4.69 19.47 14.98
N GLY A 75 5.60 18.54 15.16
CA GLY A 75 6.27 18.39 16.44
C GLY A 75 5.72 17.22 17.25
N SER A 76 4.76 16.53 16.69
CA SER A 76 4.20 15.36 17.32
C SER A 76 4.25 14.20 16.35
N LYS A 77 4.33 13.00 16.84
CA LYS A 77 4.28 11.86 15.94
C LYS A 77 2.85 11.52 15.64
N ARG A 78 2.44 11.78 14.43
CA ARG A 78 1.08 11.50 14.00
C ARG A 78 1.15 10.58 12.81
N GLU A 79 0.09 9.81 12.60
CA GLU A 79 0.06 8.85 11.54
C GLU A 79 -0.63 9.34 10.29
N LYS A 80 -0.35 8.64 9.23
CA LYS A 80 -0.94 8.78 7.91
C LYS A 80 -0.98 7.37 7.35
N LEU A 81 -1.98 7.03 6.63
CA LEU A 81 -2.11 5.69 6.13
C LEU A 81 -1.72 5.65 4.67
N ILE A 82 -0.68 4.94 4.34
CA ILE A 82 -0.20 4.91 2.98
C ILE A 82 -0.43 3.56 2.32
N LEU A 83 -0.75 3.60 1.04
CA LEU A 83 -0.98 2.39 0.28
C LEU A 83 0.17 2.27 -0.73
N ILE A 84 1.15 1.43 -0.41
CA ILE A 84 2.37 1.31 -1.20
C ILE A 84 2.18 0.41 -2.40
N GLN A 85 2.00 1.00 -3.53
CA GLN A 85 1.86 0.32 -4.77
C GLN A 85 3.18 0.17 -5.46
N TRP A 86 3.71 -1.00 -5.39
CA TRP A 86 4.92 -1.36 -6.10
C TRP A 86 4.53 -1.67 -7.55
N ILE A 87 5.08 -0.94 -8.48
CA ILE A 87 4.81 -1.18 -9.89
C ILE A 87 6.09 -1.70 -10.58
N PRO A 88 6.21 -3.02 -10.78
CA PRO A 88 7.37 -3.63 -11.41
C PRO A 88 7.25 -3.72 -12.93
N ASP A 89 8.21 -3.16 -13.63
CA ASP A 89 8.21 -3.30 -15.08
C ASP A 89 8.75 -4.66 -15.51
N THR A 90 9.51 -5.26 -14.62
CA THR A 90 10.26 -6.47 -14.93
C THR A 90 9.50 -7.74 -14.58
N ALA A 91 8.22 -7.61 -14.42
CA ALA A 91 7.37 -8.72 -14.09
C ALA A 91 6.64 -9.16 -15.34
N ARG A 92 5.86 -10.23 -15.24
CA ARG A 92 5.06 -10.68 -16.38
C ARG A 92 4.01 -9.63 -16.66
N PRO A 93 3.60 -9.45 -17.95
CA PRO A 93 2.53 -8.52 -18.34
C PRO A 93 1.32 -8.61 -17.41
N ARG A 94 0.98 -9.83 -17.03
CA ARG A 94 -0.12 -10.11 -16.11
C ARG A 94 0.02 -9.34 -14.79
N GLU A 95 1.21 -9.39 -14.20
CA GLU A 95 1.50 -8.79 -12.90
C GLU A 95 1.46 -7.30 -13.07
N LYS A 96 2.19 -6.84 -14.09
CA LYS A 96 2.34 -5.42 -14.41
C LYS A 96 0.97 -4.75 -14.54
N MET A 97 0.12 -5.35 -15.36
CA MET A 97 -1.21 -4.78 -15.60
C MET A 97 -2.13 -5.01 -14.42
N MET A 98 -1.98 -6.14 -13.73
CA MET A 98 -2.86 -6.48 -12.60
C MET A 98 -2.62 -5.51 -11.47
N TYR A 99 -1.36 -5.17 -11.25
CA TYR A 99 -1.00 -4.20 -10.25
C TYR A 99 -1.49 -2.81 -10.62
N SER A 100 -1.33 -2.46 -11.88
CA SER A 100 -1.73 -1.15 -12.37
C SER A 100 -3.27 -0.99 -12.41
N ALA A 101 -3.98 -2.07 -12.71
CA ALA A 101 -5.44 -2.03 -12.79
C ALA A 101 -6.16 -2.14 -11.44
N SER A 102 -5.76 -3.09 -10.60
CA SER A 102 -6.50 -3.39 -9.37
C SER A 102 -6.31 -2.35 -8.26
N ARG A 103 -5.35 -1.46 -8.47
CA ARG A 103 -5.06 -0.42 -7.49
C ARG A 103 -6.27 0.49 -7.29
N ASP A 104 -7.05 0.70 -8.34
CA ASP A 104 -8.23 1.57 -8.28
C ASP A 104 -9.23 1.03 -7.29
N ALA A 105 -9.50 -0.25 -7.39
CA ALA A 105 -10.42 -0.93 -6.49
C ALA A 105 -9.98 -0.77 -5.04
N LEU A 106 -8.72 -1.11 -4.77
CA LEU A 106 -8.21 -1.05 -3.41
C LEU A 106 -8.16 0.39 -2.88
N SER A 107 -7.87 1.35 -3.75
CA SER A 107 -7.81 2.75 -3.34
C SER A 107 -9.21 3.33 -3.07
N SER A 108 -10.21 2.68 -3.62
CA SER A 108 -11.57 3.14 -3.43
C SER A 108 -12.12 2.61 -2.10
N VAL A 109 -11.76 1.40 -1.77
CA VAL A 109 -12.22 0.79 -0.54
C VAL A 109 -11.39 1.17 0.67
N SER A 110 -10.11 1.47 0.48
CA SER A 110 -9.26 1.85 1.58
C SER A 110 -9.44 3.34 1.92
N GLU A 111 -10.44 3.60 2.71
CA GLU A 111 -10.77 4.92 3.14
C GLU A 111 -9.73 5.43 4.15
N GLY A 112 -9.09 6.52 3.80
CA GLY A 112 -8.11 7.14 4.67
C GLY A 112 -6.69 6.93 4.20
N TYR A 113 -6.53 6.28 3.07
CA TYR A 113 -5.21 5.95 2.58
C TYR A 113 -4.74 6.90 1.50
N LEU A 114 -3.45 7.15 1.49
CA LEU A 114 -2.81 7.95 0.50
C LEU A 114 -2.35 7.02 -0.60
N PRO A 115 -2.83 7.23 -1.83
CA PRO A 115 -2.37 6.43 -2.94
C PRO A 115 -0.95 6.84 -3.31
N ILE A 116 -0.03 5.93 -3.16
CA ILE A 116 1.35 6.23 -3.42
C ILE A 116 1.96 5.14 -4.30
N GLN A 117 2.36 5.54 -5.47
CA GLN A 117 2.94 4.65 -6.45
C GLN A 117 4.44 4.65 -6.28
N ALA A 118 5.03 3.49 -6.30
CA ALA A 118 6.45 3.36 -6.19
C ALA A 118 6.89 2.25 -7.12
N ASN A 119 7.80 2.55 -7.98
CA ASN A 119 8.30 1.54 -8.90
C ASN A 119 9.54 0.92 -8.31
N ASP A 120 10.37 1.76 -7.76
CA ASP A 120 11.61 1.33 -7.14
C ASP A 120 11.81 2.20 -5.89
N GLU A 121 13.01 2.21 -5.33
CA GLU A 121 13.35 3.01 -4.14
C GLU A 121 13.12 4.50 -4.36
N SER A 122 13.08 4.89 -5.61
CA SER A 122 12.76 6.23 -6.01
C SER A 122 11.38 6.67 -5.47
N GLY A 123 10.52 5.70 -5.19
CA GLY A 123 9.26 5.97 -4.57
C GLY A 123 9.30 5.54 -3.11
N LEU A 124 10.11 4.54 -2.82
CA LEU A 124 10.20 3.99 -1.49
C LEU A 124 11.43 4.43 -0.71
N ASP A 125 11.29 5.56 -0.07
CA ASP A 125 12.27 6.12 0.84
C ASP A 125 11.47 6.94 1.82
N ALA A 126 11.72 6.79 3.11
CA ALA A 126 10.92 7.45 4.15
C ALA A 126 10.83 8.97 3.97
N GLU A 127 11.94 9.60 3.63
CA GLU A 127 11.99 11.05 3.48
C GLU A 127 11.17 11.47 2.26
N GLU A 128 11.24 10.65 1.23
CA GLU A 128 10.50 10.88 0.01
C GLU A 128 9.01 10.67 0.27
N ILE A 129 8.68 9.68 1.10
CA ILE A 129 7.29 9.43 1.44
C ILE A 129 6.71 10.64 2.17
N ILE A 130 7.47 11.17 3.15
CA ILE A 130 7.08 12.39 3.89
C ILE A 130 6.75 13.52 2.91
N ARG A 131 7.58 13.65 1.90
CA ARG A 131 7.45 14.69 0.88
C ARG A 131 6.06 14.68 0.21
N LYS A 132 5.60 13.51 -0.26
CA LYS A 132 4.27 13.47 -0.87
C LYS A 132 3.16 13.56 0.17
N VAL A 133 3.41 13.01 1.35
CA VAL A 133 2.46 13.10 2.47
C VAL A 133 2.10 14.55 2.77
N ARG A 134 3.12 15.38 2.87
CA ARG A 134 2.94 16.80 3.20
C ARG A 134 2.14 17.53 2.12
N LEU A 135 2.53 17.34 0.89
CA LEU A 135 1.91 18.02 -0.23
C LEU A 135 0.47 17.53 -0.48
N HIS A 136 0.31 16.23 -0.51
CA HIS A 136 -0.94 15.61 -0.87
C HIS A 136 -1.92 15.54 0.30
N ARG A 137 -1.50 15.01 1.43
CA ARG A 137 -2.45 14.77 2.50
C ARG A 137 -2.51 15.91 3.50
N SER A 138 -1.35 16.29 4.02
CA SER A 138 -1.24 17.27 5.08
C SER A 138 -1.96 18.58 4.76
N VAL A 139 -1.61 19.18 3.63
CA VAL A 139 -2.19 20.46 3.23
C VAL A 139 -3.69 20.30 2.87
N ALA A 140 -4.04 19.19 2.23
CA ALA A 140 -5.43 18.93 1.83
C ALA A 140 -6.32 18.84 3.05
N ALA A 141 -5.89 18.06 4.02
CA ALA A 141 -6.64 17.85 5.25
C ALA A 141 -6.59 19.09 6.14
N ALA A 142 -5.66 19.98 5.84
CA ALA A 142 -5.53 21.22 6.56
C ALA A 142 -6.58 22.22 6.07
N LEU A 143 -6.42 22.71 4.84
CA LEU A 143 -7.38 23.68 4.31
C LEU A 143 -7.31 23.71 2.78
N GLU A 144 -6.93 22.61 2.20
CA GLU A 144 -6.87 22.50 0.74
C GLU A 144 -7.70 21.32 0.27
N MET A 1 -10.53 -21.81 -17.11
CA MET A 1 -11.32 -20.84 -16.37
C MET A 1 -10.44 -19.73 -15.84
N ALA A 2 -10.34 -18.68 -16.59
CA ALA A 2 -9.62 -17.50 -16.19
C ALA A 2 -10.59 -16.57 -15.51
N ILE A 3 -10.51 -16.49 -14.21
CA ILE A 3 -11.45 -15.72 -13.43
C ILE A 3 -10.70 -14.47 -12.94
N SER A 4 -9.97 -13.88 -13.85
CA SER A 4 -9.20 -12.70 -13.55
C SER A 4 -10.11 -11.46 -13.48
N GLY A 5 -10.72 -11.28 -12.34
CA GLY A 5 -11.57 -10.17 -12.08
C GLY A 5 -11.28 -9.65 -10.71
N VAL A 6 -10.25 -8.83 -10.62
CA VAL A 6 -9.70 -8.33 -9.36
C VAL A 6 -10.74 -7.68 -8.45
N THR A 7 -10.98 -8.34 -7.33
CA THR A 7 -11.90 -7.90 -6.32
C THR A 7 -11.19 -8.00 -4.93
N LEU A 8 -11.64 -7.26 -3.94
CA LEU A 8 -11.10 -7.43 -2.60
C LEU A 8 -11.95 -8.44 -1.87
N GLU A 9 -11.33 -9.26 -1.06
CA GLU A 9 -12.11 -10.10 -0.19
C GLU A 9 -12.35 -9.34 1.10
N GLU A 10 -13.33 -9.76 1.88
CA GLU A 10 -13.70 -9.06 3.11
C GLU A 10 -12.52 -9.00 4.08
N SER A 11 -11.71 -10.05 4.07
CA SER A 11 -10.53 -10.17 4.92
C SER A 11 -9.56 -8.99 4.70
N VAL A 12 -9.43 -8.56 3.44
CA VAL A 12 -8.54 -7.46 3.11
C VAL A 12 -9.09 -6.18 3.67
N ARG A 13 -10.39 -6.01 3.55
CA ARG A 13 -11.04 -4.81 4.06
C ARG A 13 -10.95 -4.76 5.58
N GLY A 14 -11.01 -5.93 6.20
CA GLY A 14 -10.84 -6.03 7.62
C GLY A 14 -9.44 -5.62 8.04
N ALA A 15 -8.45 -6.07 7.28
CA ALA A 15 -7.05 -5.71 7.52
C ALA A 15 -6.83 -4.20 7.30
N ILE A 16 -7.52 -3.64 6.30
CA ILE A 16 -7.46 -2.20 6.05
C ILE A 16 -7.99 -1.45 7.27
N ASP A 17 -9.09 -1.93 7.82
CA ASP A 17 -9.71 -1.37 9.02
C ASP A 17 -8.80 -1.55 10.23
N ASP A 18 -8.15 -2.67 10.26
CA ASP A 18 -7.22 -3.04 11.33
C ASP A 18 -6.06 -2.04 11.37
N LEU A 19 -5.56 -1.70 10.20
CA LEU A 19 -4.48 -0.72 10.04
C LEU A 19 -5.00 0.69 10.39
N ARG A 20 -6.25 0.99 10.00
CA ARG A 20 -6.90 2.26 10.35
C ARG A 20 -6.98 2.43 11.87
N MET A 21 -7.34 1.35 12.54
CA MET A 21 -7.43 1.35 14.00
C MET A 21 -6.09 1.12 14.68
N LYS A 22 -5.05 1.09 13.86
CA LYS A 22 -3.64 1.05 14.27
C LYS A 22 -3.29 -0.24 15.01
N LYS A 23 -3.96 -1.31 14.68
CA LYS A 23 -3.65 -2.59 15.28
C LYS A 23 -2.50 -3.22 14.52
N SER A 24 -2.54 -3.11 13.21
CA SER A 24 -1.43 -3.51 12.39
C SER A 24 -0.66 -2.25 11.96
N ARG A 25 0.41 -2.44 11.23
CA ARG A 25 1.21 -1.32 10.77
C ARG A 25 1.32 -1.40 9.26
N TYR A 26 1.44 -2.61 8.74
CA TYR A 26 1.48 -2.78 7.32
C TYR A 26 0.67 -4.00 6.95
N VAL A 27 0.06 -3.93 5.81
CA VAL A 27 -0.67 -5.02 5.23
C VAL A 27 -0.22 -5.10 3.79
N MET A 28 0.41 -6.17 3.42
CA MET A 28 0.85 -6.33 2.05
C MET A 28 -0.09 -7.24 1.35
N MET A 29 -0.63 -6.79 0.26
CA MET A 29 -1.55 -7.56 -0.49
C MET A 29 -0.94 -7.95 -1.79
N CYS A 30 -1.45 -8.98 -2.35
CA CYS A 30 -1.07 -9.47 -3.64
C CYS A 30 -2.30 -10.19 -4.15
N ILE A 31 -2.33 -10.51 -5.40
CA ILE A 31 -3.51 -11.13 -5.98
C ILE A 31 -3.34 -12.64 -5.89
N GLY A 32 -4.45 -13.35 -5.87
CA GLY A 32 -4.40 -14.80 -5.90
C GLY A 32 -3.78 -15.32 -7.19
N ALA A 33 -3.47 -16.60 -7.23
CA ALA A 33 -2.75 -17.23 -8.33
C ALA A 33 -3.42 -17.10 -9.72
N ASP A 34 -4.72 -16.96 -9.77
CA ASP A 34 -5.41 -16.86 -11.06
C ASP A 34 -5.78 -15.41 -11.39
N GLY A 35 -5.71 -14.56 -10.40
CA GLY A 35 -6.04 -13.16 -10.60
C GLY A 35 -7.47 -12.84 -10.21
N LYS A 36 -8.00 -13.64 -9.32
CA LYS A 36 -9.38 -13.48 -8.86
C LYS A 36 -9.50 -12.36 -7.84
N LYS A 37 -8.95 -12.56 -6.67
CA LYS A 37 -9.09 -11.56 -5.66
C LYS A 37 -7.78 -11.21 -5.02
N ILE A 38 -7.73 -10.02 -4.49
CA ILE A 38 -6.60 -9.54 -3.78
C ILE A 38 -6.71 -10.07 -2.38
N GLU A 39 -5.64 -10.58 -1.86
CA GLU A 39 -5.64 -11.16 -0.57
C GLU A 39 -4.48 -10.66 0.25
N VAL A 40 -4.67 -10.71 1.55
CA VAL A 40 -3.64 -10.34 2.48
C VAL A 40 -2.56 -11.40 2.39
N THR A 41 -1.42 -11.00 1.96
CA THR A 41 -0.32 -11.88 1.78
C THR A 41 0.48 -11.97 3.08
N GLU A 42 0.66 -10.83 3.70
CA GLU A 42 1.36 -10.74 4.95
C GLU A 42 0.93 -9.48 5.68
N VAL A 43 0.80 -9.57 6.98
CA VAL A 43 0.37 -8.46 7.78
C VAL A 43 1.11 -8.44 9.11
N GLY A 44 1.67 -7.31 9.42
CA GLY A 44 2.46 -7.15 10.61
C GLY A 44 2.08 -5.90 11.34
N GLU A 45 2.49 -5.82 12.56
CA GLU A 45 2.10 -4.71 13.39
C GLU A 45 3.26 -3.74 13.66
N ARG A 46 3.17 -3.00 14.76
CA ARG A 46 4.04 -1.87 15.03
C ARG A 46 5.53 -2.21 15.27
N SER A 47 5.86 -3.48 15.34
CA SER A 47 7.25 -3.89 15.48
C SER A 47 7.99 -3.77 14.14
N VAL A 48 7.24 -3.80 13.05
CA VAL A 48 7.84 -3.75 11.72
C VAL A 48 8.23 -2.33 11.38
N ASN A 49 9.50 -2.16 11.08
CA ASN A 49 10.05 -0.86 10.78
C ASN A 49 10.11 -0.64 9.25
N TYR A 50 10.27 0.61 8.84
CA TYR A 50 10.33 1.02 7.44
C TYR A 50 11.39 0.25 6.67
N THR A 51 12.62 0.30 7.17
CA THR A 51 13.73 -0.38 6.52
C THR A 51 13.52 -1.90 6.47
N ASP A 52 12.71 -2.43 7.39
CA ASP A 52 12.51 -3.87 7.47
C ASP A 52 11.73 -4.39 6.27
N LEU A 53 10.65 -3.72 5.93
CA LEU A 53 9.86 -4.18 4.80
C LEU A 53 10.58 -3.94 3.46
N LYS A 54 11.52 -3.02 3.49
CA LYS A 54 12.31 -2.70 2.31
C LYS A 54 13.42 -3.72 2.11
N GLU A 55 13.94 -4.26 3.21
CA GLU A 55 14.99 -5.27 3.14
C GLU A 55 14.39 -6.63 2.83
N LYS A 56 13.07 -6.73 2.99
CA LYS A 56 12.31 -7.92 2.66
C LYS A 56 11.95 -7.90 1.18
N PHE A 57 12.40 -6.86 0.45
CA PHE A 57 12.09 -6.70 -0.95
C PHE A 57 12.43 -7.92 -1.81
N SER A 58 11.39 -8.60 -2.20
CA SER A 58 11.39 -9.63 -3.23
C SER A 58 9.95 -9.58 -3.70
N THR A 59 9.62 -8.41 -4.09
CA THR A 59 8.31 -7.98 -4.40
C THR A 59 7.94 -8.13 -5.88
N GLU A 60 8.80 -8.77 -6.69
CA GLU A 60 8.63 -8.81 -8.18
C GLU A 60 7.26 -9.33 -8.77
N LYS A 61 6.31 -9.63 -7.92
CA LYS A 61 4.90 -9.74 -8.32
C LYS A 61 4.15 -8.69 -7.48
N PRO A 62 4.39 -7.40 -7.77
CA PRO A 62 4.01 -6.32 -6.90
C PRO A 62 2.59 -5.88 -7.00
N CYS A 63 2.03 -5.80 -5.85
CA CYS A 63 0.75 -5.28 -5.62
C CYS A 63 0.99 -4.20 -4.57
N TYR A 64 0.00 -3.48 -4.16
CA TYR A 64 0.20 -2.38 -3.37
C TYR A 64 0.15 -2.76 -1.91
N VAL A 65 0.95 -2.07 -1.15
CA VAL A 65 1.12 -2.30 0.25
C VAL A 65 0.44 -1.20 1.02
N ALA A 66 -0.33 -1.57 1.98
CA ALA A 66 -0.98 -0.64 2.86
C ALA A 66 -0.09 -0.47 4.06
N PHE A 67 0.41 0.71 4.26
CA PHE A 67 1.29 0.96 5.36
C PHE A 67 0.91 2.22 6.09
N ASP A 68 0.97 2.15 7.39
CA ASP A 68 0.74 3.30 8.25
C ASP A 68 2.07 4.00 8.46
N PHE A 69 2.15 5.21 8.02
CA PHE A 69 3.38 5.95 8.02
C PHE A 69 3.31 7.05 9.05
N GLU A 70 4.31 7.14 9.89
CA GLU A 70 4.32 8.19 10.86
C GLU A 70 5.39 9.19 10.51
N TYR A 71 5.14 10.40 10.84
CA TYR A 71 6.08 11.46 10.64
C TYR A 71 5.98 12.39 11.81
N ASN A 72 7.10 12.94 12.21
CA ASN A 72 7.07 13.90 13.28
C ASN A 72 6.58 15.21 12.74
N ASP A 73 5.63 15.79 13.38
CA ASP A 73 5.05 17.03 12.94
C ASP A 73 4.69 17.84 14.15
N ALA A 74 5.25 19.04 14.25
CA ALA A 74 5.05 19.97 15.37
C ALA A 74 5.58 19.41 16.69
N GLY A 75 6.42 18.39 16.58
CA GLY A 75 6.97 17.75 17.75
C GLY A 75 6.16 16.55 18.21
N SER A 76 5.09 16.27 17.50
CA SER A 76 4.23 15.15 17.83
C SER A 76 4.32 14.07 16.73
N LYS A 77 3.92 12.85 17.05
CA LYS A 77 3.95 11.78 16.07
C LYS A 77 2.64 11.78 15.33
N ARG A 78 2.68 11.99 14.07
CA ARG A 78 1.49 11.95 13.26
C ARG A 78 1.50 10.69 12.45
N GLU A 79 0.41 9.97 12.44
CA GLU A 79 0.32 8.72 11.72
C GLU A 79 -0.70 8.84 10.59
N LYS A 80 -0.26 8.62 9.39
CA LYS A 80 -1.11 8.71 8.23
C LYS A 80 -0.94 7.46 7.40
N LEU A 81 -2.00 7.05 6.79
CA LEU A 81 -2.02 5.84 6.04
C LEU A 81 -1.57 6.11 4.61
N ILE A 82 -0.70 5.26 4.09
CA ILE A 82 -0.23 5.42 2.74
C ILE A 82 -0.41 4.10 1.96
N LEU A 83 -0.79 4.22 0.70
CA LEU A 83 -0.95 3.07 -0.17
C LEU A 83 0.13 3.05 -1.19
N ILE A 84 1.11 2.18 -1.02
CA ILE A 84 2.16 2.06 -2.00
C ILE A 84 1.62 1.29 -3.18
N GLN A 85 1.25 1.98 -4.19
CA GLN A 85 0.72 1.45 -5.39
C GLN A 85 1.84 1.26 -6.39
N TRP A 86 2.25 0.05 -6.59
CA TRP A 86 3.26 -0.25 -7.56
C TRP A 86 2.74 -0.24 -8.99
N ILE A 87 3.59 0.26 -9.84
CA ILE A 87 3.47 0.14 -11.27
C ILE A 87 4.63 -0.79 -11.60
N PRO A 88 4.39 -2.10 -11.66
CA PRO A 88 5.50 -3.05 -11.67
C PRO A 88 6.36 -3.04 -12.92
N ASP A 89 7.62 -2.73 -12.72
CA ASP A 89 8.63 -2.85 -13.73
C ASP A 89 9.18 -4.28 -13.81
N THR A 90 9.53 -4.81 -12.66
CA THR A 90 10.23 -6.09 -12.52
C THR A 90 9.30 -7.28 -12.45
N ALA A 91 8.08 -7.09 -12.84
CA ALA A 91 7.13 -8.13 -12.78
C ALA A 91 7.03 -8.87 -14.10
N ARG A 92 6.23 -9.89 -14.12
CA ARG A 92 6.06 -10.73 -15.28
C ARG A 92 4.87 -10.16 -16.08
N PRO A 93 4.68 -10.52 -17.37
CA PRO A 93 3.65 -9.90 -18.25
C PRO A 93 2.27 -9.64 -17.62
N ARG A 94 1.63 -10.66 -17.02
CA ARG A 94 0.31 -10.43 -16.45
C ARG A 94 0.42 -9.66 -15.13
N GLU A 95 1.52 -9.89 -14.41
CA GLU A 95 1.77 -9.28 -13.10
C GLU A 95 1.90 -7.78 -13.27
N LYS A 96 2.57 -7.35 -14.32
CA LYS A 96 2.75 -5.94 -14.58
C LYS A 96 1.41 -5.28 -14.90
N MET A 97 0.71 -5.85 -15.86
CA MET A 97 -0.52 -5.24 -16.36
C MET A 97 -1.70 -5.35 -15.41
N MET A 98 -1.94 -6.54 -14.88
CA MET A 98 -3.14 -6.76 -14.09
C MET A 98 -3.01 -6.13 -12.72
N TYR A 99 -1.83 -6.25 -12.12
CA TYR A 99 -1.58 -5.70 -10.80
C TYR A 99 -1.51 -4.19 -10.86
N SER A 100 -1.19 -3.64 -12.02
CA SER A 100 -1.19 -2.20 -12.18
C SER A 100 -2.66 -1.69 -12.15
N ALA A 101 -3.54 -2.42 -12.83
CA ALA A 101 -4.97 -2.05 -12.94
C ALA A 101 -5.82 -2.49 -11.73
N SER A 102 -5.22 -3.16 -10.77
CA SER A 102 -5.94 -3.72 -9.60
C SER A 102 -6.44 -2.64 -8.64
N ARG A 103 -5.89 -1.46 -8.76
CA ARG A 103 -6.14 -0.34 -7.86
C ARG A 103 -7.57 0.15 -7.92
N ASP A 104 -8.25 -0.18 -8.99
CA ASP A 104 -9.64 0.20 -9.20
C ASP A 104 -10.51 -0.26 -8.03
N ALA A 105 -10.36 -1.51 -7.66
CA ALA A 105 -11.15 -2.09 -6.57
C ALA A 105 -10.71 -1.59 -5.19
N LEU A 106 -9.46 -1.15 -5.11
CA LEU A 106 -8.88 -0.75 -3.83
C LEU A 106 -9.13 0.75 -3.54
N SER A 107 -9.55 1.48 -4.55
CA SER A 107 -9.74 2.93 -4.46
C SER A 107 -10.75 3.36 -3.37
N SER A 108 -11.96 2.81 -3.43
CA SER A 108 -13.06 3.26 -2.59
C SER A 108 -13.12 2.52 -1.23
N VAL A 109 -12.23 1.57 -1.04
CA VAL A 109 -12.21 0.83 0.22
C VAL A 109 -11.12 1.32 1.15
N SER A 110 -10.10 1.90 0.59
CA SER A 110 -9.00 2.40 1.38
C SER A 110 -9.24 3.83 1.88
N GLU A 111 -9.95 3.95 2.98
CA GLU A 111 -10.18 5.23 3.61
C GLU A 111 -8.93 5.74 4.34
N GLY A 112 -8.52 6.94 4.04
CA GLY A 112 -7.46 7.59 4.82
C GLY A 112 -6.08 7.36 4.28
N TYR A 113 -5.98 6.73 3.15
CA TYR A 113 -4.70 6.44 2.57
C TYR A 113 -4.29 7.48 1.56
N LEU A 114 -3.02 7.74 1.51
CA LEU A 114 -2.45 8.61 0.53
C LEU A 114 -2.09 7.70 -0.63
N PRO A 115 -2.68 7.91 -1.82
CA PRO A 115 -2.31 7.13 -2.97
C PRO A 115 -0.93 7.57 -3.45
N ILE A 116 0.01 6.69 -3.37
CA ILE A 116 1.36 6.98 -3.74
C ILE A 116 1.87 5.89 -4.67
N GLN A 117 2.35 6.30 -5.81
CA GLN A 117 2.74 5.36 -6.84
C GLN A 117 4.22 5.06 -6.75
N ALA A 118 4.53 3.80 -6.75
CA ALA A 118 5.88 3.36 -6.74
C ALA A 118 6.14 2.66 -8.06
N ASN A 119 7.13 3.08 -8.77
CA ASN A 119 7.47 2.47 -10.05
C ASN A 119 8.64 1.53 -9.82
N ASP A 120 9.34 1.80 -8.77
CA ASP A 120 10.54 1.09 -8.37
C ASP A 120 10.51 0.97 -6.85
N GLU A 121 11.49 0.28 -6.27
CA GLU A 121 11.61 0.09 -4.82
C GLU A 121 11.87 1.48 -4.17
N SER A 122 12.38 2.37 -4.98
CA SER A 122 12.69 3.73 -4.60
C SER A 122 11.40 4.52 -4.27
N GLY A 123 10.26 4.03 -4.75
CA GLY A 123 9.00 4.67 -4.47
C GLY A 123 8.53 4.38 -3.06
N LEU A 124 9.15 3.40 -2.44
CA LEU A 124 8.82 3.02 -1.09
C LEU A 124 9.88 3.60 -0.16
N ASP A 125 10.49 4.67 -0.60
CA ASP A 125 11.51 5.35 0.19
C ASP A 125 10.85 6.34 1.14
N ALA A 126 11.00 6.06 2.42
CA ALA A 126 10.38 6.81 3.50
C ALA A 126 10.67 8.29 3.42
N GLU A 127 11.89 8.63 3.02
CA GLU A 127 12.33 10.03 2.93
C GLU A 127 11.40 10.82 2.02
N GLU A 128 11.15 10.29 0.84
CA GLU A 128 10.27 10.94 -0.11
C GLU A 128 8.83 10.88 0.35
N ILE A 129 8.46 9.80 1.01
CA ILE A 129 7.10 9.63 1.50
C ILE A 129 6.78 10.71 2.55
N ILE A 130 7.79 11.12 3.33
CA ILE A 130 7.61 12.21 4.31
C ILE A 130 7.16 13.48 3.58
N ARG A 131 7.76 13.72 2.43
CA ARG A 131 7.43 14.88 1.60
C ARG A 131 5.99 14.73 1.08
N LYS A 132 5.68 13.52 0.61
CA LYS A 132 4.37 13.19 0.06
C LYS A 132 3.30 13.41 1.12
N VAL A 133 3.50 12.83 2.29
CA VAL A 133 2.53 12.93 3.36
C VAL A 133 2.37 14.36 3.88
N ARG A 134 3.47 15.10 3.94
CA ARG A 134 3.41 16.50 4.35
C ARG A 134 2.63 17.35 3.37
N LEU A 135 2.93 17.20 2.12
CA LEU A 135 2.31 18.05 1.13
C LEU A 135 0.88 17.59 0.78
N HIS A 136 0.74 16.32 0.49
CA HIS A 136 -0.54 15.79 0.02
C HIS A 136 -1.51 15.41 1.15
N ARG A 137 -1.07 14.61 2.10
CA ARG A 137 -2.04 14.02 3.02
C ARG A 137 -2.33 14.88 4.22
N SER A 138 -1.37 15.68 4.63
CA SER A 138 -1.56 16.55 5.80
C SER A 138 -2.71 17.55 5.58
N VAL A 139 -2.91 17.97 4.33
CA VAL A 139 -3.98 18.90 4.03
C VAL A 139 -5.26 18.12 3.64
N ALA A 140 -5.09 16.87 3.20
CA ALA A 140 -6.21 16.04 2.80
C ALA A 140 -6.96 15.50 4.02
N ALA A 141 -6.21 15.23 5.09
CA ALA A 141 -6.81 14.73 6.32
C ALA A 141 -7.51 15.86 7.05
N ALA A 142 -6.87 17.00 7.11
CA ALA A 142 -7.41 18.17 7.71
C ALA A 142 -6.88 19.36 6.97
N LEU A 143 -7.76 20.23 6.55
CA LEU A 143 -7.35 21.41 5.81
C LEU A 143 -6.59 22.36 6.71
N GLU A 144 -5.29 22.36 6.55
CA GLU A 144 -4.41 23.26 7.25
C GLU A 144 -4.28 24.58 6.51
N MET A 1 -4.39 -14.47 -15.69
CA MET A 1 -4.27 -15.72 -16.43
C MET A 1 -5.57 -16.06 -17.16
N ALA A 2 -6.65 -16.13 -16.41
CA ALA A 2 -7.93 -16.48 -17.00
C ALA A 2 -8.97 -15.45 -16.67
N ILE A 3 -9.34 -15.35 -15.42
CA ILE A 3 -10.40 -14.45 -15.06
C ILE A 3 -9.81 -13.23 -14.38
N SER A 4 -9.54 -12.23 -15.16
CA SER A 4 -9.00 -11.03 -14.64
C SER A 4 -10.13 -10.12 -14.16
N GLY A 5 -10.27 -10.05 -12.87
CA GLY A 5 -11.29 -9.25 -12.25
C GLY A 5 -11.01 -9.15 -10.79
N VAL A 6 -10.10 -8.28 -10.44
CA VAL A 6 -9.61 -8.16 -9.08
C VAL A 6 -10.71 -7.79 -8.08
N THR A 7 -10.92 -8.68 -7.16
CA THR A 7 -11.92 -8.50 -6.16
C THR A 7 -11.26 -8.29 -4.76
N LEU A 8 -11.90 -7.49 -3.93
CA LEU A 8 -11.46 -7.26 -2.56
C LEU A 8 -12.20 -8.26 -1.67
N GLU A 9 -11.48 -9.10 -0.94
CA GLU A 9 -12.14 -10.12 -0.13
C GLU A 9 -12.41 -9.65 1.31
N GLU A 10 -13.14 -10.49 2.04
CA GLU A 10 -13.57 -10.24 3.43
C GLU A 10 -12.36 -10.00 4.34
N SER A 11 -11.38 -10.86 4.25
CA SER A 11 -10.18 -10.78 5.06
C SER A 11 -9.42 -9.46 4.81
N VAL A 12 -9.38 -9.04 3.56
CA VAL A 12 -8.69 -7.81 3.17
C VAL A 12 -9.38 -6.58 3.73
N ARG A 13 -10.69 -6.52 3.58
CA ARG A 13 -11.46 -5.36 4.05
C ARG A 13 -11.30 -5.17 5.56
N GLY A 14 -11.29 -6.27 6.29
CA GLY A 14 -11.11 -6.21 7.72
C GLY A 14 -9.72 -5.75 8.11
N ALA A 15 -8.72 -6.21 7.38
CA ALA A 15 -7.33 -5.85 7.66
C ALA A 15 -7.05 -4.38 7.36
N ILE A 16 -7.63 -3.89 6.27
CA ILE A 16 -7.48 -2.49 5.86
C ILE A 16 -8.03 -1.57 6.95
N ASP A 17 -9.17 -1.95 7.50
CA ASP A 17 -9.81 -1.15 8.52
C ASP A 17 -9.11 -1.31 9.86
N ASP A 18 -8.46 -2.45 10.05
CA ASP A 18 -7.73 -2.75 11.29
C ASP A 18 -6.53 -1.83 11.44
N LEU A 19 -5.92 -1.51 10.32
CA LEU A 19 -4.78 -0.63 10.30
C LEU A 19 -5.19 0.81 10.70
N ARG A 20 -6.44 1.15 10.41
CA ARG A 20 -7.01 2.45 10.80
C ARG A 20 -7.08 2.53 12.31
N MET A 21 -7.38 1.39 12.92
CA MET A 21 -7.51 1.27 14.37
C MET A 21 -6.14 1.15 15.00
N LYS A 22 -5.14 1.06 14.12
CA LYS A 22 -3.75 0.99 14.47
C LYS A 22 -3.44 -0.26 15.29
N LYS A 23 -4.07 -1.36 14.92
CA LYS A 23 -3.79 -2.63 15.54
C LYS A 23 -2.72 -3.33 14.71
N SER A 24 -2.84 -3.21 13.42
CA SER A 24 -1.83 -3.66 12.51
C SER A 24 -0.88 -2.49 12.20
N ARG A 25 0.14 -2.76 11.42
CA ARG A 25 1.07 -1.72 10.96
C ARG A 25 1.15 -1.72 9.45
N TYR A 26 1.13 -2.90 8.88
CA TYR A 26 1.17 -3.02 7.46
C TYR A 26 0.33 -4.19 7.08
N VAL A 27 -0.31 -4.10 5.96
CA VAL A 27 -1.09 -5.17 5.43
C VAL A 27 -0.52 -5.48 4.06
N MET A 28 0.25 -6.54 3.97
CA MET A 28 0.85 -6.91 2.70
C MET A 28 -0.09 -7.80 1.97
N MET A 29 -0.48 -7.36 0.83
CA MET A 29 -1.47 -8.00 0.06
C MET A 29 -0.93 -8.29 -1.29
N CYS A 30 -1.16 -9.46 -1.74
CA CYS A 30 -0.80 -9.88 -3.04
C CYS A 30 -2.08 -10.27 -3.73
N ILE A 31 -2.06 -10.40 -5.00
CA ILE A 31 -3.25 -10.74 -5.73
C ILE A 31 -3.10 -12.16 -6.23
N GLY A 32 -4.22 -12.86 -6.35
CA GLY A 32 -4.21 -14.16 -6.97
C GLY A 32 -3.65 -14.05 -8.37
N ALA A 33 -2.68 -14.88 -8.68
CA ALA A 33 -1.94 -14.84 -9.94
C ALA A 33 -2.80 -14.95 -11.19
N ASP A 34 -4.00 -15.49 -11.04
CA ASP A 34 -4.93 -15.64 -12.17
C ASP A 34 -5.60 -14.30 -12.47
N GLY A 35 -5.48 -13.39 -11.52
CA GLY A 35 -6.09 -12.09 -11.63
C GLY A 35 -7.39 -12.06 -10.88
N LYS A 36 -7.46 -12.84 -9.82
CA LYS A 36 -8.69 -13.01 -9.07
C LYS A 36 -8.90 -12.02 -7.95
N LYS A 37 -8.34 -12.27 -6.80
CA LYS A 37 -8.62 -11.40 -5.70
C LYS A 37 -7.40 -11.00 -4.93
N ILE A 38 -7.51 -9.89 -4.24
CA ILE A 38 -6.46 -9.41 -3.39
C ILE A 38 -6.57 -10.18 -2.10
N GLU A 39 -5.48 -10.64 -1.59
CA GLU A 39 -5.46 -11.37 -0.37
C GLU A 39 -4.38 -10.87 0.53
N VAL A 40 -4.66 -10.85 1.80
CA VAL A 40 -3.68 -10.45 2.75
C VAL A 40 -2.73 -11.62 2.99
N THR A 41 -1.56 -11.46 2.46
CA THR A 41 -0.55 -12.45 2.54
C THR A 41 -0.01 -12.49 3.97
N GLU A 42 0.33 -11.33 4.49
CA GLU A 42 0.85 -11.21 5.82
C GLU A 42 0.58 -9.82 6.37
N VAL A 43 0.22 -9.77 7.61
CA VAL A 43 -0.10 -8.53 8.27
C VAL A 43 0.69 -8.45 9.59
N GLY A 44 1.38 -7.34 9.78
CA GLY A 44 2.22 -7.19 10.95
C GLY A 44 1.68 -6.15 11.88
N GLU A 45 2.26 -6.06 13.06
CA GLU A 45 1.77 -5.16 14.09
C GLU A 45 2.66 -3.91 14.26
N ARG A 46 2.40 -3.13 15.29
CA ARG A 46 2.98 -1.77 15.47
C ARG A 46 4.52 -1.74 15.66
N SER A 47 5.17 -2.88 15.76
CA SER A 47 6.62 -2.88 15.96
C SER A 47 7.34 -3.01 14.61
N VAL A 48 6.58 -3.12 13.54
CA VAL A 48 7.13 -3.23 12.21
C VAL A 48 7.68 -1.88 11.74
N ASN A 49 8.94 -1.89 11.37
CA ASN A 49 9.60 -0.70 10.88
C ASN A 49 9.65 -0.73 9.35
N TYR A 50 10.01 0.39 8.73
CA TYR A 50 10.03 0.56 7.27
C TYR A 50 10.92 -0.50 6.62
N THR A 51 12.09 -0.73 7.21
CA THR A 51 13.07 -1.67 6.70
C THR A 51 12.51 -3.11 6.62
N ASP A 52 11.54 -3.41 7.48
CA ASP A 52 10.97 -4.75 7.56
C ASP A 52 10.28 -5.13 6.27
N LEU A 53 9.49 -4.24 5.71
CA LEU A 53 8.82 -4.56 4.47
C LEU A 53 9.74 -4.43 3.27
N LYS A 54 10.89 -3.81 3.48
CA LYS A 54 11.86 -3.63 2.42
C LYS A 54 12.68 -4.89 2.22
N GLU A 55 12.91 -5.63 3.29
CA GLU A 55 13.68 -6.87 3.19
C GLU A 55 12.86 -8.00 2.57
N LYS A 56 11.56 -7.77 2.48
CA LYS A 56 10.63 -8.66 1.80
C LYS A 56 10.36 -8.18 0.39
N PHE A 57 11.35 -7.54 -0.20
CA PHE A 57 11.29 -7.09 -1.57
C PHE A 57 11.23 -8.33 -2.47
N SER A 58 10.18 -8.40 -3.26
CA SER A 58 9.92 -9.53 -4.14
C SER A 58 10.93 -9.57 -5.31
N THR A 59 10.86 -10.64 -6.12
CA THR A 59 11.82 -10.87 -7.20
C THR A 59 11.86 -9.72 -8.23
N GLU A 60 10.73 -9.10 -8.49
CA GLU A 60 10.71 -7.94 -9.34
C GLU A 60 10.38 -6.76 -8.44
N LYS A 61 9.18 -6.79 -7.90
CA LYS A 61 8.71 -5.88 -6.87
C LYS A 61 7.40 -6.39 -6.31
N PRO A 62 7.13 -6.10 -5.02
CA PRO A 62 5.89 -6.52 -4.32
C PRO A 62 4.59 -5.96 -4.93
N CYS A 63 3.52 -6.32 -4.30
CA CYS A 63 2.19 -5.94 -4.62
C CYS A 63 1.83 -4.79 -3.64
N TYR A 64 0.62 -4.29 -3.66
CA TYR A 64 0.26 -3.10 -2.98
C TYR A 64 -0.09 -3.41 -1.55
N VAL A 65 0.41 -2.55 -0.70
CA VAL A 65 0.45 -2.76 0.73
C VAL A 65 -0.14 -1.56 1.45
N ALA A 66 -1.00 -1.80 2.38
CA ALA A 66 -1.49 -0.74 3.22
C ALA A 66 -0.48 -0.60 4.35
N PHE A 67 0.25 0.45 4.35
CA PHE A 67 1.26 0.67 5.35
C PHE A 67 1.02 1.99 6.05
N ASP A 68 1.24 1.99 7.31
CA ASP A 68 1.13 3.19 8.11
C ASP A 68 2.53 3.60 8.50
N PHE A 69 2.79 4.88 8.56
CA PHE A 69 4.09 5.34 8.96
C PHE A 69 3.92 6.56 9.85
N GLU A 70 4.79 6.72 10.81
CA GLU A 70 4.74 7.85 11.67
C GLU A 70 5.82 8.84 11.27
N TYR A 71 5.51 10.11 11.35
CA TYR A 71 6.49 11.14 11.09
C TYR A 71 6.06 12.39 11.83
N ASN A 72 6.89 13.40 11.85
CA ASN A 72 6.55 14.63 12.51
C ASN A 72 5.60 15.46 11.64
N ASP A 73 4.39 15.57 12.11
CA ASP A 73 3.33 16.30 11.43
C ASP A 73 2.73 17.28 12.42
N ALA A 74 2.91 18.56 12.14
CA ALA A 74 2.46 19.67 13.01
C ALA A 74 3.22 19.67 14.33
N GLY A 75 4.38 19.04 14.32
CA GLY A 75 5.22 18.95 15.49
C GLY A 75 5.04 17.65 16.25
N SER A 76 3.95 17.00 16.05
CA SER A 76 3.65 15.78 16.74
C SER A 76 3.91 14.59 15.83
N LYS A 77 4.28 13.45 16.37
CA LYS A 77 4.48 12.29 15.53
C LYS A 77 3.15 11.66 15.23
N ARG A 78 2.74 11.78 14.01
CA ARG A 78 1.46 11.30 13.61
C ARG A 78 1.62 10.12 12.71
N GLU A 79 0.68 9.24 12.77
CA GLU A 79 0.67 8.07 11.95
C GLU A 79 -0.20 8.35 10.75
N LYS A 80 0.34 8.10 9.59
CA LYS A 80 -0.36 8.34 8.35
C LYS A 80 -0.46 7.06 7.57
N LEU A 81 -1.60 6.89 6.94
CA LEU A 81 -1.89 5.72 6.16
C LEU A 81 -1.49 5.96 4.72
N ILE A 82 -0.60 5.16 4.23
CA ILE A 82 -0.18 5.25 2.87
C ILE A 82 -0.45 3.94 2.16
N LEU A 83 -1.03 4.03 1.02
CA LEU A 83 -1.35 2.85 0.29
C LEU A 83 -0.29 2.70 -0.77
N ILE A 84 0.49 1.67 -0.65
CA ILE A 84 1.58 1.43 -1.58
C ILE A 84 1.04 0.77 -2.83
N GLN A 85 1.55 1.19 -3.96
CA GLN A 85 1.27 0.67 -5.26
C GLN A 85 2.60 0.49 -5.95
N TRP A 86 3.09 -0.69 -6.01
CA TRP A 86 4.21 -0.97 -6.86
C TRP A 86 3.71 -1.10 -8.28
N ILE A 87 4.12 -0.19 -9.12
CA ILE A 87 3.75 -0.19 -10.51
C ILE A 87 4.93 -0.78 -11.28
N PRO A 88 4.89 -2.06 -11.62
CA PRO A 88 6.00 -2.68 -12.26
C PRO A 88 5.95 -2.56 -13.78
N ASP A 89 6.98 -1.99 -14.33
CA ASP A 89 7.13 -1.88 -15.77
C ASP A 89 7.69 -3.17 -16.34
N THR A 90 8.53 -3.80 -15.56
CA THR A 90 9.33 -4.90 -16.04
C THR A 90 8.91 -6.25 -15.45
N ALA A 91 7.69 -6.33 -14.97
CA ALA A 91 7.22 -7.55 -14.37
C ALA A 91 6.50 -8.41 -15.39
N ARG A 92 6.07 -9.56 -14.94
CA ARG A 92 5.29 -10.47 -15.77
C ARG A 92 3.97 -9.79 -16.13
N PRO A 93 3.46 -9.97 -17.37
CA PRO A 93 2.21 -9.34 -17.88
C PRO A 93 1.05 -9.36 -16.87
N ARG A 94 0.86 -10.50 -16.20
CA ARG A 94 -0.22 -10.66 -15.23
C ARG A 94 -0.09 -9.66 -14.08
N GLU A 95 1.15 -9.41 -13.64
CA GLU A 95 1.41 -8.48 -12.55
C GLU A 95 1.10 -7.09 -13.05
N LYS A 96 1.68 -6.79 -14.21
CA LYS A 96 1.56 -5.48 -14.83
C LYS A 96 0.10 -5.04 -14.97
N MET A 97 -0.71 -5.91 -15.56
CA MET A 97 -2.10 -5.58 -15.82
C MET A 97 -2.95 -5.61 -14.56
N MET A 98 -2.72 -6.59 -13.71
CA MET A 98 -3.59 -6.75 -12.55
C MET A 98 -3.30 -5.72 -11.47
N TYR A 99 -2.05 -5.28 -11.38
CA TYR A 99 -1.72 -4.23 -10.43
C TYR A 99 -2.37 -2.93 -10.91
N SER A 100 -2.27 -2.66 -12.21
CA SER A 100 -2.87 -1.47 -12.80
C SER A 100 -4.39 -1.42 -12.55
N ALA A 101 -5.02 -2.58 -12.54
CA ALA A 101 -6.45 -2.68 -12.33
C ALA A 101 -6.82 -2.58 -10.85
N SER A 102 -5.97 -3.05 -9.99
CA SER A 102 -6.28 -3.13 -8.57
C SER A 102 -6.13 -1.81 -7.82
N ARG A 103 -5.31 -0.88 -8.36
CA ARG A 103 -5.10 0.42 -7.69
C ARG A 103 -6.40 1.14 -7.43
N ASP A 104 -7.29 1.10 -8.38
CA ASP A 104 -8.57 1.80 -8.27
C ASP A 104 -9.50 1.08 -7.31
N ALA A 105 -9.53 -0.24 -7.42
CA ALA A 105 -10.41 -1.06 -6.59
C ALA A 105 -10.03 -0.99 -5.11
N LEU A 106 -8.74 -1.11 -4.82
CA LEU A 106 -8.25 -1.11 -3.44
C LEU A 106 -8.48 0.25 -2.78
N SER A 107 -8.48 1.30 -3.59
CA SER A 107 -8.71 2.65 -3.10
C SER A 107 -10.13 2.85 -2.57
N SER A 108 -11.06 1.99 -2.98
CA SER A 108 -12.42 2.10 -2.52
C SER A 108 -12.51 1.78 -1.01
N VAL A 109 -11.88 0.69 -0.61
CA VAL A 109 -11.91 0.27 0.78
C VAL A 109 -10.85 0.99 1.62
N SER A 110 -9.73 1.34 1.00
CA SER A 110 -8.63 1.97 1.71
C SER A 110 -8.88 3.47 1.97
N GLU A 111 -9.77 3.76 2.88
CA GLU A 111 -10.10 5.11 3.28
C GLU A 111 -8.98 5.75 4.11
N GLY A 112 -8.63 6.98 3.78
CA GLY A 112 -7.66 7.73 4.56
C GLY A 112 -6.23 7.46 4.15
N TYR A 113 -6.07 6.62 3.16
CA TYR A 113 -4.75 6.28 2.67
C TYR A 113 -4.34 7.20 1.56
N LEU A 114 -3.10 7.59 1.54
CA LEU A 114 -2.58 8.36 0.48
C LEU A 114 -2.00 7.40 -0.51
N PRO A 115 -2.54 7.33 -1.73
CA PRO A 115 -2.03 6.43 -2.75
C PRO A 115 -0.65 6.89 -3.20
N ILE A 116 0.31 6.06 -2.95
CA ILE A 116 1.67 6.36 -3.27
C ILE A 116 2.24 5.27 -4.18
N GLN A 117 2.63 5.67 -5.36
CA GLN A 117 3.13 4.72 -6.32
C GLN A 117 4.63 4.60 -6.22
N ALA A 118 5.10 3.40 -6.38
CA ALA A 118 6.48 3.09 -6.43
C ALA A 118 6.70 2.24 -7.65
N ASN A 119 7.57 2.64 -8.49
CA ASN A 119 7.90 1.92 -9.71
C ASN A 119 9.19 1.18 -9.50
N ASP A 120 9.93 1.67 -8.54
CA ASP A 120 11.20 1.14 -8.17
C ASP A 120 11.24 1.10 -6.66
N GLU A 121 12.19 0.38 -6.10
CA GLU A 121 12.37 0.27 -4.66
C GLU A 121 12.63 1.66 -4.03
N SER A 122 13.16 2.58 -4.83
CA SER A 122 13.47 3.92 -4.38
C SER A 122 12.21 4.75 -4.06
N GLY A 123 11.04 4.28 -4.56
CA GLY A 123 9.81 4.94 -4.28
C GLY A 123 9.41 4.72 -2.85
N LEU A 124 9.94 3.67 -2.26
CA LEU A 124 9.71 3.42 -0.88
C LEU A 124 10.95 3.75 -0.09
N ASP A 125 11.09 5.00 0.19
CA ASP A 125 12.14 5.57 0.99
C ASP A 125 11.48 6.51 1.94
N ALA A 126 11.90 6.53 3.19
CA ALA A 126 11.26 7.34 4.23
C ALA A 126 11.07 8.79 3.81
N GLU A 127 12.15 9.44 3.39
CA GLU A 127 12.07 10.85 3.00
C GLU A 127 11.29 11.04 1.69
N GLU A 128 11.40 10.07 0.80
CA GLU A 128 10.67 10.08 -0.46
C GLU A 128 9.16 10.06 -0.16
N ILE A 129 8.80 9.23 0.81
CA ILE A 129 7.43 9.11 1.27
C ILE A 129 7.00 10.40 1.97
N ILE A 130 7.80 10.84 2.95
CA ILE A 130 7.50 12.05 3.74
C ILE A 130 7.21 13.27 2.87
N ARG A 131 8.01 13.47 1.82
CA ARG A 131 7.83 14.59 0.91
C ARG A 131 6.46 14.50 0.22
N LYS A 132 6.15 13.32 -0.29
CA LYS A 132 4.91 13.09 -1.02
C LYS A 132 3.70 13.18 -0.09
N VAL A 133 3.90 12.80 1.14
CA VAL A 133 2.89 12.92 2.15
C VAL A 133 2.67 14.41 2.46
N ARG A 134 3.75 15.15 2.68
CA ARG A 134 3.69 16.58 2.97
C ARG A 134 3.08 17.38 1.82
N LEU A 135 3.19 16.87 0.60
CA LEU A 135 2.51 17.49 -0.56
C LEU A 135 1.00 17.47 -0.32
N HIS A 136 0.52 16.33 0.15
CA HIS A 136 -0.89 16.12 0.41
C HIS A 136 -1.32 16.74 1.73
N ARG A 137 -0.37 16.91 2.63
CA ARG A 137 -0.66 17.56 3.90
C ARG A 137 -0.83 19.05 3.68
N SER A 138 -0.22 19.53 2.62
CA SER A 138 -0.30 20.92 2.19
C SER A 138 -1.25 21.03 1.00
N VAL A 139 -2.10 20.01 0.80
CA VAL A 139 -2.95 19.90 -0.38
C VAL A 139 -3.82 21.14 -0.62
N ALA A 140 -4.21 21.83 0.45
CA ALA A 140 -5.01 23.05 0.32
C ALA A 140 -4.23 24.11 -0.45
N ALA A 141 -2.95 24.21 -0.16
CA ALA A 141 -2.09 25.16 -0.82
C ALA A 141 -1.71 24.65 -2.23
N ALA A 142 -1.45 23.37 -2.32
CA ALA A 142 -0.99 22.77 -3.55
C ALA A 142 -2.12 22.58 -4.58
N LEU A 143 -3.05 21.68 -4.31
CA LEU A 143 -4.12 21.38 -5.26
C LEU A 143 -5.45 21.51 -4.58
N GLU A 144 -6.11 22.59 -4.79
CA GLU A 144 -7.42 22.81 -4.21
C GLU A 144 -8.45 22.97 -5.32
N MET A 1 -3.98 -15.10 -16.98
CA MET A 1 -4.94 -14.05 -16.67
C MET A 1 -6.03 -14.02 -17.71
N ALA A 2 -7.11 -14.70 -17.44
CA ALA A 2 -8.22 -14.73 -18.35
C ALA A 2 -9.43 -14.08 -17.71
N ILE A 3 -9.35 -13.81 -16.44
CA ILE A 3 -10.43 -13.17 -15.74
C ILE A 3 -10.06 -11.72 -15.47
N SER A 4 -10.98 -10.86 -15.67
CA SER A 4 -10.82 -9.49 -15.32
C SER A 4 -12.05 -9.01 -14.59
N GLY A 5 -12.16 -9.50 -13.38
CA GLY A 5 -13.26 -9.18 -12.53
C GLY A 5 -12.81 -9.28 -11.12
N VAL A 6 -11.73 -8.58 -10.84
CA VAL A 6 -11.09 -8.58 -9.56
C VAL A 6 -12.03 -8.16 -8.45
N THR A 7 -12.18 -9.03 -7.51
CA THR A 7 -13.02 -8.78 -6.39
C THR A 7 -12.12 -8.56 -5.16
N LEU A 8 -12.60 -7.81 -4.20
CA LEU A 8 -11.84 -7.49 -3.02
C LEU A 8 -12.44 -8.29 -1.87
N GLU A 9 -11.63 -9.12 -1.22
CA GLU A 9 -12.19 -10.04 -0.24
C GLU A 9 -12.04 -9.61 1.22
N GLU A 10 -12.62 -10.41 2.11
CA GLU A 10 -12.74 -10.09 3.52
C GLU A 10 -11.39 -9.98 4.25
N SER A 11 -10.42 -10.81 3.90
CA SER A 11 -9.15 -10.82 4.61
C SER A 11 -8.47 -9.46 4.45
N VAL A 12 -8.55 -8.90 3.25
CA VAL A 12 -8.02 -7.57 2.99
C VAL A 12 -8.83 -6.54 3.76
N ARG A 13 -10.16 -6.62 3.67
CA ARG A 13 -11.06 -5.65 4.32
C ARG A 13 -10.84 -5.62 5.84
N GLY A 14 -10.77 -6.80 6.43
CA GLY A 14 -10.57 -6.93 7.85
C GLY A 14 -9.22 -6.41 8.28
N ALA A 15 -8.24 -6.54 7.41
CA ALA A 15 -6.90 -6.07 7.68
C ALA A 15 -6.82 -4.54 7.58
N ILE A 16 -7.52 -3.98 6.59
CA ILE A 16 -7.61 -2.52 6.42
C ILE A 16 -8.26 -1.91 7.65
N ASP A 17 -9.36 -2.53 8.05
CA ASP A 17 -10.12 -2.13 9.23
C ASP A 17 -9.26 -2.17 10.47
N ASP A 18 -8.49 -3.23 10.58
CA ASP A 18 -7.58 -3.47 11.69
C ASP A 18 -6.51 -2.40 11.76
N LEU A 19 -5.98 -2.05 10.59
CA LEU A 19 -4.94 -1.05 10.44
C LEU A 19 -5.48 0.32 10.86
N ARG A 20 -6.75 0.58 10.59
CA ARG A 20 -7.37 1.85 10.98
C ARG A 20 -7.31 2.04 12.50
N MET A 21 -7.37 0.94 13.24
CA MET A 21 -7.30 0.98 14.70
C MET A 21 -5.85 0.85 15.15
N LYS A 22 -4.96 0.67 14.19
CA LYS A 22 -3.52 0.53 14.38
C LYS A 22 -3.13 -0.67 15.21
N LYS A 23 -3.89 -1.73 15.07
CA LYS A 23 -3.55 -2.98 15.71
C LYS A 23 -2.44 -3.60 14.87
N SER A 24 -2.63 -3.57 13.58
CA SER A 24 -1.62 -3.96 12.65
C SER A 24 -0.89 -2.72 12.13
N ARG A 25 0.21 -2.92 11.49
CA ARG A 25 1.03 -1.83 11.00
C ARG A 25 1.06 -1.86 9.48
N TYR A 26 1.13 -3.06 8.91
CA TYR A 26 1.17 -3.18 7.47
C TYR A 26 0.37 -4.40 7.01
N VAL A 27 -0.23 -4.28 5.88
CA VAL A 27 -0.96 -5.34 5.23
C VAL A 27 -0.35 -5.57 3.86
N MET A 28 0.37 -6.66 3.70
CA MET A 28 1.00 -6.96 2.42
C MET A 28 0.02 -7.74 1.59
N MET A 29 -0.35 -7.17 0.49
CA MET A 29 -1.36 -7.74 -0.35
C MET A 29 -0.75 -8.42 -1.55
N CYS A 30 -1.57 -9.14 -2.25
CA CYS A 30 -1.21 -9.88 -3.44
C CYS A 30 -2.47 -10.02 -4.28
N ILE A 31 -2.34 -10.35 -5.52
CA ILE A 31 -3.50 -10.47 -6.39
C ILE A 31 -3.43 -11.81 -7.08
N GLY A 32 -4.58 -12.46 -7.23
CA GLY A 32 -4.62 -13.67 -8.00
C GLY A 32 -4.22 -13.38 -9.42
N ALA A 33 -3.15 -14.00 -9.86
CA ALA A 33 -2.53 -13.74 -11.17
C ALA A 33 -3.42 -14.08 -12.36
N ASP A 34 -4.55 -14.74 -12.13
CA ASP A 34 -5.46 -15.01 -13.24
C ASP A 34 -6.44 -13.84 -13.38
N GLY A 35 -6.34 -12.89 -12.44
CA GLY A 35 -7.18 -11.71 -12.45
C GLY A 35 -8.49 -11.93 -11.74
N LYS A 36 -8.48 -12.80 -10.74
CA LYS A 36 -9.72 -13.16 -10.05
C LYS A 36 -10.01 -12.26 -8.83
N LYS A 37 -9.17 -12.29 -7.81
CA LYS A 37 -9.41 -11.44 -6.66
C LYS A 37 -8.14 -11.07 -5.93
N ILE A 38 -8.23 -10.01 -5.14
CA ILE A 38 -7.12 -9.53 -4.36
C ILE A 38 -7.21 -10.16 -2.99
N GLU A 39 -6.09 -10.60 -2.48
CA GLU A 39 -6.05 -11.24 -1.21
C GLU A 39 -4.82 -10.79 -0.45
N VAL A 40 -4.82 -11.00 0.83
CA VAL A 40 -3.70 -10.61 1.66
C VAL A 40 -2.67 -11.74 1.71
N THR A 41 -1.41 -11.39 1.76
CA THR A 41 -0.35 -12.35 1.92
C THR A 41 -0.06 -12.49 3.40
N GLU A 42 0.15 -11.36 4.05
CA GLU A 42 0.55 -11.32 5.43
C GLU A 42 0.20 -9.98 6.02
N VAL A 43 -0.16 -9.97 7.26
CA VAL A 43 -0.46 -8.75 7.96
C VAL A 43 0.42 -8.67 9.20
N GLY A 44 1.19 -7.61 9.29
CA GLY A 44 2.14 -7.49 10.35
C GLY A 44 1.79 -6.40 11.32
N GLU A 45 2.29 -6.52 12.52
CA GLU A 45 1.98 -5.61 13.58
C GLU A 45 3.03 -4.50 13.73
N ARG A 46 2.94 -3.76 14.82
CA ARG A 46 3.69 -2.50 15.07
C ARG A 46 5.21 -2.67 15.02
N SER A 47 5.70 -3.87 15.24
CA SER A 47 7.13 -4.11 15.29
C SER A 47 7.78 -4.10 13.90
N VAL A 48 6.99 -4.11 12.86
CA VAL A 48 7.55 -4.04 11.54
C VAL A 48 7.56 -2.61 11.05
N ASN A 49 8.72 -2.05 11.03
CA ASN A 49 8.92 -0.69 10.63
C ASN A 49 9.46 -0.57 9.22
N TYR A 50 9.67 0.68 8.81
CA TYR A 50 9.99 1.09 7.44
C TYR A 50 11.11 0.26 6.85
N THR A 51 12.21 0.17 7.55
CA THR A 51 13.34 -0.56 7.07
C THR A 51 13.09 -2.09 7.14
N ASP A 52 12.38 -2.53 8.19
CA ASP A 52 12.08 -3.97 8.43
C ASP A 52 11.33 -4.56 7.26
N LEU A 53 10.39 -3.82 6.72
CA LEU A 53 9.63 -4.31 5.60
C LEU A 53 10.39 -4.18 4.28
N LYS A 54 11.32 -3.25 4.21
CA LYS A 54 12.09 -3.05 2.98
C LYS A 54 13.20 -4.07 2.84
N GLU A 55 13.69 -4.59 3.95
CA GLU A 55 14.71 -5.63 3.88
C GLU A 55 14.07 -6.97 3.50
N LYS A 56 12.79 -7.07 3.78
CA LYS A 56 11.99 -8.26 3.53
C LYS A 56 11.30 -8.10 2.14
N PHE A 57 11.93 -7.32 1.29
CA PHE A 57 11.46 -7.01 -0.06
C PHE A 57 11.33 -8.30 -0.93
N SER A 58 10.36 -8.28 -1.84
CA SER A 58 10.05 -9.39 -2.74
C SER A 58 11.21 -9.70 -3.72
N THR A 59 11.02 -10.73 -4.56
CA THR A 59 12.04 -11.13 -5.50
C THR A 59 12.26 -10.06 -6.59
N GLU A 60 11.20 -9.61 -7.25
CA GLU A 60 11.35 -8.53 -8.18
C GLU A 60 10.68 -7.28 -7.63
N LYS A 61 9.36 -7.28 -7.57
CA LYS A 61 8.58 -6.17 -7.04
C LYS A 61 7.29 -6.68 -6.41
N PRO A 62 6.90 -6.13 -5.26
CA PRO A 62 5.68 -6.49 -4.54
C PRO A 62 4.39 -5.92 -5.18
N CYS A 63 3.31 -6.24 -4.54
CA CYS A 63 1.97 -5.75 -4.78
C CYS A 63 1.78 -4.67 -3.70
N TYR A 64 0.62 -4.06 -3.56
CA TYR A 64 0.50 -2.92 -2.75
C TYR A 64 0.31 -3.34 -1.32
N VAL A 65 0.71 -2.46 -0.44
CA VAL A 65 0.75 -2.70 0.95
C VAL A 65 0.07 -1.56 1.69
N ALA A 66 -0.85 -1.88 2.52
CA ALA A 66 -1.46 -0.88 3.36
C ALA A 66 -0.58 -0.74 4.57
N PHE A 67 -0.04 0.41 4.77
CA PHE A 67 0.91 0.62 5.83
C PHE A 67 0.65 1.96 6.53
N ASP A 68 0.80 1.97 7.82
CA ASP A 68 0.69 3.19 8.61
C ASP A 68 2.05 3.82 8.72
N PHE A 69 2.12 5.09 8.49
CA PHE A 69 3.38 5.76 8.52
C PHE A 69 3.37 6.82 9.59
N GLU A 70 4.38 6.83 10.42
CA GLU A 70 4.52 7.80 11.47
C GLU A 70 5.64 8.73 11.08
N TYR A 71 5.34 9.96 10.84
CA TYR A 71 6.33 10.90 10.38
C TYR A 71 6.19 12.20 11.09
N ASN A 72 7.23 12.97 11.06
CA ASN A 72 7.23 14.27 11.66
C ASN A 72 6.63 15.30 10.71
N ASP A 73 5.32 15.41 10.72
CA ASP A 73 4.59 16.35 9.87
C ASP A 73 4.90 17.74 10.35
N ALA A 74 5.80 18.41 9.62
CA ALA A 74 6.27 19.76 9.95
C ALA A 74 7.06 19.73 11.26
N GLY A 75 7.49 18.55 11.65
CA GLY A 75 8.20 18.37 12.89
C GLY A 75 7.33 17.80 14.00
N SER A 76 6.08 17.54 13.70
CA SER A 76 5.18 16.94 14.67
C SER A 76 4.94 15.47 14.31
N LYS A 77 5.30 14.55 15.20
CA LYS A 77 5.09 13.12 14.95
C LYS A 77 3.61 12.81 14.81
N ARG A 78 3.21 12.48 13.62
CA ARG A 78 1.85 12.19 13.30
C ARG A 78 1.77 10.90 12.52
N GLU A 79 0.66 10.21 12.66
CA GLU A 79 0.45 8.97 11.96
C GLU A 79 -0.59 9.11 10.86
N LYS A 80 -0.31 8.51 9.74
CA LYS A 80 -1.20 8.54 8.60
C LYS A 80 -1.19 7.21 7.90
N LEU A 81 -2.32 6.85 7.40
CA LEU A 81 -2.47 5.62 6.68
C LEU A 81 -2.09 5.85 5.24
N ILE A 82 -1.04 5.26 4.80
CA ILE A 82 -0.64 5.43 3.45
C ILE A 82 -0.78 4.15 2.67
N LEU A 83 -1.17 4.26 1.46
CA LEU A 83 -1.42 3.10 0.69
C LEU A 83 -0.36 2.94 -0.32
N ILE A 84 0.52 2.02 -0.07
CA ILE A 84 1.59 1.72 -0.96
C ILE A 84 0.98 1.01 -2.13
N GLN A 85 1.40 1.34 -3.32
CA GLN A 85 0.91 0.73 -4.51
C GLN A 85 2.11 0.51 -5.39
N TRP A 86 2.59 -0.68 -5.42
CA TRP A 86 3.62 -1.03 -6.34
C TRP A 86 3.06 -1.26 -7.71
N ILE A 87 3.58 -0.50 -8.62
CA ILE A 87 3.27 -0.61 -10.01
C ILE A 87 4.58 -1.07 -10.63
N PRO A 88 4.75 -2.37 -10.80
CA PRO A 88 6.00 -2.92 -11.20
C PRO A 88 6.22 -3.00 -12.71
N ASP A 89 7.29 -2.39 -13.15
CA ASP A 89 7.76 -2.52 -14.51
C ASP A 89 8.53 -3.81 -14.66
N THR A 90 9.28 -4.15 -13.60
CA THR A 90 10.14 -5.35 -13.59
C THR A 90 9.29 -6.63 -13.35
N ALA A 91 8.01 -6.51 -13.47
CA ALA A 91 7.13 -7.62 -13.31
C ALA A 91 6.84 -8.21 -14.67
N ARG A 92 6.14 -9.31 -14.67
CA ARG A 92 5.77 -10.02 -15.87
C ARG A 92 4.40 -9.49 -16.35
N PRO A 93 3.99 -9.74 -17.63
CA PRO A 93 2.76 -9.16 -18.25
C PRO A 93 1.52 -9.01 -17.35
N ARG A 94 1.09 -10.06 -16.66
CA ARG A 94 -0.13 -9.94 -15.86
C ARG A 94 0.08 -9.13 -14.60
N GLU A 95 1.20 -9.34 -13.96
CA GLU A 95 1.56 -8.58 -12.79
C GLU A 95 1.87 -7.12 -13.10
N LYS A 96 2.29 -6.79 -14.32
CA LYS A 96 2.49 -5.36 -14.62
C LYS A 96 1.11 -4.70 -14.74
N MET A 97 0.28 -5.26 -15.63
CA MET A 97 -0.98 -4.64 -16.00
C MET A 97 -2.08 -4.78 -14.96
N MET A 98 -2.31 -5.99 -14.50
CA MET A 98 -3.45 -6.23 -13.66
C MET A 98 -3.25 -5.64 -12.29
N TYR A 99 -2.01 -5.60 -11.87
CA TYR A 99 -1.67 -4.98 -10.60
C TYR A 99 -1.81 -3.48 -10.70
N SER A 100 -1.55 -2.93 -11.87
CA SER A 100 -1.76 -1.51 -12.05
C SER A 100 -3.27 -1.18 -12.10
N ALA A 101 -4.04 -2.06 -12.72
CA ALA A 101 -5.47 -1.84 -12.92
C ALA A 101 -6.33 -2.14 -11.70
N SER A 102 -5.89 -3.01 -10.83
CA SER A 102 -6.74 -3.42 -9.71
C SER A 102 -6.69 -2.44 -8.53
N ARG A 103 -5.96 -1.34 -8.68
CA ARG A 103 -5.85 -0.35 -7.63
C ARG A 103 -7.20 0.34 -7.39
N ASP A 104 -8.03 0.35 -8.42
CA ASP A 104 -9.35 0.99 -8.37
C ASP A 104 -10.26 0.32 -7.38
N ALA A 105 -10.28 -1.01 -7.37
CA ALA A 105 -11.19 -1.77 -6.49
C ALA A 105 -10.92 -1.47 -5.02
N LEU A 106 -9.65 -1.38 -4.69
CA LEU A 106 -9.17 -1.17 -3.34
C LEU A 106 -9.56 0.21 -2.78
N SER A 107 -9.99 1.13 -3.64
CA SER A 107 -10.32 2.48 -3.20
C SER A 107 -11.56 2.49 -2.29
N SER A 108 -12.37 1.43 -2.37
CA SER A 108 -13.58 1.34 -1.59
C SER A 108 -13.30 1.04 -0.12
N VAL A 109 -12.23 0.30 0.12
CA VAL A 109 -11.90 -0.12 1.46
C VAL A 109 -10.80 0.75 2.06
N SER A 110 -9.91 1.22 1.21
CA SER A 110 -8.82 2.07 1.67
C SER A 110 -9.27 3.51 2.04
N GLU A 111 -10.00 3.57 3.13
CA GLU A 111 -10.51 4.79 3.68
C GLU A 111 -9.40 5.63 4.31
N GLY A 112 -9.24 6.84 3.81
CA GLY A 112 -8.33 7.79 4.39
C GLY A 112 -6.87 7.48 4.14
N TYR A 113 -6.60 6.70 3.14
CA TYR A 113 -5.23 6.40 2.79
C TYR A 113 -4.77 7.35 1.72
N LEU A 114 -3.48 7.57 1.63
CA LEU A 114 -2.96 8.36 0.57
C LEU A 114 -2.25 7.41 -0.37
N PRO A 115 -2.76 7.24 -1.60
CA PRO A 115 -2.16 6.34 -2.55
C PRO A 115 -0.79 6.83 -2.97
N ILE A 116 0.18 6.05 -2.67
CA ILE A 116 1.53 6.36 -2.99
C ILE A 116 2.10 5.23 -3.84
N GLN A 117 2.48 5.56 -5.04
CA GLN A 117 2.92 4.57 -5.98
C GLN A 117 4.41 4.35 -5.85
N ALA A 118 4.78 3.12 -6.01
CA ALA A 118 6.16 2.74 -6.02
C ALA A 118 6.42 1.90 -7.23
N ASN A 119 7.37 2.29 -8.01
CA ASN A 119 7.77 1.54 -9.19
C ASN A 119 9.08 0.88 -8.90
N ASP A 120 9.85 1.54 -8.08
CA ASP A 120 11.17 1.14 -7.73
C ASP A 120 11.30 1.28 -6.21
N GLU A 121 12.34 0.69 -5.66
CA GLU A 121 12.68 0.76 -4.23
C GLU A 121 12.81 2.22 -3.76
N SER A 122 13.13 3.11 -4.70
CA SER A 122 13.34 4.52 -4.43
C SER A 122 12.03 5.26 -4.10
N GLY A 123 10.89 4.71 -4.54
CA GLY A 123 9.62 5.33 -4.30
C GLY A 123 9.21 5.15 -2.88
N LEU A 124 9.76 4.14 -2.26
CA LEU A 124 9.49 3.90 -0.89
C LEU A 124 10.70 4.28 -0.05
N ASP A 125 10.94 5.55 0.01
CA ASP A 125 12.01 6.12 0.80
C ASP A 125 11.39 7.02 1.82
N ALA A 126 11.79 6.87 3.07
CA ALA A 126 11.18 7.61 4.18
C ALA A 126 11.15 9.12 3.96
N GLU A 127 12.26 9.70 3.53
CA GLU A 127 12.34 11.13 3.33
C GLU A 127 11.43 11.58 2.19
N GLU A 128 11.38 10.76 1.14
CA GLU A 128 10.51 11.01 0.00
C GLU A 128 9.06 10.93 0.43
N ILE A 129 8.74 9.88 1.18
CA ILE A 129 7.39 9.65 1.67
C ILE A 129 6.92 10.82 2.53
N ILE A 130 7.74 11.24 3.49
CA ILE A 130 7.41 12.38 4.35
C ILE A 130 7.12 13.63 3.50
N ARG A 131 7.98 13.83 2.51
CA ARG A 131 7.93 14.99 1.63
C ARG A 131 6.62 15.01 0.82
N LYS A 132 6.31 13.90 0.20
CA LYS A 132 5.11 13.82 -0.61
C LYS A 132 3.84 13.74 0.23
N VAL A 133 3.89 13.02 1.34
CA VAL A 133 2.73 12.89 2.21
C VAL A 133 2.38 14.24 2.84
N ARG A 134 3.39 15.05 3.14
CA ARG A 134 3.16 16.43 3.62
C ARG A 134 2.30 17.21 2.62
N LEU A 135 2.67 17.12 1.37
CA LEU A 135 1.97 17.82 0.30
C LEU A 135 0.57 17.25 0.11
N HIS A 136 0.49 15.94 0.03
CA HIS A 136 -0.79 15.25 -0.20
C HIS A 136 -1.73 15.39 0.98
N ARG A 137 -1.21 15.42 2.19
CA ARG A 137 -2.05 15.57 3.36
C ARG A 137 -2.63 16.97 3.36
N SER A 138 -1.81 17.96 3.05
CA SER A 138 -2.23 19.36 3.08
C SER A 138 -3.44 19.62 2.16
N VAL A 139 -3.46 19.02 0.97
CA VAL A 139 -4.56 19.23 0.05
C VAL A 139 -5.82 18.43 0.47
N ALA A 140 -5.61 17.24 1.00
CA ALA A 140 -6.73 16.37 1.40
C ALA A 140 -7.35 16.86 2.72
N ALA A 141 -6.51 17.22 3.67
CA ALA A 141 -6.94 17.67 5.00
C ALA A 141 -7.75 18.96 4.91
N ALA A 142 -7.52 19.72 3.85
CA ALA A 142 -8.25 20.94 3.61
C ALA A 142 -9.70 20.64 3.24
N LEU A 143 -9.91 19.52 2.57
CA LEU A 143 -11.24 19.09 2.15
C LEU A 143 -11.92 18.35 3.28
N GLU A 144 -11.15 17.54 3.96
CA GLU A 144 -11.60 16.72 5.08
C GLU A 144 -11.92 17.62 6.28
N MET A 1 -5.06 -18.86 -17.08
CA MET A 1 -5.95 -17.72 -17.11
C MET A 1 -5.34 -16.57 -16.35
N ALA A 2 -5.79 -15.39 -16.67
CA ALA A 2 -5.37 -14.19 -16.03
C ALA A 2 -6.59 -13.36 -15.76
N ILE A 3 -7.15 -13.56 -14.59
CA ILE A 3 -8.35 -12.89 -14.20
C ILE A 3 -8.05 -11.43 -13.88
N SER A 4 -8.70 -10.55 -14.59
CA SER A 4 -8.54 -9.13 -14.37
C SER A 4 -9.70 -8.61 -13.52
N GLY A 5 -10.74 -9.44 -13.40
CA GLY A 5 -11.87 -9.12 -12.57
C GLY A 5 -11.60 -9.54 -11.16
N VAL A 6 -10.66 -8.87 -10.55
CA VAL A 6 -10.20 -9.16 -9.21
C VAL A 6 -11.27 -8.79 -8.18
N THR A 7 -11.39 -9.59 -7.17
CA THR A 7 -12.32 -9.38 -6.13
C THR A 7 -11.59 -8.94 -4.84
N LEU A 8 -12.18 -8.02 -4.12
CA LEU A 8 -11.70 -7.59 -2.83
C LEU A 8 -12.40 -8.45 -1.80
N GLU A 9 -11.66 -9.17 -1.01
CA GLU A 9 -12.28 -10.09 -0.08
C GLU A 9 -12.26 -9.61 1.38
N GLU A 10 -12.76 -10.43 2.28
CA GLU A 10 -12.90 -10.05 3.70
C GLU A 10 -11.59 -9.90 4.46
N SER A 11 -10.55 -10.60 4.03
CA SER A 11 -9.29 -10.53 4.73
C SER A 11 -8.67 -9.16 4.52
N VAL A 12 -8.64 -8.71 3.27
CA VAL A 12 -8.09 -7.40 2.95
C VAL A 12 -8.94 -6.29 3.57
N ARG A 13 -10.26 -6.43 3.51
CA ARG A 13 -11.18 -5.45 4.08
C ARG A 13 -11.02 -5.34 5.59
N GLY A 14 -10.84 -6.49 6.23
CA GLY A 14 -10.65 -6.52 7.66
C GLY A 14 -9.32 -5.93 8.05
N ALA A 15 -8.28 -6.23 7.27
CA ALA A 15 -6.95 -5.72 7.51
C ALA A 15 -6.91 -4.19 7.43
N ILE A 16 -7.74 -3.64 6.55
CA ILE A 16 -7.88 -2.19 6.42
C ILE A 16 -8.38 -1.62 7.75
N ASP A 17 -9.30 -2.33 8.40
CA ASP A 17 -9.87 -1.89 9.66
C ASP A 17 -8.86 -2.04 10.79
N ASP A 18 -8.01 -3.05 10.70
CA ASP A 18 -6.92 -3.23 11.68
C ASP A 18 -5.99 -2.03 11.62
N LEU A 19 -5.80 -1.51 10.43
CA LEU A 19 -5.02 -0.32 10.21
C LEU A 19 -5.77 0.93 10.67
N ARG A 20 -7.08 0.95 10.45
CA ARG A 20 -7.91 2.06 10.89
C ARG A 20 -7.91 2.18 12.42
N MET A 21 -8.00 1.04 13.09
CA MET A 21 -7.97 0.97 14.56
C MET A 21 -6.51 1.17 15.06
N LYS A 22 -5.61 1.23 14.10
CA LYS A 22 -4.18 1.53 14.28
C LYS A 22 -3.49 0.45 15.10
N LYS A 23 -3.97 -0.77 14.98
CA LYS A 23 -3.37 -1.90 15.65
C LYS A 23 -2.12 -2.23 14.87
N SER A 24 -2.34 -2.45 13.61
CA SER A 24 -1.35 -2.88 12.71
C SER A 24 -0.56 -1.69 12.17
N ARG A 25 0.45 -2.01 11.44
CA ARG A 25 1.36 -1.06 10.86
C ARG A 25 1.53 -1.35 9.38
N TYR A 26 1.59 -2.63 9.05
CA TYR A 26 1.84 -3.05 7.70
C TYR A 26 0.86 -4.12 7.31
N VAL A 27 0.45 -4.09 6.06
CA VAL A 27 -0.42 -5.06 5.44
C VAL A 27 0.00 -5.17 3.98
N MET A 28 0.60 -6.26 3.63
CA MET A 28 1.06 -6.48 2.29
C MET A 28 -0.01 -7.25 1.55
N MET A 29 -0.55 -6.64 0.54
CA MET A 29 -1.59 -7.26 -0.22
C MET A 29 -1.07 -7.59 -1.58
N CYS A 30 -1.30 -8.78 -1.98
CA CYS A 30 -0.85 -9.28 -3.24
C CYS A 30 -2.06 -9.80 -3.99
N ILE A 31 -2.00 -9.80 -5.29
CA ILE A 31 -3.09 -10.33 -6.07
C ILE A 31 -2.78 -11.77 -6.36
N GLY A 32 -3.76 -12.63 -6.11
CA GLY A 32 -3.62 -14.05 -6.29
C GLY A 32 -3.08 -14.46 -7.64
N ALA A 33 -2.49 -15.64 -7.67
CA ALA A 33 -1.81 -16.20 -8.83
C ALA A 33 -2.70 -16.32 -10.06
N ASP A 34 -3.98 -16.51 -9.86
CA ASP A 34 -4.90 -16.68 -10.99
C ASP A 34 -5.51 -15.33 -11.36
N GLY A 35 -5.35 -14.37 -10.46
CA GLY A 35 -5.88 -13.03 -10.66
C GLY A 35 -7.24 -12.83 -10.00
N LYS A 36 -7.70 -13.87 -9.32
CA LYS A 36 -9.02 -13.88 -8.71
C LYS A 36 -9.23 -12.80 -7.65
N LYS A 37 -8.40 -12.76 -6.64
CA LYS A 37 -8.66 -11.83 -5.56
C LYS A 37 -7.40 -11.28 -4.95
N ILE A 38 -7.54 -10.15 -4.30
CA ILE A 38 -6.46 -9.52 -3.58
C ILE A 38 -6.43 -10.17 -2.21
N GLU A 39 -5.27 -10.59 -1.77
CA GLU A 39 -5.15 -11.26 -0.51
C GLU A 39 -4.01 -10.70 0.32
N VAL A 40 -4.16 -10.77 1.61
CA VAL A 40 -3.14 -10.34 2.54
C VAL A 40 -2.09 -11.43 2.64
N THR A 41 -0.93 -11.17 2.12
CA THR A 41 0.12 -12.15 2.14
C THR A 41 0.95 -12.01 3.42
N GLU A 42 0.92 -10.81 4.03
CA GLU A 42 1.60 -10.52 5.29
C GLU A 42 0.95 -9.35 6.01
N VAL A 43 0.76 -9.49 7.28
CA VAL A 43 0.22 -8.45 8.11
C VAL A 43 1.16 -8.24 9.30
N GLY A 44 1.50 -7.01 9.57
CA GLY A 44 2.44 -6.71 10.61
C GLY A 44 1.94 -5.66 11.55
N GLU A 45 2.33 -5.77 12.79
CA GLU A 45 1.87 -4.87 13.83
C GLU A 45 2.84 -3.70 14.03
N ARG A 46 2.65 -2.94 15.12
CA ARG A 46 3.41 -1.70 15.45
C ARG A 46 4.95 -1.85 15.36
N SER A 47 5.47 -3.06 15.55
CA SER A 47 6.90 -3.25 15.62
C SER A 47 7.54 -3.38 14.21
N VAL A 48 6.74 -3.29 13.19
CA VAL A 48 7.23 -3.34 11.83
C VAL A 48 7.57 -1.94 11.35
N ASN A 49 8.71 -1.79 10.74
CA ASN A 49 9.17 -0.53 10.22
C ASN A 49 9.58 -0.66 8.77
N TYR A 50 9.98 0.45 8.18
CA TYR A 50 10.34 0.54 6.75
C TYR A 50 11.36 -0.51 6.36
N THR A 51 12.38 -0.67 7.20
CA THR A 51 13.47 -1.59 6.93
C THR A 51 12.96 -3.05 6.86
N ASP A 52 11.90 -3.35 7.64
CA ASP A 52 11.31 -4.69 7.69
C ASP A 52 10.67 -5.02 6.39
N LEU A 53 9.93 -4.08 5.84
CA LEU A 53 9.24 -4.33 4.60
C LEU A 53 10.19 -4.37 3.41
N LYS A 54 11.24 -3.56 3.46
CA LYS A 54 12.19 -3.50 2.37
C LYS A 54 12.99 -4.79 2.23
N GLU A 55 13.36 -5.39 3.36
CA GLU A 55 14.15 -6.61 3.34
C GLU A 55 13.37 -7.81 2.81
N LYS A 56 12.06 -7.73 2.83
CA LYS A 56 11.25 -8.86 2.40
C LYS A 56 11.20 -8.93 0.89
N PHE A 57 11.09 -7.79 0.27
CA PHE A 57 10.91 -7.75 -1.16
C PHE A 57 12.17 -7.50 -1.98
N SER A 58 12.66 -8.54 -2.65
CA SER A 58 13.43 -8.38 -3.88
C SER A 58 13.40 -9.66 -4.71
N THR A 59 12.22 -10.22 -5.05
CA THR A 59 12.25 -11.25 -6.05
C THR A 59 11.83 -10.71 -7.46
N GLU A 60 10.58 -10.20 -7.57
CA GLU A 60 10.11 -9.52 -8.77
C GLU A 60 9.32 -8.27 -8.44
N LYS A 61 8.14 -8.50 -7.88
CA LYS A 61 7.13 -7.48 -7.80
C LYS A 61 6.44 -7.42 -6.43
N PRO A 62 6.28 -6.25 -5.89
CA PRO A 62 5.33 -6.03 -4.85
C PRO A 62 3.95 -5.75 -5.48
N CYS A 63 2.99 -5.60 -4.65
CA CYS A 63 1.64 -5.27 -4.99
C CYS A 63 1.29 -4.17 -4.00
N TYR A 64 0.09 -3.65 -3.92
CA TYR A 64 -0.12 -2.44 -3.20
C TYR A 64 -0.28 -2.75 -1.74
N VAL A 65 0.55 -2.06 -1.00
CA VAL A 65 0.76 -2.21 0.40
C VAL A 65 -0.04 -1.20 1.19
N ALA A 66 -0.72 -1.66 2.19
CA ALA A 66 -1.44 -0.80 3.08
C ALA A 66 -0.56 -0.62 4.29
N PHE A 67 -0.01 0.55 4.43
CA PHE A 67 0.94 0.80 5.48
C PHE A 67 0.57 2.05 6.24
N ASP A 68 0.80 2.02 7.52
CA ASP A 68 0.58 3.18 8.37
C ASP A 68 1.90 3.86 8.54
N PHE A 69 2.00 5.03 8.02
CA PHE A 69 3.24 5.77 7.97
C PHE A 69 3.15 6.99 8.86
N GLU A 70 4.19 7.22 9.63
CA GLU A 70 4.23 8.40 10.44
C GLU A 70 5.10 9.43 9.75
N TYR A 71 4.73 10.67 9.84
CA TYR A 71 5.53 11.72 9.27
C TYR A 71 5.59 12.86 10.25
N ASN A 72 6.65 13.60 10.20
CA ASN A 72 6.85 14.70 11.11
C ASN A 72 6.05 15.92 10.66
N ASP A 73 5.22 16.37 11.55
CA ASP A 73 4.42 17.56 11.38
C ASP A 73 4.52 18.33 12.66
N ALA A 74 5.17 19.49 12.58
CA ALA A 74 5.44 20.37 13.73
C ALA A 74 6.40 19.68 14.72
N GLY A 75 7.10 18.66 14.26
CA GLY A 75 8.02 17.92 15.10
C GLY A 75 7.37 16.67 15.66
N SER A 76 6.07 16.64 15.60
CA SER A 76 5.33 15.53 16.09
C SER A 76 5.08 14.56 14.95
N LYS A 77 4.92 13.32 15.24
CA LYS A 77 4.67 12.33 14.23
C LYS A 77 3.20 12.02 14.13
N ARG A 78 2.66 12.12 12.95
CA ARG A 78 1.25 11.84 12.71
C ARG A 78 1.16 10.48 12.03
N GLU A 79 0.13 9.72 12.34
CA GLU A 79 -0.04 8.38 11.77
C GLU A 79 -0.97 8.51 10.58
N LYS A 80 -0.52 8.18 9.40
CA LYS A 80 -1.34 8.27 8.22
C LYS A 80 -1.26 6.99 7.41
N LEU A 81 -2.40 6.47 7.06
CA LEU A 81 -2.49 5.27 6.26
C LEU A 81 -2.26 5.60 4.81
N ILE A 82 -1.32 4.93 4.22
CA ILE A 82 -0.99 5.13 2.84
C ILE A 82 -1.19 3.84 2.07
N LEU A 83 -1.63 3.97 0.84
CA LEU A 83 -1.83 2.82 -0.02
C LEU A 83 -0.76 2.86 -1.07
N ILE A 84 0.24 2.04 -0.88
CA ILE A 84 1.39 2.04 -1.75
C ILE A 84 1.14 1.09 -2.89
N GLN A 85 0.77 1.63 -3.98
CA GLN A 85 0.40 0.92 -5.15
C GLN A 85 1.61 0.73 -6.00
N TRP A 86 2.12 -0.45 -5.97
CA TRP A 86 3.17 -0.81 -6.83
C TRP A 86 2.72 -1.16 -8.22
N ILE A 87 3.42 -0.60 -9.16
CA ILE A 87 3.32 -0.95 -10.54
C ILE A 87 4.76 -1.14 -11.03
N PRO A 88 5.32 -2.32 -10.76
CA PRO A 88 6.71 -2.60 -11.04
C PRO A 88 6.95 -3.15 -12.44
N ASP A 89 7.96 -2.63 -13.09
CA ASP A 89 8.35 -3.07 -14.43
C ASP A 89 9.17 -4.38 -14.34
N THR A 90 9.37 -4.84 -13.14
CA THR A 90 10.13 -6.03 -12.85
C THR A 90 9.18 -7.22 -12.76
N ALA A 91 7.97 -6.97 -13.14
CA ALA A 91 6.92 -7.92 -13.05
C ALA A 91 6.52 -8.42 -14.43
N ARG A 92 5.60 -9.33 -14.44
CA ARG A 92 5.05 -9.88 -15.65
C ARG A 92 4.12 -8.82 -16.26
N PRO A 93 3.91 -8.83 -17.59
CA PRO A 93 3.03 -7.86 -18.27
C PRO A 93 1.66 -7.74 -17.61
N ARG A 94 1.15 -8.87 -17.08
CA ARG A 94 -0.13 -8.90 -16.39
C ARG A 94 -0.11 -7.98 -15.18
N GLU A 95 0.92 -8.10 -14.36
CA GLU A 95 1.01 -7.39 -13.08
C GLU A 95 1.07 -5.92 -13.35
N LYS A 96 1.91 -5.55 -14.29
CA LYS A 96 2.10 -4.17 -14.68
C LYS A 96 0.74 -3.50 -15.05
N MET A 97 -0.02 -4.16 -15.92
CA MET A 97 -1.32 -3.63 -16.35
C MET A 97 -2.39 -3.79 -15.24
N MET A 98 -2.32 -4.92 -14.54
CA MET A 98 -3.26 -5.27 -13.48
C MET A 98 -3.19 -4.29 -12.36
N TYR A 99 -1.98 -3.94 -11.98
CA TYR A 99 -1.75 -3.02 -10.90
C TYR A 99 -2.13 -1.61 -11.29
N SER A 100 -2.01 -1.30 -12.57
CA SER A 100 -2.45 -0.02 -13.07
C SER A 100 -3.99 0.09 -13.00
N ALA A 101 -4.68 -0.94 -13.45
CA ALA A 101 -6.13 -0.90 -13.54
C ALA A 101 -6.83 -1.20 -12.20
N SER A 102 -6.41 -2.26 -11.54
CA SER A 102 -7.11 -2.74 -10.35
C SER A 102 -6.83 -1.92 -9.08
N ARG A 103 -5.94 -0.93 -9.16
CA ARG A 103 -5.68 -0.07 -8.01
C ARG A 103 -6.94 0.75 -7.69
N ASP A 104 -7.72 1.00 -8.73
CA ASP A 104 -9.00 1.71 -8.65
C ASP A 104 -9.97 0.97 -7.73
N ALA A 105 -9.95 -0.35 -7.82
CA ALA A 105 -10.82 -1.19 -7.02
C ALA A 105 -10.43 -1.15 -5.55
N LEU A 106 -9.15 -1.33 -5.27
CA LEU A 106 -8.66 -1.38 -3.88
C LEU A 106 -8.78 -0.02 -3.18
N SER A 107 -8.83 1.04 -3.96
CA SER A 107 -8.97 2.38 -3.41
C SER A 107 -10.33 2.56 -2.70
N SER A 108 -11.31 1.75 -3.10
CA SER A 108 -12.63 1.80 -2.52
C SER A 108 -12.62 1.27 -1.08
N VAL A 109 -11.83 0.25 -0.83
CA VAL A 109 -11.74 -0.33 0.51
C VAL A 109 -10.71 0.39 1.35
N SER A 110 -9.80 1.08 0.70
CA SER A 110 -8.79 1.83 1.38
C SER A 110 -9.34 3.20 1.83
N GLU A 111 -10.20 3.13 2.82
CA GLU A 111 -10.83 4.29 3.38
C GLU A 111 -9.84 5.11 4.22
N GLY A 112 -9.64 6.34 3.82
CA GLY A 112 -8.78 7.25 4.57
C GLY A 112 -7.30 7.09 4.25
N TYR A 113 -7.01 6.49 3.12
CA TYR A 113 -5.63 6.23 2.74
C TYR A 113 -5.14 7.27 1.77
N LEU A 114 -3.85 7.44 1.73
CA LEU A 114 -3.24 8.30 0.78
C LEU A 114 -2.79 7.37 -0.36
N PRO A 115 -3.41 7.43 -1.52
CA PRO A 115 -2.99 6.63 -2.64
C PRO A 115 -1.64 7.13 -3.13
N ILE A 116 -0.64 6.32 -3.02
CA ILE A 116 0.69 6.68 -3.38
C ILE A 116 1.24 5.67 -4.38
N GLN A 117 1.96 6.15 -5.36
CA GLN A 117 2.42 5.34 -6.46
C GLN A 117 3.86 4.92 -6.27
N ALA A 118 4.10 3.63 -6.27
CA ALA A 118 5.43 3.13 -6.22
C ALA A 118 5.70 2.32 -7.48
N ASN A 119 6.73 2.66 -8.18
CA ASN A 119 7.15 1.88 -9.37
C ASN A 119 8.61 1.58 -9.19
N ASP A 120 9.14 2.17 -8.17
CA ASP A 120 10.53 2.15 -7.84
C ASP A 120 10.62 2.06 -6.33
N GLU A 121 11.77 1.61 -5.81
CA GLU A 121 12.01 1.40 -4.37
C GLU A 121 11.65 2.65 -3.52
N SER A 122 11.66 3.80 -4.16
CA SER A 122 11.36 5.08 -3.53
C SER A 122 9.97 5.10 -2.90
N GLY A 123 9.07 4.30 -3.44
CA GLY A 123 7.72 4.24 -2.94
C GLY A 123 7.63 3.46 -1.65
N LEU A 124 8.72 2.80 -1.30
CA LEU A 124 8.82 2.05 -0.07
C LEU A 124 10.03 2.53 0.72
N ASP A 125 10.54 3.70 0.37
CA ASP A 125 11.73 4.21 1.02
C ASP A 125 11.37 5.40 1.89
N ALA A 126 11.82 5.36 3.13
CA ALA A 126 11.48 6.35 4.15
C ALA A 126 11.74 7.78 3.70
N GLU A 127 12.91 8.02 3.11
CA GLU A 127 13.34 9.37 2.69
C GLU A 127 12.29 10.03 1.81
N GLU A 128 11.85 9.31 0.81
CA GLU A 128 10.90 9.81 -0.13
C GLU A 128 9.50 9.92 0.44
N ILE A 129 9.01 8.84 1.03
CA ILE A 129 7.63 8.78 1.52
C ILE A 129 7.32 9.90 2.52
N ILE A 130 8.30 10.26 3.38
CA ILE A 130 8.12 11.36 4.35
C ILE A 130 7.66 12.60 3.62
N ARG A 131 8.40 12.96 2.59
CA ARG A 131 8.12 14.12 1.79
C ARG A 131 6.81 13.98 1.00
N LYS A 132 6.51 12.75 0.56
CA LYS A 132 5.28 12.48 -0.21
C LYS A 132 4.07 12.74 0.66
N VAL A 133 4.04 12.10 1.81
CA VAL A 133 2.91 12.18 2.74
C VAL A 133 2.80 13.59 3.30
N ARG A 134 3.95 14.22 3.51
CA ARG A 134 4.05 15.57 4.01
C ARG A 134 3.22 16.50 3.13
N LEU A 135 3.44 16.46 1.83
CA LEU A 135 2.69 17.32 0.95
C LEU A 135 1.30 16.76 0.64
N HIS A 136 1.25 15.51 0.24
CA HIS A 136 0.03 14.90 -0.29
C HIS A 136 -1.11 14.81 0.70
N ARG A 137 -0.85 14.40 1.93
CA ARG A 137 -1.96 14.24 2.83
C ARG A 137 -2.29 15.54 3.55
N SER A 138 -1.30 16.39 3.72
CA SER A 138 -1.54 17.64 4.40
C SER A 138 -2.41 18.58 3.53
N VAL A 139 -2.18 18.58 2.21
CA VAL A 139 -3.00 19.37 1.33
C VAL A 139 -4.39 18.72 1.20
N ALA A 140 -4.43 17.39 1.34
CA ALA A 140 -5.66 16.64 1.27
C ALA A 140 -6.55 16.92 2.48
N ALA A 141 -5.94 17.29 3.60
CA ALA A 141 -6.69 17.64 4.80
C ALA A 141 -7.58 18.87 4.54
N ALA A 142 -7.15 19.66 3.58
CA ALA A 142 -7.90 20.81 3.18
C ALA A 142 -8.72 20.47 1.93
N LEU A 143 -8.09 19.93 0.93
CA LEU A 143 -8.74 19.68 -0.33
C LEU A 143 -8.80 18.19 -0.67
N GLU A 144 -10.00 17.63 -0.66
CA GLU A 144 -10.23 16.26 -1.13
C GLU A 144 -11.33 16.25 -2.16
N MET A 1 -3.32 -16.11 -15.73
CA MET A 1 -4.37 -15.19 -15.33
C MET A 1 -5.45 -15.14 -16.40
N ALA A 2 -6.46 -15.96 -16.27
CA ALA A 2 -7.54 -15.99 -17.23
C ALA A 2 -8.71 -15.15 -16.78
N ILE A 3 -8.78 -14.89 -15.49
CA ILE A 3 -9.85 -14.11 -14.93
C ILE A 3 -9.44 -12.65 -14.86
N SER A 4 -10.32 -11.80 -15.25
CA SER A 4 -10.10 -10.40 -15.12
C SER A 4 -11.34 -9.77 -14.49
N GLY A 5 -11.36 -9.80 -13.19
CA GLY A 5 -12.45 -9.26 -12.43
C GLY A 5 -12.10 -9.31 -10.99
N VAL A 6 -11.00 -8.65 -10.68
CA VAL A 6 -10.43 -8.64 -9.35
C VAL A 6 -11.39 -8.03 -8.35
N THR A 7 -11.74 -8.79 -7.36
CA THR A 7 -12.66 -8.37 -6.35
C THR A 7 -11.88 -8.12 -5.03
N LEU A 8 -12.46 -7.35 -4.15
CA LEU A 8 -11.88 -7.08 -2.84
C LEU A 8 -12.54 -8.03 -1.87
N GLU A 9 -11.80 -8.86 -1.18
CA GLU A 9 -12.43 -9.75 -0.24
C GLU A 9 -12.53 -9.08 1.12
N GLU A 10 -13.18 -9.76 2.05
CA GLU A 10 -13.39 -9.20 3.37
C GLU A 10 -12.08 -9.06 4.14
N SER A 11 -11.15 -10.00 3.93
CA SER A 11 -9.87 -9.96 4.64
C SER A 11 -9.10 -8.69 4.30
N VAL A 12 -9.33 -8.18 3.09
CA VAL A 12 -8.74 -6.95 2.64
C VAL A 12 -9.33 -5.81 3.45
N ARG A 13 -10.64 -5.72 3.45
CA ARG A 13 -11.35 -4.64 4.13
C ARG A 13 -11.15 -4.70 5.63
N GLY A 14 -11.04 -5.91 6.16
CA GLY A 14 -10.77 -6.12 7.57
C GLY A 14 -9.40 -5.59 7.93
N ALA A 15 -8.41 -5.85 7.09
CA ALA A 15 -7.04 -5.38 7.30
C ALA A 15 -6.98 -3.86 7.15
N ILE A 16 -7.69 -3.34 6.14
CA ILE A 16 -7.79 -1.89 5.89
C ILE A 16 -8.38 -1.17 7.12
N ASP A 17 -9.23 -1.85 7.83
CA ASP A 17 -9.82 -1.31 9.06
C ASP A 17 -8.88 -1.50 10.26
N ASP A 18 -8.21 -2.63 10.28
CA ASP A 18 -7.34 -3.00 11.41
C ASP A 18 -6.14 -2.07 11.53
N LEU A 19 -5.62 -1.63 10.38
CA LEU A 19 -4.51 -0.66 10.34
C LEU A 19 -4.89 0.65 11.04
N ARG A 20 -6.16 1.02 10.93
CA ARG A 20 -6.66 2.28 11.49
C ARG A 20 -6.67 2.22 13.03
N MET A 21 -6.60 1.00 13.54
CA MET A 21 -6.63 0.75 14.97
C MET A 21 -5.22 0.44 15.49
N LYS A 22 -4.21 0.50 14.60
CA LYS A 22 -2.78 0.25 14.96
C LYS A 22 -2.57 -1.14 15.50
N LYS A 23 -3.44 -2.04 15.14
CA LYS A 23 -3.32 -3.40 15.55
C LYS A 23 -2.40 -4.13 14.56
N SER A 24 -2.34 -3.57 13.39
CA SER A 24 -1.43 -3.97 12.38
C SER A 24 -0.58 -2.76 12.02
N ARG A 25 0.28 -2.91 11.05
CA ARG A 25 1.22 -1.88 10.63
C ARG A 25 1.51 -2.05 9.15
N TYR A 26 1.70 -3.28 8.73
CA TYR A 26 2.00 -3.61 7.35
C TYR A 26 1.06 -4.70 6.87
N VAL A 27 0.66 -4.59 5.61
CA VAL A 27 -0.22 -5.55 4.95
C VAL A 27 0.09 -5.52 3.46
N MET A 28 0.71 -6.55 2.95
CA MET A 28 0.95 -6.59 1.51
C MET A 28 -0.09 -7.47 0.87
N MET A 29 -0.75 -6.94 -0.12
CA MET A 29 -1.80 -7.66 -0.77
C MET A 29 -1.46 -7.94 -2.21
N CYS A 30 -1.60 -9.16 -2.57
CA CYS A 30 -1.37 -9.65 -3.89
C CYS A 30 -2.72 -10.19 -4.40
N ILE A 31 -2.84 -10.35 -5.69
CA ILE A 31 -4.05 -10.85 -6.26
C ILE A 31 -3.93 -12.36 -6.40
N GLY A 32 -5.07 -13.06 -6.34
CA GLY A 32 -5.09 -14.48 -6.61
C GLY A 32 -4.46 -14.75 -7.96
N ALA A 33 -3.77 -15.86 -8.07
CA ALA A 33 -2.92 -16.17 -9.23
C ALA A 33 -3.63 -16.15 -10.59
N ASP A 34 -4.92 -16.36 -10.62
CA ASP A 34 -5.61 -16.39 -11.89
C ASP A 34 -6.37 -15.08 -12.15
N GLY A 35 -6.21 -14.12 -11.24
CA GLY A 35 -6.86 -12.83 -11.39
C GLY A 35 -8.21 -12.75 -10.73
N LYS A 36 -8.41 -13.59 -9.72
CA LYS A 36 -9.69 -13.65 -9.00
C LYS A 36 -9.94 -12.42 -8.12
N LYS A 37 -9.22 -12.34 -7.02
CA LYS A 37 -9.45 -11.29 -6.06
C LYS A 37 -8.20 -10.96 -5.28
N ILE A 38 -8.21 -9.83 -4.61
CA ILE A 38 -7.09 -9.40 -3.80
C ILE A 38 -7.21 -10.11 -2.46
N GLU A 39 -6.11 -10.55 -1.93
CA GLU A 39 -6.11 -11.21 -0.66
C GLU A 39 -4.91 -10.79 0.16
N VAL A 40 -4.97 -11.01 1.45
CA VAL A 40 -3.87 -10.67 2.30
C VAL A 40 -2.78 -11.73 2.17
N THR A 41 -1.72 -11.35 1.54
CA THR A 41 -0.62 -12.22 1.32
C THR A 41 0.26 -12.25 2.54
N GLU A 42 0.52 -11.10 3.11
CA GLU A 42 1.35 -11.02 4.27
C GLU A 42 0.92 -9.85 5.12
N VAL A 43 0.81 -10.09 6.39
CA VAL A 43 0.41 -9.09 7.33
C VAL A 43 1.49 -9.01 8.42
N GLY A 44 1.74 -7.83 8.89
CA GLY A 44 2.70 -7.63 9.93
C GLY A 44 2.22 -6.57 10.87
N GLU A 45 2.42 -6.78 12.12
CA GLU A 45 1.98 -5.84 13.10
C GLU A 45 3.09 -4.79 13.41
N ARG A 46 3.05 -4.20 14.60
CA ARG A 46 3.89 -3.04 14.95
C ARG A 46 5.41 -3.32 14.94
N SER A 47 5.82 -4.57 14.84
CA SER A 47 7.23 -4.90 14.81
C SER A 47 7.85 -4.63 13.41
N VAL A 48 7.01 -4.33 12.43
CA VAL A 48 7.49 -4.02 11.10
C VAL A 48 7.89 -2.54 11.04
N ASN A 49 9.15 -2.31 10.81
CA ASN A 49 9.68 -0.97 10.69
C ASN A 49 9.96 -0.70 9.24
N TYR A 50 10.38 0.52 8.94
CA TYR A 50 10.61 0.97 7.57
C TYR A 50 11.72 0.20 6.88
N THR A 51 12.74 -0.14 7.63
CA THR A 51 13.83 -0.86 7.08
C THR A 51 13.41 -2.30 6.73
N ASP A 52 12.47 -2.85 7.53
CA ASP A 52 12.02 -4.24 7.38
C ASP A 52 11.51 -4.51 6.00
N LEU A 53 10.54 -3.73 5.56
CA LEU A 53 9.94 -3.97 4.26
C LEU A 53 10.88 -3.67 3.10
N LYS A 54 11.83 -2.77 3.31
CA LYS A 54 12.76 -2.41 2.25
C LYS A 54 13.84 -3.47 2.06
N GLU A 55 14.55 -3.79 3.16
CA GLU A 55 15.70 -4.69 3.09
C GLU A 55 15.27 -6.13 2.79
N LYS A 56 14.05 -6.44 3.13
CA LYS A 56 13.49 -7.74 2.91
C LYS A 56 13.21 -7.99 1.43
N PHE A 57 12.90 -6.93 0.71
CA PHE A 57 12.48 -7.08 -0.65
C PHE A 57 13.60 -7.25 -1.68
N SER A 58 13.73 -8.47 -2.18
CA SER A 58 14.38 -8.73 -3.46
C SER A 58 13.88 -10.10 -3.99
N THR A 59 12.56 -10.27 -4.16
CA THR A 59 12.11 -11.52 -4.77
C THR A 59 11.87 -11.36 -6.26
N GLU A 60 10.92 -10.53 -6.57
CA GLU A 60 10.59 -10.10 -7.89
C GLU A 60 10.32 -8.63 -7.78
N LYS A 61 9.24 -8.38 -7.09
CA LYS A 61 8.66 -7.11 -6.81
C LYS A 61 7.70 -7.29 -5.66
N PRO A 62 7.37 -6.28 -4.91
CA PRO A 62 6.28 -6.34 -3.99
C PRO A 62 4.96 -6.03 -4.73
N CYS A 63 3.89 -6.35 -4.11
CA CYS A 63 2.59 -5.98 -4.57
C CYS A 63 2.20 -4.80 -3.69
N TYR A 64 1.03 -4.24 -3.82
CA TYR A 64 0.77 -3.06 -3.20
C TYR A 64 0.30 -3.26 -1.77
N VAL A 65 0.94 -2.44 -0.95
CA VAL A 65 0.96 -2.54 0.47
C VAL A 65 0.08 -1.49 1.12
N ALA A 66 -0.71 -1.92 2.05
CA ALA A 66 -1.45 -1.04 2.90
C ALA A 66 -0.60 -0.88 4.13
N PHE A 67 -0.14 0.31 4.39
CA PHE A 67 0.83 0.50 5.45
C PHE A 67 0.45 1.68 6.32
N ASP A 68 0.68 1.53 7.60
CA ASP A 68 0.48 2.59 8.58
C ASP A 68 1.77 3.36 8.73
N PHE A 69 1.74 4.62 8.40
CA PHE A 69 2.93 5.42 8.32
C PHE A 69 2.93 6.52 9.39
N GLU A 70 4.08 6.74 10.02
CA GLU A 70 4.23 7.81 11.00
C GLU A 70 5.27 8.80 10.48
N TYR A 71 5.05 10.08 10.69
CA TYR A 71 5.98 11.11 10.20
C TYR A 71 5.71 12.41 10.93
N ASN A 72 6.59 13.36 10.77
CA ASN A 72 6.46 14.66 11.41
C ASN A 72 5.43 15.52 10.67
N ASP A 73 4.48 16.01 11.40
CA ASP A 73 3.46 16.90 10.89
C ASP A 73 3.11 17.88 11.98
N ALA A 74 3.38 19.15 11.74
CA ALA A 74 3.11 20.25 12.69
C ALA A 74 3.97 20.12 13.97
N GLY A 75 5.07 19.42 13.85
CA GLY A 75 5.98 19.25 14.97
C GLY A 75 5.70 18.01 15.80
N SER A 76 4.78 17.21 15.36
CA SER A 76 4.42 16.01 16.07
C SER A 76 4.40 14.87 15.07
N LYS A 77 4.71 13.68 15.50
CA LYS A 77 4.63 12.56 14.60
C LYS A 77 3.22 12.04 14.57
N ARG A 78 2.59 12.20 13.44
CA ARG A 78 1.24 11.76 13.27
C ARG A 78 1.21 10.55 12.37
N GLU A 79 0.09 9.90 12.35
CA GLU A 79 -0.12 8.72 11.57
C GLU A 79 -0.98 9.02 10.37
N LYS A 80 -0.65 8.42 9.29
CA LYS A 80 -1.43 8.44 8.09
C LYS A 80 -1.26 7.13 7.43
N LEU A 81 -2.32 6.57 7.00
CA LEU A 81 -2.27 5.31 6.38
C LEU A 81 -2.05 5.51 4.91
N ILE A 82 -1.15 4.79 4.37
CA ILE A 82 -0.81 4.96 2.99
C ILE A 82 -1.09 3.69 2.22
N LEU A 83 -1.49 3.86 1.01
CA LEU A 83 -1.78 2.75 0.16
C LEU A 83 -0.75 2.76 -0.94
N ILE A 84 0.25 1.93 -0.80
CA ILE A 84 1.38 1.93 -1.71
C ILE A 84 1.14 0.93 -2.81
N GLN A 85 0.73 1.43 -3.92
CA GLN A 85 0.39 0.67 -5.04
C GLN A 85 1.56 0.58 -6.00
N TRP A 86 2.16 -0.58 -6.05
CA TRP A 86 3.24 -0.83 -6.95
C TRP A 86 2.80 -1.07 -8.36
N ILE A 87 3.53 -0.47 -9.26
CA ILE A 87 3.44 -0.74 -10.66
C ILE A 87 4.81 -1.33 -10.97
N PRO A 88 4.97 -2.63 -10.73
CA PRO A 88 6.28 -3.27 -10.75
C PRO A 88 7.01 -3.21 -12.07
N ASP A 89 8.19 -2.67 -12.03
CA ASP A 89 9.05 -2.63 -13.18
C ASP A 89 9.77 -3.97 -13.37
N THR A 90 9.74 -4.76 -12.34
CA THR A 90 10.59 -5.93 -12.25
C THR A 90 9.75 -7.21 -12.44
N ALA A 91 8.61 -7.03 -13.05
CA ALA A 91 7.69 -8.11 -13.26
C ALA A 91 7.26 -8.14 -14.70
N ARG A 92 6.47 -9.12 -15.03
CA ARG A 92 5.99 -9.30 -16.37
C ARG A 92 4.61 -8.62 -16.47
N PRO A 93 4.10 -8.36 -17.71
CA PRO A 93 2.82 -7.65 -17.96
C PRO A 93 1.69 -7.95 -16.97
N ARG A 94 1.48 -9.21 -16.62
CA ARG A 94 0.39 -9.60 -15.70
C ARG A 94 0.42 -8.82 -14.37
N GLU A 95 1.58 -8.74 -13.76
CA GLU A 95 1.71 -8.09 -12.46
C GLU A 95 1.66 -6.59 -12.63
N LYS A 96 2.15 -6.13 -13.75
CA LYS A 96 2.21 -4.71 -13.97
C LYS A 96 0.81 -4.13 -14.26
N MET A 97 0.13 -4.69 -15.24
CA MET A 97 -1.14 -4.17 -15.69
C MET A 97 -2.30 -4.48 -14.77
N MET A 98 -2.32 -5.69 -14.23
CA MET A 98 -3.48 -6.10 -13.46
C MET A 98 -3.50 -5.38 -12.13
N TYR A 99 -2.33 -5.19 -11.57
CA TYR A 99 -2.19 -4.48 -10.32
C TYR A 99 -2.46 -2.99 -10.48
N SER A 100 -2.27 -2.50 -11.69
CA SER A 100 -2.70 -1.15 -12.01
C SER A 100 -4.25 -1.08 -12.09
N ALA A 101 -4.85 -2.16 -12.54
CA ALA A 101 -6.29 -2.23 -12.76
C ALA A 101 -7.13 -2.44 -11.47
N SER A 102 -6.52 -2.98 -10.45
CA SER A 102 -7.25 -3.28 -9.22
C SER A 102 -7.10 -2.20 -8.12
N ARG A 103 -6.32 -1.17 -8.40
CA ARG A 103 -5.99 -0.20 -7.38
C ARG A 103 -7.10 0.76 -7.04
N ASP A 104 -7.91 1.12 -8.02
CA ASP A 104 -9.01 2.07 -7.78
C ASP A 104 -10.03 1.48 -6.82
N ALA A 105 -10.33 0.22 -7.02
CA ALA A 105 -11.24 -0.49 -6.14
C ALA A 105 -10.68 -0.53 -4.73
N LEU A 106 -9.39 -0.80 -4.62
CA LEU A 106 -8.74 -0.83 -3.33
C LEU A 106 -8.66 0.57 -2.72
N SER A 107 -8.50 1.58 -3.55
CA SER A 107 -8.47 2.95 -3.09
C SER A 107 -9.84 3.37 -2.55
N SER A 108 -10.89 2.73 -3.06
CA SER A 108 -12.24 3.00 -2.64
C SER A 108 -12.44 2.52 -1.19
N VAL A 109 -11.98 1.28 -0.90
CA VAL A 109 -12.10 0.75 0.46
C VAL A 109 -11.10 1.38 1.43
N SER A 110 -10.01 1.87 0.90
CA SER A 110 -8.98 2.46 1.71
C SER A 110 -9.28 3.92 2.08
N GLU A 111 -10.22 4.07 3.00
CA GLU A 111 -10.59 5.35 3.56
C GLU A 111 -9.48 5.85 4.48
N GLY A 112 -9.02 7.07 4.27
CA GLY A 112 -7.98 7.63 5.10
C GLY A 112 -6.59 7.27 4.62
N TYR A 113 -6.53 6.59 3.50
CA TYR A 113 -5.28 6.17 2.92
C TYR A 113 -4.88 7.08 1.82
N LEU A 114 -3.63 7.41 1.76
CA LEU A 114 -3.11 8.21 0.69
C LEU A 114 -2.62 7.27 -0.40
N PRO A 115 -3.23 7.30 -1.59
CA PRO A 115 -2.79 6.46 -2.70
C PRO A 115 -1.45 6.95 -3.20
N ILE A 116 -0.46 6.11 -3.07
CA ILE A 116 0.86 6.45 -3.46
C ILE A 116 1.39 5.32 -4.33
N GLN A 117 2.03 5.68 -5.40
CA GLN A 117 2.47 4.72 -6.37
C GLN A 117 3.95 4.46 -6.26
N ALA A 118 4.30 3.21 -6.36
CA ALA A 118 5.67 2.81 -6.31
C ALA A 118 6.00 2.05 -7.58
N ASN A 119 7.01 2.48 -8.27
CA ASN A 119 7.51 1.77 -9.47
C ASN A 119 8.90 1.30 -9.20
N ASP A 120 9.48 1.85 -8.16
CA ASP A 120 10.85 1.59 -7.77
C ASP A 120 10.86 1.45 -6.25
N GLU A 121 11.99 0.98 -5.68
CA GLU A 121 12.16 0.78 -4.23
C GLU A 121 11.78 2.03 -3.41
N SER A 122 11.96 3.18 -4.03
CA SER A 122 11.71 4.47 -3.43
C SER A 122 10.25 4.65 -2.99
N GLY A 123 9.34 3.93 -3.63
CA GLY A 123 7.94 4.02 -3.28
C GLY A 123 7.64 3.43 -1.91
N LEU A 124 8.55 2.60 -1.43
CA LEU A 124 8.42 2.01 -0.11
C LEU A 124 9.43 2.66 0.84
N ASP A 125 9.96 3.78 0.44
CA ASP A 125 10.97 4.46 1.24
C ASP A 125 10.35 5.59 2.04
N ALA A 126 10.61 5.58 3.34
CA ALA A 126 10.02 6.55 4.26
C ALA A 126 10.31 7.99 3.87
N GLU A 127 11.55 8.28 3.47
CA GLU A 127 11.94 9.64 3.11
C GLU A 127 11.15 10.13 1.92
N GLU A 128 11.02 9.26 0.94
CA GLU A 128 10.32 9.56 -0.28
C GLU A 128 8.81 9.69 0.00
N ILE A 129 8.30 8.83 0.85
CA ILE A 129 6.91 8.87 1.22
C ILE A 129 6.59 10.20 1.93
N ILE A 130 7.44 10.60 2.89
CA ILE A 130 7.25 11.88 3.60
C ILE A 130 7.31 13.04 2.60
N ARG A 131 8.18 12.90 1.61
CA ARG A 131 8.39 13.92 0.57
C ARG A 131 7.07 14.17 -0.19
N LYS A 132 6.41 13.10 -0.57
CA LYS A 132 5.13 13.16 -1.25
C LYS A 132 3.98 13.55 -0.31
N VAL A 133 3.94 12.93 0.86
CA VAL A 133 2.88 13.20 1.85
C VAL A 133 2.91 14.66 2.31
N ARG A 134 4.10 15.25 2.36
CA ARG A 134 4.31 16.66 2.73
C ARG A 134 3.42 17.55 1.87
N LEU A 135 3.43 17.28 0.57
CA LEU A 135 2.70 18.05 -0.43
C LEU A 135 1.20 17.93 -0.18
N HIS A 136 0.77 16.73 0.13
CA HIS A 136 -0.64 16.44 0.38
C HIS A 136 -1.07 17.13 1.68
N ARG A 137 -0.21 17.09 2.68
CA ARG A 137 -0.48 17.70 3.97
C ARG A 137 -0.60 19.20 3.91
N SER A 138 0.09 19.82 2.96
CA SER A 138 -0.03 21.27 2.77
C SER A 138 -1.47 21.65 2.41
N VAL A 139 -2.19 20.69 1.85
CA VAL A 139 -3.57 20.88 1.51
C VAL A 139 -4.46 20.33 2.64
N ALA A 140 -4.18 19.10 3.04
CA ALA A 140 -5.00 18.40 4.03
C ALA A 140 -4.98 19.01 5.43
N ALA A 141 -3.83 19.46 5.88
CA ALA A 141 -3.72 20.03 7.22
C ALA A 141 -4.26 21.45 7.25
N ALA A 142 -3.85 22.23 6.26
CA ALA A 142 -4.23 23.63 6.21
C ALA A 142 -5.68 23.81 5.79
N LEU A 143 -6.05 23.23 4.67
CA LEU A 143 -7.39 23.37 4.16
C LEU A 143 -8.27 22.26 4.69
N GLU A 144 -8.19 21.09 4.06
CA GLU A 144 -8.96 19.91 4.43
C GLU A 144 -8.56 18.78 3.50
N MET A 1 -7.90 -14.48 -17.86
CA MET A 1 -8.99 -13.50 -17.79
C MET A 1 -10.33 -14.25 -17.64
N ALA A 2 -10.44 -15.01 -16.58
CA ALA A 2 -11.61 -15.77 -16.31
C ALA A 2 -12.63 -14.89 -15.62
N ILE A 3 -12.29 -14.43 -14.45
CA ILE A 3 -13.15 -13.53 -13.72
C ILE A 3 -12.33 -12.30 -13.37
N SER A 4 -12.08 -11.49 -14.36
CA SER A 4 -11.32 -10.31 -14.18
C SER A 4 -12.23 -9.16 -13.77
N GLY A 5 -12.27 -8.94 -12.50
CA GLY A 5 -13.08 -7.93 -11.89
C GLY A 5 -12.60 -7.72 -10.50
N VAL A 6 -11.42 -7.15 -10.41
CA VAL A 6 -10.66 -6.96 -9.19
C VAL A 6 -11.48 -6.39 -8.05
N THR A 7 -11.70 -7.22 -7.08
CA THR A 7 -12.40 -6.87 -5.88
C THR A 7 -11.57 -7.45 -4.70
N LEU A 8 -11.86 -7.06 -3.49
CA LEU A 8 -11.12 -7.58 -2.38
C LEU A 8 -11.83 -8.78 -1.81
N GLU A 9 -11.16 -9.48 -0.94
CA GLU A 9 -11.79 -10.51 -0.19
C GLU A 9 -11.82 -10.06 1.25
N GLU A 10 -12.61 -10.74 2.06
CA GLU A 10 -12.82 -10.36 3.45
C GLU A 10 -11.51 -10.32 4.24
N SER A 11 -10.61 -11.27 3.96
CA SER A 11 -9.33 -11.39 4.66
C SER A 11 -8.52 -10.08 4.60
N VAL A 12 -8.61 -9.41 3.45
CA VAL A 12 -7.88 -8.16 3.24
C VAL A 12 -8.54 -7.06 4.05
N ARG A 13 -9.85 -7.05 4.04
CA ARG A 13 -10.63 -6.02 4.69
C ARG A 13 -10.50 -6.10 6.20
N GLY A 14 -10.39 -7.31 6.71
CA GLY A 14 -10.19 -7.52 8.12
C GLY A 14 -8.91 -6.87 8.60
N ALA A 15 -7.85 -7.09 7.85
CA ALA A 15 -6.56 -6.52 8.15
C ALA A 15 -6.59 -5.00 7.99
N ILE A 16 -7.29 -4.52 6.95
CA ILE A 16 -7.45 -3.09 6.72
C ILE A 16 -8.14 -2.39 7.89
N ASP A 17 -9.15 -3.04 8.44
CA ASP A 17 -9.91 -2.44 9.55
C ASP A 17 -9.10 -2.46 10.83
N ASP A 18 -8.31 -3.52 11.01
CA ASP A 18 -7.48 -3.65 12.22
C ASP A 18 -6.30 -2.69 12.18
N LEU A 19 -5.82 -2.41 10.98
CA LEU A 19 -4.72 -1.49 10.77
C LEU A 19 -5.18 -0.08 11.14
N ARG A 20 -6.46 0.23 10.89
CA ARG A 20 -7.03 1.52 11.29
C ARG A 20 -7.06 1.70 12.81
N MET A 21 -6.97 0.59 13.52
CA MET A 21 -6.94 0.61 14.98
C MET A 21 -5.50 0.63 15.45
N LYS A 22 -4.59 0.50 14.49
CA LYS A 22 -3.15 0.43 14.70
C LYS A 22 -2.68 -0.76 15.49
N LYS A 23 -3.45 -1.82 15.40
CA LYS A 23 -3.02 -3.07 15.95
C LYS A 23 -2.17 -3.71 14.86
N SER A 24 -2.68 -3.66 13.66
CA SER A 24 -1.89 -3.99 12.51
C SER A 24 -1.17 -2.71 12.10
N ARG A 25 0.05 -2.85 11.65
CA ARG A 25 0.87 -1.69 11.27
C ARG A 25 1.20 -1.79 9.79
N TYR A 26 1.31 -3.01 9.33
CA TYR A 26 1.64 -3.30 7.97
C TYR A 26 0.78 -4.45 7.52
N VAL A 27 0.38 -4.45 6.29
CA VAL A 27 -0.31 -5.55 5.67
C VAL A 27 0.19 -5.62 4.25
N MET A 28 0.45 -6.79 3.78
CA MET A 28 0.92 -6.99 2.44
C MET A 28 -0.10 -7.82 1.71
N MET A 29 -0.42 -7.43 0.50
CA MET A 29 -1.38 -8.15 -0.28
C MET A 29 -0.74 -8.53 -1.60
N CYS A 30 -1.42 -9.34 -2.35
CA CYS A 30 -1.04 -9.72 -3.68
C CYS A 30 -2.32 -9.94 -4.46
N ILE A 31 -2.26 -9.93 -5.75
CA ILE A 31 -3.45 -10.05 -6.53
C ILE A 31 -3.45 -11.41 -7.19
N GLY A 32 -4.62 -11.99 -7.34
CA GLY A 32 -4.73 -13.20 -8.08
C GLY A 32 -4.44 -12.91 -9.53
N ALA A 33 -3.65 -13.76 -10.17
CA ALA A 33 -3.19 -13.57 -11.54
C ALA A 33 -4.35 -13.44 -12.55
N ASP A 34 -5.49 -13.92 -12.17
CA ASP A 34 -6.66 -13.85 -13.04
C ASP A 34 -7.36 -12.50 -12.93
N GLY A 35 -7.04 -11.76 -11.88
CA GLY A 35 -7.65 -10.47 -11.65
C GLY A 35 -9.02 -10.61 -11.01
N LYS A 36 -9.18 -11.68 -10.25
CA LYS A 36 -10.44 -11.95 -9.59
C LYS A 36 -10.48 -11.12 -8.31
N LYS A 37 -9.56 -11.37 -7.43
CA LYS A 37 -9.56 -10.72 -6.17
C LYS A 37 -8.15 -10.43 -5.71
N ILE A 38 -8.05 -9.50 -4.81
CA ILE A 38 -6.80 -9.20 -4.16
C ILE A 38 -6.82 -10.00 -2.87
N GLU A 39 -5.76 -10.68 -2.61
CA GLU A 39 -5.66 -11.53 -1.48
C GLU A 39 -4.55 -11.07 -0.55
N VAL A 40 -4.59 -11.50 0.67
CA VAL A 40 -3.63 -11.08 1.67
C VAL A 40 -2.40 -12.00 1.66
N THR A 41 -1.25 -11.44 1.87
CA THR A 41 -0.02 -12.19 1.94
C THR A 41 0.31 -12.44 3.42
N GLU A 42 0.32 -11.36 4.20
CA GLU A 42 0.63 -11.44 5.61
C GLU A 42 0.28 -10.12 6.26
N VAL A 43 0.27 -10.11 7.56
CA VAL A 43 0.03 -8.91 8.32
C VAL A 43 1.23 -8.68 9.24
N GLY A 44 1.58 -7.44 9.45
CA GLY A 44 2.71 -7.11 10.23
C GLY A 44 2.37 -6.31 11.46
N GLU A 45 3.04 -6.64 12.54
CA GLU A 45 2.89 -5.97 13.81
C GLU A 45 3.52 -4.58 13.76
N ARG A 46 3.54 -3.90 14.91
CA ARG A 46 4.12 -2.56 15.00
C ARG A 46 5.64 -2.62 14.92
N SER A 47 6.17 -3.82 15.02
CA SER A 47 7.59 -4.07 14.94
C SER A 47 8.10 -3.93 13.48
N VAL A 48 7.18 -3.91 12.53
CA VAL A 48 7.56 -3.82 11.12
C VAL A 48 7.81 -2.37 10.72
N ASN A 49 9.07 -2.05 10.47
CA ASN A 49 9.50 -0.73 10.05
C ASN A 49 9.59 -0.67 8.55
N TYR A 50 9.93 0.50 8.04
CA TYR A 50 10.06 0.73 6.59
C TYR A 50 11.08 -0.27 6.00
N THR A 51 12.21 -0.42 6.65
CA THR A 51 13.25 -1.34 6.21
C THR A 51 12.72 -2.80 6.26
N ASP A 52 11.81 -3.07 7.19
CA ASP A 52 11.25 -4.41 7.39
C ASP A 52 10.30 -4.77 6.28
N LEU A 53 9.66 -3.77 5.70
CA LEU A 53 8.79 -4.04 4.57
C LEU A 53 9.59 -4.19 3.28
N LYS A 54 10.58 -3.30 3.09
CA LYS A 54 11.40 -3.25 1.86
C LYS A 54 12.05 -4.58 1.53
N GLU A 55 12.59 -5.22 2.55
CA GLU A 55 13.30 -6.48 2.43
C GLU A 55 12.43 -7.63 1.86
N LYS A 56 11.12 -7.44 1.83
CA LYS A 56 10.23 -8.47 1.32
C LYS A 56 10.16 -8.51 -0.17
N PHE A 57 10.20 -7.37 -0.83
CA PHE A 57 9.96 -7.44 -2.25
C PHE A 57 11.20 -7.43 -3.10
N SER A 58 11.59 -8.60 -3.60
CA SER A 58 12.38 -8.71 -4.81
C SER A 58 12.20 -10.14 -5.37
N THR A 59 10.98 -10.65 -5.55
CA THR A 59 10.94 -11.94 -6.21
C THR A 59 10.56 -11.87 -7.71
N GLU A 60 9.33 -11.39 -7.99
CA GLU A 60 8.89 -11.05 -9.34
C GLU A 60 8.10 -9.77 -9.32
N LYS A 61 6.88 -9.90 -8.75
CA LYS A 61 5.91 -8.83 -8.83
C LYS A 61 4.82 -8.84 -7.69
N PRO A 62 5.09 -9.27 -6.45
CA PRO A 62 4.04 -9.20 -5.44
C PRO A 62 3.99 -7.79 -4.88
N CYS A 63 2.84 -7.19 -4.83
CA CYS A 63 2.83 -5.88 -4.31
C CYS A 63 1.51 -5.51 -3.67
N TYR A 64 1.60 -4.82 -2.52
CA TYR A 64 0.70 -3.94 -1.85
C TYR A 64 1.41 -3.38 -0.65
N VAL A 65 1.10 -2.25 -0.17
CA VAL A 65 1.63 -1.86 1.14
C VAL A 65 0.58 -1.12 1.89
N ALA A 66 0.03 -1.73 2.86
CA ALA A 66 -0.85 -1.02 3.73
C ALA A 66 -0.05 -0.74 4.97
N PHE A 67 0.35 0.48 5.13
CA PHE A 67 1.21 0.81 6.23
C PHE A 67 0.78 2.10 6.91
N ASP A 68 0.77 2.07 8.22
CA ASP A 68 0.51 3.26 9.02
C ASP A 68 1.78 4.06 9.12
N PHE A 69 1.69 5.32 8.84
CA PHE A 69 2.87 6.15 8.73
C PHE A 69 2.72 7.45 9.52
N GLU A 70 3.53 7.61 10.55
CA GLU A 70 3.53 8.84 11.30
C GLU A 70 4.70 9.69 10.87
N TYR A 71 4.44 10.95 10.69
CA TYR A 71 5.46 11.86 10.23
C TYR A 71 5.10 13.27 10.67
N ASN A 72 5.95 14.21 10.38
CA ASN A 72 5.69 15.59 10.71
C ASN A 72 4.70 16.15 9.69
N ASP A 73 3.52 16.40 10.14
CA ASP A 73 2.48 16.99 9.34
C ASP A 73 2.06 18.27 10.01
N ALA A 74 2.45 19.39 9.40
CA ALA A 74 2.08 20.73 9.84
C ALA A 74 2.64 21.10 11.23
N GLY A 75 3.75 20.47 11.60
CA GLY A 75 4.40 20.82 12.86
C GLY A 75 4.11 19.86 13.99
N SER A 76 3.43 18.78 13.70
CA SER A 76 3.16 17.78 14.69
C SER A 76 3.30 16.41 14.06
N LYS A 77 3.60 15.39 14.84
CA LYS A 77 3.71 14.07 14.28
C LYS A 77 2.33 13.45 14.22
N ARG A 78 1.85 13.30 13.02
CA ARG A 78 0.53 12.78 12.79
C ARG A 78 0.63 11.47 12.04
N GLU A 79 -0.28 10.59 12.33
CA GLU A 79 -0.28 9.27 11.73
C GLU A 79 -1.26 9.16 10.58
N LYS A 80 -0.73 8.87 9.41
CA LYS A 80 -1.53 8.73 8.22
C LYS A 80 -1.32 7.37 7.63
N LEU A 81 -2.39 6.74 7.28
CA LEU A 81 -2.34 5.43 6.71
C LEU A 81 -2.14 5.54 5.22
N ILE A 82 -1.10 4.94 4.73
CA ILE A 82 -0.77 5.02 3.35
C ILE A 82 -0.85 3.66 2.71
N LEU A 83 -1.12 3.67 1.44
CA LEU A 83 -1.18 2.48 0.68
C LEU A 83 -0.16 2.58 -0.43
N ILE A 84 0.93 1.92 -0.25
CA ILE A 84 2.03 1.98 -1.19
C ILE A 84 1.94 0.81 -2.18
N GLN A 85 2.29 1.06 -3.37
CA GLN A 85 2.32 0.10 -4.43
C GLN A 85 3.75 -0.03 -4.85
N TRP A 86 4.25 -1.21 -4.78
CA TRP A 86 5.55 -1.51 -5.27
C TRP A 86 5.32 -1.68 -6.78
N ILE A 87 5.78 -0.77 -7.60
CA ILE A 87 5.61 -0.96 -9.03
C ILE A 87 6.58 -2.05 -9.47
N PRO A 88 6.08 -3.23 -9.87
CA PRO A 88 6.92 -4.36 -10.10
C PRO A 88 7.65 -4.33 -11.43
N ASP A 89 8.94 -4.43 -11.33
CA ASP A 89 9.87 -4.43 -12.46
C ASP A 89 9.94 -5.79 -13.15
N THR A 90 9.78 -6.83 -12.39
CA THR A 90 10.01 -8.18 -12.88
C THR A 90 8.65 -8.83 -13.22
N ALA A 91 7.71 -7.98 -13.46
CA ALA A 91 6.35 -8.36 -13.76
C ALA A 91 6.12 -8.44 -15.25
N ARG A 92 5.22 -9.30 -15.64
CA ARG A 92 4.79 -9.41 -17.02
C ARG A 92 3.69 -8.36 -17.21
N PRO A 93 3.32 -7.97 -18.46
CA PRO A 93 2.30 -6.96 -18.75
C PRO A 93 1.09 -6.97 -17.81
N ARG A 94 0.47 -8.14 -17.62
CA ARG A 94 -0.72 -8.25 -16.77
C ARG A 94 -0.43 -7.85 -15.32
N GLU A 95 0.64 -8.36 -14.76
CA GLU A 95 1.03 -8.14 -13.35
C GLU A 95 1.43 -6.70 -13.16
N LYS A 96 2.24 -6.23 -14.07
CA LYS A 96 2.77 -4.88 -14.03
C LYS A 96 1.60 -3.86 -14.02
N MET A 97 0.65 -4.03 -14.95
CA MET A 97 -0.50 -3.13 -15.07
C MET A 97 -1.52 -3.37 -13.95
N MET A 98 -1.72 -4.64 -13.56
CA MET A 98 -2.71 -5.02 -12.56
C MET A 98 -2.39 -4.42 -11.22
N TYR A 99 -1.16 -4.60 -10.78
CA TYR A 99 -0.73 -4.09 -9.51
C TYR A 99 -0.74 -2.58 -9.48
N SER A 100 -0.41 -1.97 -10.60
CA SER A 100 -0.44 -0.53 -10.71
C SER A 100 -1.89 0.02 -10.70
N ALA A 101 -2.79 -0.64 -11.42
CA ALA A 101 -4.16 -0.12 -11.58
C ALA A 101 -5.09 -0.43 -10.40
N SER A 102 -4.93 -1.59 -9.81
CA SER A 102 -5.83 -2.01 -8.72
C SER A 102 -5.59 -1.27 -7.40
N ARG A 103 -4.66 -0.32 -7.43
CA ARG A 103 -4.37 0.56 -6.30
C ARG A 103 -5.67 1.28 -5.88
N ASP A 104 -6.47 1.66 -6.89
CA ASP A 104 -7.68 2.42 -6.70
C ASP A 104 -8.75 1.58 -6.09
N ALA A 105 -8.88 0.36 -6.59
CA ALA A 105 -9.88 -0.60 -6.10
C ALA A 105 -9.68 -0.85 -4.61
N LEU A 106 -8.43 -1.10 -4.23
CA LEU A 106 -8.09 -1.34 -2.84
C LEU A 106 -8.30 -0.07 -1.99
N SER A 107 -8.08 1.09 -2.58
CA SER A 107 -8.25 2.37 -1.88
C SER A 107 -9.73 2.73 -1.72
N SER A 108 -10.60 2.19 -2.56
CA SER A 108 -12.02 2.42 -2.46
C SER A 108 -12.56 1.83 -1.16
N VAL A 109 -12.07 0.66 -0.82
CA VAL A 109 -12.48 0.01 0.41
C VAL A 109 -11.64 0.55 1.57
N SER A 110 -10.37 0.77 1.31
CA SER A 110 -9.47 1.26 2.32
C SER A 110 -9.58 2.79 2.48
N GLU A 111 -10.63 3.19 3.13
CA GLU A 111 -10.88 4.58 3.41
C GLU A 111 -9.88 5.02 4.48
N GLY A 112 -9.19 6.08 4.22
CA GLY A 112 -8.20 6.60 5.15
C GLY A 112 -6.80 6.36 4.67
N TYR A 113 -6.69 5.57 3.62
CA TYR A 113 -5.42 5.22 3.04
C TYR A 113 -5.15 6.06 1.82
N LEU A 114 -3.98 6.64 1.79
CA LEU A 114 -3.53 7.41 0.64
C LEU A 114 -2.68 6.51 -0.26
N PRO A 115 -3.17 6.17 -1.45
CA PRO A 115 -2.42 5.33 -2.38
C PRO A 115 -1.25 6.08 -3.02
N ILE A 116 -0.06 5.63 -2.74
CA ILE A 116 1.12 6.22 -3.28
C ILE A 116 1.91 5.12 -3.97
N GLN A 117 2.41 5.39 -5.14
CA GLN A 117 3.13 4.39 -5.87
C GLN A 117 4.60 4.63 -5.69
N ALA A 118 5.38 3.59 -5.80
CA ALA A 118 6.79 3.71 -5.80
C ALA A 118 7.32 3.05 -7.05
N ASN A 119 8.06 3.80 -7.84
CA ASN A 119 8.62 3.29 -9.09
C ASN A 119 10.03 2.80 -8.82
N ASP A 120 10.61 3.37 -7.81
CA ASP A 120 11.94 3.04 -7.39
C ASP A 120 11.80 2.59 -5.95
N GLU A 121 12.88 2.21 -5.36
CA GLU A 121 12.94 1.78 -4.00
C GLU A 121 12.75 2.99 -3.08
N SER A 122 13.02 4.17 -3.62
CA SER A 122 12.94 5.43 -2.91
C SER A 122 11.54 5.67 -2.30
N GLY A 123 10.49 5.34 -3.05
CA GLY A 123 9.12 5.55 -2.56
C GLY A 123 8.70 4.50 -1.57
N LEU A 124 9.53 3.51 -1.40
CA LEU A 124 9.32 2.43 -0.46
C LEU A 124 10.18 2.69 0.76
N ASP A 125 10.93 3.77 0.70
CA ASP A 125 11.83 4.16 1.76
C ASP A 125 11.28 5.43 2.34
N ALA A 126 11.59 5.72 3.58
CA ALA A 126 11.04 6.86 4.29
C ALA A 126 11.32 8.20 3.59
N GLU A 127 12.43 8.28 2.83
CA GLU A 127 12.81 9.51 2.15
C GLU A 127 11.71 10.08 1.24
N GLU A 128 11.24 9.28 0.32
CA GLU A 128 10.22 9.72 -0.59
C GLU A 128 8.86 9.69 0.02
N ILE A 129 8.63 8.76 0.95
CA ILE A 129 7.34 8.66 1.59
C ILE A 129 7.00 9.98 2.30
N ILE A 130 7.90 10.47 3.14
CA ILE A 130 7.68 11.73 3.86
C ILE A 130 7.49 12.88 2.87
N ARG A 131 8.34 12.91 1.87
CA ARG A 131 8.37 13.98 0.89
C ARG A 131 7.06 14.02 0.06
N LYS A 132 6.65 12.87 -0.47
CA LYS A 132 5.46 12.86 -1.31
C LYS A 132 4.17 12.99 -0.51
N VAL A 133 4.10 12.37 0.67
CA VAL A 133 2.89 12.44 1.49
C VAL A 133 2.58 13.88 1.91
N ARG A 134 3.62 14.67 2.18
CA ARG A 134 3.44 16.11 2.47
C ARG A 134 2.74 16.78 1.31
N LEU A 135 3.18 16.45 0.11
CA LEU A 135 2.62 17.02 -1.09
C LEU A 135 1.18 16.57 -1.28
N HIS A 136 0.92 15.27 -1.08
CA HIS A 136 -0.44 14.70 -1.20
C HIS A 136 -1.41 15.34 -0.20
N ARG A 137 -0.89 15.69 0.95
CA ARG A 137 -1.66 16.36 2.00
C ARG A 137 -1.92 17.83 1.66
N SER A 138 -1.07 18.39 0.83
CA SER A 138 -1.12 19.80 0.48
C SER A 138 -1.97 20.05 -0.79
N VAL A 139 -2.65 19.02 -1.26
CA VAL A 139 -3.43 19.10 -2.49
C VAL A 139 -4.62 20.09 -2.37
N ALA A 140 -5.13 20.29 -1.16
CA ALA A 140 -6.24 21.20 -0.96
C ALA A 140 -5.74 22.64 -0.97
N ALA A 141 -4.53 22.84 -0.50
CA ALA A 141 -3.92 24.15 -0.43
C ALA A 141 -3.50 24.63 -1.82
N ALA A 142 -2.85 23.75 -2.58
CA ALA A 142 -2.36 24.09 -3.90
C ALA A 142 -2.18 22.83 -4.72
N LEU A 143 -1.76 23.00 -5.97
CA LEU A 143 -1.51 21.92 -6.91
C LEU A 143 -0.51 20.90 -6.32
N GLU A 144 -0.85 19.64 -6.42
CA GLU A 144 -0.02 18.56 -5.91
C GLU A 144 1.24 18.40 -6.78
N MET A 1 -2.63 -15.64 -16.08
CA MET A 1 -3.63 -14.71 -16.53
C MET A 1 -4.28 -14.05 -15.34
N ALA A 2 -4.72 -12.83 -15.50
CA ALA A 2 -5.37 -12.10 -14.46
C ALA A 2 -6.60 -11.43 -15.01
N ILE A 3 -7.72 -11.73 -14.42
CA ILE A 3 -8.98 -11.18 -14.85
C ILE A 3 -9.13 -9.79 -14.26
N SER A 4 -9.52 -8.84 -15.07
CA SER A 4 -9.76 -7.51 -14.58
C SER A 4 -11.12 -7.44 -13.89
N GLY A 5 -11.11 -7.84 -12.64
CA GLY A 5 -12.27 -7.81 -11.78
C GLY A 5 -11.84 -7.96 -10.37
N VAL A 6 -10.70 -7.38 -10.09
CA VAL A 6 -10.05 -7.51 -8.82
C VAL A 6 -10.80 -6.75 -7.74
N THR A 7 -11.30 -7.49 -6.79
CA THR A 7 -12.01 -6.93 -5.68
C THR A 7 -11.15 -7.15 -4.42
N LEU A 8 -11.51 -6.60 -3.28
CA LEU A 8 -10.75 -6.88 -2.08
C LEU A 8 -11.45 -8.00 -1.35
N GLU A 9 -10.70 -8.92 -0.78
CA GLU A 9 -11.33 -9.95 0.01
C GLU A 9 -11.69 -9.36 1.37
N GLU A 10 -12.43 -10.10 2.16
CA GLU A 10 -12.88 -9.59 3.43
C GLU A 10 -11.70 -9.43 4.37
N SER A 11 -10.77 -10.38 4.32
CA SER A 11 -9.57 -10.38 5.14
C SER A 11 -8.73 -9.11 4.90
N VAL A 12 -8.70 -8.67 3.66
CA VAL A 12 -7.97 -7.46 3.28
C VAL A 12 -8.64 -6.23 3.88
N ARG A 13 -9.95 -6.13 3.71
CA ARG A 13 -10.69 -4.96 4.20
C ARG A 13 -10.60 -4.85 5.72
N GLY A 14 -10.54 -5.99 6.37
CA GLY A 14 -10.40 -6.03 7.80
C GLY A 14 -9.01 -5.62 8.24
N ALA A 15 -8.01 -5.97 7.46
CA ALA A 15 -6.63 -5.64 7.77
C ALA A 15 -6.38 -4.15 7.56
N ILE A 16 -6.95 -3.62 6.48
CA ILE A 16 -6.85 -2.18 6.17
C ILE A 16 -7.44 -1.36 7.30
N ASP A 17 -8.59 -1.78 7.78
CA ASP A 17 -9.28 -1.07 8.84
C ASP A 17 -8.57 -1.24 10.17
N ASP A 18 -7.87 -2.34 10.31
CA ASP A 18 -7.12 -2.62 11.53
C ASP A 18 -5.92 -1.69 11.64
N LEU A 19 -5.38 -1.26 10.47
CA LEU A 19 -4.31 -0.25 10.41
C LEU A 19 -4.83 1.06 10.98
N ARG A 20 -6.09 1.33 10.68
CA ARG A 20 -6.77 2.56 11.11
C ARG A 20 -6.92 2.59 12.63
N MET A 21 -6.90 1.41 13.23
CA MET A 21 -7.03 1.28 14.67
C MET A 21 -5.66 1.27 15.32
N LYS A 22 -4.63 1.39 14.45
CA LYS A 22 -3.22 1.46 14.82
C LYS A 22 -2.74 0.11 15.40
N LYS A 23 -3.50 -0.94 15.14
CA LYS A 23 -3.18 -2.26 15.62
C LYS A 23 -2.18 -2.91 14.68
N SER A 24 -2.53 -3.02 13.42
CA SER A 24 -1.60 -3.47 12.44
C SER A 24 -0.78 -2.28 11.97
N ARG A 25 0.44 -2.54 11.63
CA ARG A 25 1.34 -1.51 11.15
C ARG A 25 1.70 -1.81 9.71
N TYR A 26 1.50 -3.04 9.31
CA TYR A 26 1.88 -3.49 8.00
C TYR A 26 0.93 -4.57 7.51
N VAL A 27 0.66 -4.56 6.21
CA VAL A 27 -0.16 -5.56 5.54
C VAL A 27 0.35 -5.66 4.09
N MET A 28 0.94 -6.75 3.72
CA MET A 28 1.35 -6.92 2.35
C MET A 28 0.32 -7.74 1.63
N MET A 29 -0.19 -7.21 0.57
CA MET A 29 -1.28 -7.82 -0.13
C MET A 29 -0.90 -7.99 -1.57
N CYS A 30 -1.09 -9.17 -2.07
CA CYS A 30 -0.87 -9.45 -3.45
C CYS A 30 -2.20 -9.77 -4.10
N ILE A 31 -2.28 -9.55 -5.39
CA ILE A 31 -3.45 -9.89 -6.14
C ILE A 31 -3.47 -11.40 -6.32
N GLY A 32 -4.65 -11.99 -6.18
CA GLY A 32 -4.81 -13.41 -6.34
C GLY A 32 -4.45 -13.87 -7.73
N ALA A 33 -4.04 -15.11 -7.82
CA ALA A 33 -3.54 -15.74 -9.04
C ALA A 33 -4.47 -15.60 -10.26
N ASP A 34 -5.76 -15.65 -10.03
CA ASP A 34 -6.72 -15.57 -11.15
C ASP A 34 -7.12 -14.13 -11.44
N GLY A 35 -6.84 -13.26 -10.50
CA GLY A 35 -7.19 -11.86 -10.63
C GLY A 35 -8.57 -11.56 -10.09
N LYS A 36 -9.07 -12.37 -9.19
CA LYS A 36 -10.39 -12.10 -8.65
C LYS A 36 -10.33 -11.17 -7.46
N LYS A 37 -9.44 -11.44 -6.54
CA LYS A 37 -9.36 -10.61 -5.38
C LYS A 37 -7.95 -10.40 -4.91
N ILE A 38 -7.74 -9.33 -4.22
CA ILE A 38 -6.50 -9.08 -3.54
C ILE A 38 -6.59 -9.81 -2.24
N GLU A 39 -5.57 -10.54 -1.90
CA GLU A 39 -5.59 -11.33 -0.71
C GLU A 39 -4.45 -10.93 0.21
N VAL A 40 -4.67 -11.11 1.48
CA VAL A 40 -3.68 -10.78 2.46
C VAL A 40 -2.60 -11.86 2.51
N THR A 41 -1.44 -11.53 2.03
CA THR A 41 -0.32 -12.41 2.05
C THR A 41 0.19 -12.50 3.49
N GLU A 42 0.40 -11.34 4.11
CA GLU A 42 0.87 -11.27 5.46
C GLU A 42 0.51 -9.94 6.08
N VAL A 43 0.34 -9.94 7.37
CA VAL A 43 -0.04 -8.77 8.13
C VAL A 43 0.77 -8.74 9.42
N GLY A 44 1.25 -7.58 9.79
CA GLY A 44 2.08 -7.46 10.95
C GLY A 44 1.75 -6.26 11.79
N GLU A 45 2.15 -6.31 13.03
CA GLU A 45 1.88 -5.26 13.97
C GLU A 45 3.04 -4.25 14.05
N ARG A 46 3.11 -3.47 15.14
CA ARG A 46 4.07 -2.36 15.27
C ARG A 46 5.55 -2.77 15.29
N SER A 47 5.84 -4.06 15.37
CA SER A 47 7.22 -4.51 15.39
C SER A 47 7.77 -4.64 13.96
N VAL A 48 6.93 -4.37 12.98
CA VAL A 48 7.35 -4.33 11.59
C VAL A 48 7.76 -2.91 11.26
N ASN A 49 9.03 -2.71 11.05
CA ASN A 49 9.55 -1.39 10.75
C ASN A 49 9.84 -1.32 9.24
N TYR A 50 10.25 -0.14 8.76
CA TYR A 50 10.62 0.09 7.37
C TYR A 50 11.71 -0.89 6.95
N THR A 51 12.55 -1.25 7.91
CA THR A 51 13.60 -2.24 7.71
C THR A 51 12.98 -3.60 7.30
N ASP A 52 11.95 -4.01 8.02
CA ASP A 52 11.26 -5.28 7.78
C ASP A 52 10.48 -5.19 6.48
N LEU A 53 10.05 -4.00 6.19
CA LEU A 53 9.32 -3.69 4.99
C LEU A 53 10.23 -3.78 3.74
N LYS A 54 11.36 -3.14 3.80
CA LYS A 54 12.30 -3.05 2.68
C LYS A 54 13.03 -4.37 2.40
N GLU A 55 13.19 -5.22 3.41
CA GLU A 55 13.92 -6.48 3.22
C GLU A 55 13.12 -7.46 2.34
N LYS A 56 11.84 -7.21 2.20
CA LYS A 56 10.95 -8.09 1.46
C LYS A 56 10.81 -7.63 0.02
N PHE A 57 11.79 -6.85 -0.42
CA PHE A 57 11.83 -6.33 -1.77
C PHE A 57 11.67 -7.44 -2.80
N SER A 58 10.64 -7.34 -3.58
CA SER A 58 10.39 -8.25 -4.66
C SER A 58 10.86 -7.55 -5.93
N THR A 59 11.54 -8.24 -6.80
CA THR A 59 12.16 -7.62 -7.93
C THR A 59 11.28 -7.59 -9.18
N GLU A 60 10.51 -8.64 -9.43
CA GLU A 60 9.73 -8.67 -10.64
C GLU A 60 8.26 -8.29 -10.47
N LYS A 61 7.53 -8.99 -9.63
CA LYS A 61 6.10 -8.68 -9.46
C LYS A 61 5.63 -8.40 -8.02
N PRO A 62 5.96 -7.24 -7.49
CA PRO A 62 5.47 -6.84 -6.20
C PRO A 62 4.06 -6.23 -6.29
N CYS A 63 3.33 -6.26 -5.21
CA CYS A 63 2.01 -5.67 -5.12
C CYS A 63 2.02 -4.66 -3.94
N TYR A 64 0.92 -3.98 -3.66
CA TYR A 64 0.95 -2.86 -2.76
C TYR A 64 0.75 -3.27 -1.34
N VAL A 65 1.59 -2.69 -0.54
CA VAL A 65 1.64 -2.91 0.87
C VAL A 65 0.95 -1.76 1.55
N ALA A 66 0.09 -2.09 2.45
CA ALA A 66 -0.58 -1.10 3.25
C ALA A 66 0.18 -1.00 4.54
N PHE A 67 0.84 0.09 4.72
CA PHE A 67 1.66 0.28 5.88
C PHE A 67 1.15 1.49 6.65
N ASP A 68 1.08 1.39 7.93
CA ASP A 68 0.63 2.48 8.76
C ASP A 68 1.78 3.45 8.95
N PHE A 69 1.59 4.66 8.55
CA PHE A 69 2.65 5.60 8.55
C PHE A 69 2.33 6.80 9.41
N GLU A 70 3.16 7.04 10.36
CA GLU A 70 3.07 8.20 11.16
C GLU A 70 4.07 9.19 10.64
N TYR A 71 3.65 10.39 10.48
CA TYR A 71 4.46 11.41 9.87
C TYR A 71 4.34 12.69 10.64
N ASN A 72 5.42 13.41 10.76
CA ASN A 72 5.39 14.67 11.44
C ASN A 72 4.78 15.74 10.56
N ASP A 73 3.66 16.21 10.98
CA ASP A 73 2.97 17.29 10.33
C ASP A 73 2.70 18.32 11.37
N ALA A 74 3.32 19.48 11.19
CA ALA A 74 3.28 20.61 12.12
C ALA A 74 4.04 20.26 13.40
N GLY A 75 4.94 19.30 13.30
CA GLY A 75 5.75 18.88 14.41
C GLY A 75 5.10 17.79 15.25
N SER A 76 4.04 17.20 14.73
CA SER A 76 3.36 16.17 15.46
C SER A 76 3.10 14.98 14.54
N LYS A 77 3.23 13.77 15.07
CA LYS A 77 2.99 12.56 14.30
C LYS A 77 1.52 12.38 14.01
N ARG A 78 1.15 12.47 12.77
CA ARG A 78 -0.21 12.24 12.38
C ARG A 78 -0.35 10.82 11.83
N GLU A 79 -1.56 10.38 11.74
CA GLU A 79 -1.90 9.02 11.39
C GLU A 79 -2.56 8.90 9.99
N LYS A 80 -1.93 8.14 9.12
CA LYS A 80 -2.48 7.76 7.81
C LYS A 80 -1.88 6.43 7.44
N LEU A 81 -2.48 5.70 6.55
CA LEU A 81 -1.90 4.49 6.12
C LEU A 81 -1.51 4.65 4.67
N ILE A 82 -0.35 4.22 4.34
CA ILE A 82 0.15 4.39 3.02
C ILE A 82 0.04 3.12 2.26
N LEU A 83 -0.43 3.23 1.05
CA LEU A 83 -0.52 2.10 0.22
C LEU A 83 0.55 2.25 -0.81
N ILE A 84 1.60 1.49 -0.65
CA ILE A 84 2.72 1.58 -1.55
C ILE A 84 2.47 0.71 -2.75
N GLN A 85 2.17 1.31 -3.87
CA GLN A 85 2.05 0.58 -5.09
C GLN A 85 3.41 0.36 -5.63
N TRP A 86 3.91 -0.81 -5.45
CA TRP A 86 5.10 -1.20 -6.10
C TRP A 86 4.63 -1.54 -7.51
N ILE A 87 4.96 -0.72 -8.44
CA ILE A 87 4.54 -0.96 -9.80
C ILE A 87 5.58 -1.84 -10.48
N PRO A 88 5.22 -3.11 -10.82
CA PRO A 88 6.19 -4.06 -11.31
C PRO A 88 6.81 -3.61 -12.63
N ASP A 89 8.10 -3.43 -12.59
CA ASP A 89 8.86 -3.04 -13.74
C ASP A 89 9.20 -4.23 -14.63
N THR A 90 9.68 -5.28 -14.00
CA THR A 90 10.28 -6.40 -14.71
C THR A 90 9.35 -7.63 -14.70
N ALA A 91 8.09 -7.39 -14.49
CA ALA A 91 7.13 -8.48 -14.44
C ALA A 91 6.57 -8.78 -15.81
N ARG A 92 5.72 -9.78 -15.87
CA ARG A 92 5.05 -10.17 -17.09
C ARG A 92 3.85 -9.24 -17.30
N PRO A 93 3.38 -9.07 -18.57
CA PRO A 93 2.30 -8.13 -18.94
C PRO A 93 1.13 -8.01 -17.94
N ARG A 94 0.51 -9.13 -17.54
CA ARG A 94 -0.62 -9.02 -16.63
C ARG A 94 -0.24 -8.69 -15.20
N GLU A 95 0.98 -9.01 -14.83
CA GLU A 95 1.49 -8.70 -13.50
C GLU A 95 1.81 -7.21 -13.45
N LYS A 96 2.25 -6.67 -14.57
CA LYS A 96 2.53 -5.25 -14.63
C LYS A 96 1.23 -4.44 -14.67
N MET A 97 0.33 -4.79 -15.58
CA MET A 97 -0.90 -4.00 -15.79
C MET A 97 -1.94 -4.19 -14.70
N MET A 98 -2.22 -5.43 -14.32
CA MET A 98 -3.31 -5.67 -13.38
C MET A 98 -2.95 -5.14 -12.02
N TYR A 99 -1.69 -5.24 -11.68
CA TYR A 99 -1.21 -4.73 -10.41
C TYR A 99 -1.27 -3.22 -10.39
N SER A 100 -0.99 -2.59 -11.51
CA SER A 100 -1.06 -1.13 -11.57
C SER A 100 -2.53 -0.64 -11.47
N ALA A 101 -3.43 -1.37 -12.11
CA ALA A 101 -4.83 -0.99 -12.23
C ALA A 101 -5.68 -1.24 -10.96
N SER A 102 -5.39 -2.33 -10.25
CA SER A 102 -6.25 -2.75 -9.13
C SER A 102 -6.19 -1.83 -7.89
N ARG A 103 -5.32 -0.81 -7.91
CA ARG A 103 -5.23 0.15 -6.80
C ARG A 103 -6.55 0.93 -6.68
N ASP A 104 -7.26 0.96 -7.80
CA ASP A 104 -8.56 1.61 -7.94
C ASP A 104 -9.61 0.93 -7.07
N ALA A 105 -9.43 -0.37 -6.84
CA ALA A 105 -10.39 -1.15 -6.07
C ALA A 105 -10.44 -0.74 -4.61
N LEU A 106 -9.36 -0.18 -4.10
CA LEU A 106 -9.29 0.18 -2.69
C LEU A 106 -9.91 1.56 -2.41
N SER A 107 -10.13 2.34 -3.46
CA SER A 107 -10.55 3.73 -3.31
C SER A 107 -11.82 3.94 -2.48
N SER A 108 -12.81 3.10 -2.65
CA SER A 108 -14.08 3.29 -1.96
C SER A 108 -14.25 2.32 -0.78
N VAL A 109 -13.23 1.55 -0.51
CA VAL A 109 -13.34 0.59 0.58
C VAL A 109 -12.27 0.79 1.65
N SER A 110 -11.22 1.50 1.32
CA SER A 110 -10.15 1.71 2.25
C SER A 110 -10.02 3.20 2.62
N GLU A 111 -10.66 3.58 3.69
CA GLU A 111 -10.54 4.94 4.21
C GLU A 111 -9.15 5.08 4.85
N GLY A 112 -8.41 6.07 4.45
CA GLY A 112 -7.18 6.34 5.13
C GLY A 112 -5.94 6.02 4.36
N TYR A 113 -6.07 5.52 3.15
CA TYR A 113 -4.89 5.17 2.40
C TYR A 113 -4.51 6.29 1.46
N LEU A 114 -3.24 6.55 1.37
CA LEU A 114 -2.75 7.50 0.43
C LEU A 114 -2.06 6.73 -0.69
N PRO A 115 -2.48 6.91 -1.94
CA PRO A 115 -1.84 6.26 -3.07
C PRO A 115 -0.44 6.82 -3.32
N ILE A 116 0.53 5.98 -3.17
CA ILE A 116 1.90 6.34 -3.36
C ILE A 116 2.58 5.24 -4.16
N GLN A 117 3.16 5.60 -5.29
CA GLN A 117 3.75 4.61 -6.17
C GLN A 117 5.25 4.52 -5.97
N ALA A 118 5.78 3.35 -6.19
CA ALA A 118 7.19 3.08 -6.10
C ALA A 118 7.60 2.23 -7.29
N ASN A 119 8.59 2.70 -8.03
CA ASN A 119 9.13 1.96 -9.18
C ASN A 119 10.37 1.23 -8.76
N ASP A 120 10.92 1.70 -7.68
CA ASP A 120 12.14 1.19 -7.14
C ASP A 120 12.01 1.19 -5.63
N GLU A 121 12.97 0.61 -4.92
CA GLU A 121 13.03 0.60 -3.46
C GLU A 121 12.98 2.04 -2.93
N SER A 122 13.45 2.97 -3.73
CA SER A 122 13.45 4.38 -3.41
C SER A 122 12.05 4.95 -3.13
N GLY A 123 10.99 4.27 -3.56
CA GLY A 123 9.64 4.71 -3.26
C GLY A 123 9.24 4.36 -1.85
N LEU A 124 10.01 3.46 -1.27
CA LEU A 124 9.82 2.99 0.10
C LEU A 124 10.80 3.71 1.02
N ASP A 125 11.43 4.74 0.50
CA ASP A 125 12.42 5.49 1.25
C ASP A 125 11.72 6.43 2.21
N ALA A 126 12.21 6.51 3.43
CA ALA A 126 11.57 7.29 4.50
C ALA A 126 11.35 8.75 4.12
N GLU A 127 12.35 9.39 3.53
CA GLU A 127 12.25 10.80 3.15
C GLU A 127 11.28 10.98 2.01
N GLU A 128 11.28 10.00 1.11
CA GLU A 128 10.41 9.98 -0.05
C GLU A 128 8.96 9.89 0.40
N ILE A 129 8.72 8.98 1.32
CA ILE A 129 7.38 8.74 1.83
C ILE A 129 6.84 10.00 2.52
N ILE A 130 7.61 10.58 3.45
CA ILE A 130 7.17 11.79 4.19
C ILE A 130 6.83 12.93 3.20
N ARG A 131 7.69 13.10 2.21
CA ARG A 131 7.53 14.07 1.14
C ARG A 131 6.18 13.89 0.44
N LYS A 132 5.91 12.66 0.06
CA LYS A 132 4.69 12.36 -0.65
C LYS A 132 3.46 12.38 0.23
N VAL A 133 3.57 11.85 1.44
CA VAL A 133 2.45 11.82 2.36
C VAL A 133 1.91 13.21 2.65
N ARG A 134 2.78 14.14 2.99
CA ARG A 134 2.31 15.48 3.35
C ARG A 134 1.88 16.28 2.13
N LEU A 135 2.46 16.00 0.99
CA LEU A 135 2.13 16.71 -0.23
C LEU A 135 0.83 16.14 -0.82
N HIS A 136 0.77 14.84 -0.94
CA HIS A 136 -0.34 14.16 -1.58
C HIS A 136 -1.59 14.11 -0.70
N ARG A 137 -1.43 14.20 0.62
CA ARG A 137 -2.57 14.14 1.55
C ARG A 137 -3.68 15.13 1.17
N SER A 138 -3.31 16.36 0.94
CA SER A 138 -4.26 17.41 0.60
C SER A 138 -4.86 17.20 -0.80
N VAL A 139 -4.22 16.35 -1.56
CA VAL A 139 -4.69 16.01 -2.87
C VAL A 139 -5.71 14.88 -2.73
N ALA A 140 -5.28 13.77 -2.14
CA ALA A 140 -6.13 12.57 -1.98
C ALA A 140 -7.33 12.80 -1.08
N ALA A 141 -7.21 13.72 -0.14
CA ALA A 141 -8.32 14.04 0.75
C ALA A 141 -9.40 14.85 0.02
N ALA A 142 -9.02 15.44 -1.09
CA ALA A 142 -9.93 16.26 -1.84
C ALA A 142 -10.37 15.57 -3.13
N LEU A 143 -9.40 15.12 -3.90
CA LEU A 143 -9.60 14.46 -5.19
C LEU A 143 -8.25 13.88 -5.64
N GLU A 144 -8.15 12.55 -5.71
CA GLU A 144 -6.91 11.89 -6.14
C GLU A 144 -6.48 12.37 -7.53
N MET A 1 -0.89 -11.04 -17.00
CA MET A 1 -2.11 -10.40 -17.43
C MET A 1 -3.27 -11.21 -16.89
N ALA A 2 -4.26 -10.55 -16.31
CA ALA A 2 -5.36 -11.24 -15.69
C ALA A 2 -6.68 -10.53 -15.95
N ILE A 3 -7.75 -11.13 -15.42
CA ILE A 3 -9.10 -10.62 -15.57
C ILE A 3 -9.29 -9.40 -14.67
N SER A 4 -9.77 -8.31 -15.23
CA SER A 4 -9.94 -7.07 -14.48
C SER A 4 -11.21 -7.03 -13.62
N GLY A 5 -12.00 -8.07 -13.68
CA GLY A 5 -13.17 -8.19 -12.83
C GLY A 5 -12.77 -8.65 -11.44
N VAL A 6 -12.04 -7.81 -10.75
CA VAL A 6 -11.48 -8.14 -9.47
C VAL A 6 -12.47 -7.85 -8.33
N THR A 7 -12.52 -8.75 -7.41
CA THR A 7 -13.33 -8.62 -6.24
C THR A 7 -12.42 -8.39 -5.03
N LEU A 8 -12.83 -7.56 -4.13
CA LEU A 8 -12.12 -7.30 -2.91
C LEU A 8 -12.71 -8.26 -1.89
N GLU A 9 -11.91 -9.12 -1.30
CA GLU A 9 -12.49 -10.09 -0.36
C GLU A 9 -12.57 -9.51 1.04
N GLU A 10 -13.39 -10.15 1.86
CA GLU A 10 -13.65 -9.71 3.23
C GLU A 10 -12.38 -9.73 4.07
N SER A 11 -11.50 -10.69 3.79
CA SER A 11 -10.24 -10.84 4.50
C SER A 11 -9.37 -9.58 4.33
N VAL A 12 -9.50 -8.94 3.18
CA VAL A 12 -8.75 -7.72 2.90
C VAL A 12 -9.36 -6.58 3.68
N ARG A 13 -10.68 -6.54 3.69
CA ARG A 13 -11.41 -5.49 4.38
C ARG A 13 -11.20 -5.58 5.90
N GLY A 14 -11.15 -6.82 6.39
CA GLY A 14 -10.86 -7.05 7.79
C GLY A 14 -9.46 -6.59 8.16
N ALA A 15 -8.53 -6.76 7.22
CA ALA A 15 -7.16 -6.31 7.41
C ALA A 15 -7.10 -4.79 7.41
N ILE A 16 -7.84 -4.16 6.49
CA ILE A 16 -7.94 -2.71 6.41
C ILE A 16 -8.49 -2.17 7.73
N ASP A 17 -9.52 -2.81 8.22
CA ASP A 17 -10.15 -2.46 9.49
C ASP A 17 -9.17 -2.60 10.67
N ASP A 18 -8.42 -3.68 10.66
CA ASP A 18 -7.47 -3.98 11.75
C ASP A 18 -6.35 -2.95 11.77
N LEU A 19 -5.92 -2.55 10.58
CA LEU A 19 -4.89 -1.54 10.42
C LEU A 19 -5.41 -0.16 10.83
N ARG A 20 -6.67 0.10 10.53
CA ARG A 20 -7.30 1.37 10.90
C ARG A 20 -7.42 1.55 12.42
N MET A 21 -7.48 0.45 13.15
CA MET A 21 -7.51 0.52 14.61
C MET A 21 -6.09 0.41 15.15
N LYS A 22 -5.16 0.28 14.22
CA LYS A 22 -3.73 0.15 14.41
C LYS A 22 -3.36 -1.05 15.26
N LYS A 23 -4.04 -2.15 15.01
CA LYS A 23 -3.69 -3.40 15.63
C LYS A 23 -2.58 -4.01 14.79
N SER A 24 -2.68 -3.82 13.51
CA SER A 24 -1.64 -4.12 12.60
C SER A 24 -0.96 -2.80 12.23
N ARG A 25 0.14 -2.88 11.54
CA ARG A 25 0.85 -1.67 11.11
C ARG A 25 1.25 -1.82 9.65
N TYR A 26 1.03 -3.00 9.12
CA TYR A 26 1.36 -3.33 7.77
C TYR A 26 0.39 -4.40 7.28
N VAL A 27 0.03 -4.33 6.04
CA VAL A 27 -0.78 -5.34 5.37
C VAL A 27 -0.29 -5.41 3.94
N MET A 28 -0.04 -6.58 3.44
CA MET A 28 0.45 -6.78 2.10
C MET A 28 -0.59 -7.52 1.29
N MET A 29 -0.96 -6.98 0.15
CA MET A 29 -1.95 -7.62 -0.65
C MET A 29 -1.32 -8.16 -1.90
N CYS A 30 -2.04 -8.98 -2.54
CA CYS A 30 -1.69 -9.62 -3.74
C CYS A 30 -3.00 -9.86 -4.45
N ILE A 31 -2.96 -10.28 -5.66
CA ILE A 31 -4.15 -10.51 -6.41
C ILE A 31 -4.03 -11.90 -6.94
N GLY A 32 -5.14 -12.61 -7.00
CA GLY A 32 -5.15 -13.96 -7.47
C GLY A 32 -4.64 -14.08 -8.90
N ALA A 33 -4.27 -15.29 -9.26
CA ALA A 33 -3.70 -15.59 -10.57
C ALA A 33 -4.65 -15.23 -11.70
N ASP A 34 -5.94 -15.40 -11.45
CA ASP A 34 -6.95 -15.10 -12.45
C ASP A 34 -7.28 -13.62 -12.45
N GLY A 35 -6.88 -12.93 -11.38
CA GLY A 35 -7.16 -11.52 -11.25
C GLY A 35 -8.55 -11.24 -10.75
N LYS A 36 -9.26 -12.27 -10.37
CA LYS A 36 -10.64 -12.15 -9.98
C LYS A 36 -10.81 -11.66 -8.56
N LYS A 37 -9.77 -11.72 -7.75
CA LYS A 37 -9.87 -11.26 -6.37
C LYS A 37 -8.55 -10.87 -5.73
N ILE A 38 -8.60 -9.81 -4.92
CA ILE A 38 -7.47 -9.31 -4.16
C ILE A 38 -7.44 -10.06 -2.84
N GLU A 39 -6.26 -10.38 -2.37
CA GLU A 39 -6.11 -11.12 -1.14
C GLU A 39 -4.95 -10.59 -0.32
N VAL A 40 -5.01 -10.84 0.95
CA VAL A 40 -3.94 -10.49 1.85
C VAL A 40 -2.95 -11.64 1.84
N THR A 41 -1.73 -11.35 1.55
CA THR A 41 -0.76 -12.39 1.46
C THR A 41 0.22 -12.33 2.64
N GLU A 42 0.21 -11.23 3.37
CA GLU A 42 1.09 -11.06 4.51
C GLU A 42 0.55 -9.93 5.38
N VAL A 43 0.73 -10.02 6.67
CA VAL A 43 0.24 -9.01 7.58
C VAL A 43 1.32 -8.69 8.64
N GLY A 44 1.49 -7.42 8.92
CA GLY A 44 2.53 -7.00 9.82
C GLY A 44 1.97 -6.25 11.00
N GLU A 45 2.63 -6.40 12.10
CA GLU A 45 2.22 -5.85 13.36
C GLU A 45 2.98 -4.55 13.62
N ARG A 46 2.96 -4.04 14.86
CA ARG A 46 3.64 -2.76 15.17
C ARG A 46 5.17 -2.86 15.17
N SER A 47 5.66 -4.06 14.98
CA SER A 47 7.08 -4.34 15.00
C SER A 47 7.75 -4.03 13.63
N VAL A 48 6.96 -3.59 12.66
CA VAL A 48 7.48 -3.25 11.35
C VAL A 48 8.01 -1.81 11.31
N ASN A 49 9.21 -1.65 10.84
CA ASN A 49 9.82 -0.37 10.65
C ASN A 49 10.10 -0.24 9.15
N TYR A 50 10.55 0.92 8.70
CA TYR A 50 10.70 1.21 7.25
C TYR A 50 11.69 0.28 6.56
N THR A 51 12.70 -0.16 7.31
CA THR A 51 13.71 -1.05 6.80
C THR A 51 13.11 -2.40 6.34
N ASP A 52 12.02 -2.84 6.99
CA ASP A 52 11.37 -4.12 6.66
C ASP A 52 10.79 -4.05 5.27
N LEU A 53 10.27 -2.88 4.94
CA LEU A 53 9.72 -2.60 3.62
C LEU A 53 10.85 -2.60 2.57
N LYS A 54 11.88 -1.84 2.85
CA LYS A 54 12.97 -1.61 1.92
C LYS A 54 13.80 -2.87 1.62
N GLU A 55 14.08 -3.69 2.62
CA GLU A 55 14.88 -4.89 2.38
C GLU A 55 14.05 -5.98 1.72
N LYS A 56 12.75 -5.81 1.77
CA LYS A 56 11.81 -6.75 1.21
C LYS A 56 11.52 -6.39 -0.25
N PHE A 57 11.95 -5.19 -0.65
CA PHE A 57 11.74 -4.73 -2.01
C PHE A 57 12.34 -5.68 -3.02
N SER A 58 11.53 -6.07 -3.93
CA SER A 58 11.93 -6.92 -4.96
C SER A 58 11.17 -6.53 -6.18
N THR A 59 11.87 -6.43 -7.28
CA THR A 59 11.25 -6.10 -8.54
C THR A 59 10.53 -7.35 -9.14
N GLU A 60 10.53 -8.45 -8.37
CA GLU A 60 9.87 -9.69 -8.77
C GLU A 60 8.77 -10.06 -7.75
N LYS A 61 8.33 -9.12 -6.95
CA LYS A 61 7.36 -9.43 -5.90
C LYS A 61 6.01 -8.72 -6.11
N PRO A 62 4.89 -9.50 -6.12
CA PRO A 62 3.51 -8.94 -6.17
C PRO A 62 3.21 -8.22 -4.84
N CYS A 63 2.58 -7.03 -4.88
CA CYS A 63 2.50 -6.21 -3.70
C CYS A 63 1.51 -5.05 -3.78
N TYR A 64 1.08 -4.72 -2.61
CA TYR A 64 0.24 -3.67 -2.17
C TYR A 64 0.60 -3.63 -0.73
N VAL A 65 0.89 -2.52 -0.19
CA VAL A 65 1.27 -2.45 1.19
C VAL A 65 0.53 -1.34 1.87
N ALA A 66 -0.39 -1.71 2.68
CA ALA A 66 -1.09 -0.78 3.50
C ALA A 66 -0.25 -0.64 4.74
N PHE A 67 0.28 0.52 4.93
CA PHE A 67 1.23 0.72 6.00
C PHE A 67 0.94 2.00 6.74
N ASP A 68 1.14 1.96 8.04
CA ASP A 68 1.00 3.14 8.88
C ASP A 68 2.33 3.84 8.92
N PHE A 69 2.42 4.91 8.22
CA PHE A 69 3.63 5.63 8.06
C PHE A 69 3.64 6.81 9.01
N GLU A 70 4.70 6.95 9.77
CA GLU A 70 4.85 8.05 10.67
C GLU A 70 5.76 9.08 10.06
N TYR A 71 5.51 10.32 10.38
CA TYR A 71 6.30 11.42 9.87
C TYR A 71 6.06 12.64 10.74
N ASN A 72 6.98 13.56 10.72
CA ASN A 72 6.82 14.78 11.46
C ASN A 72 6.09 15.83 10.63
N ASP A 73 5.05 16.37 11.20
CA ASP A 73 4.22 17.38 10.59
C ASP A 73 3.75 18.32 11.65
N ALA A 74 4.02 19.61 11.44
CA ALA A 74 3.64 20.68 12.36
C ALA A 74 4.33 20.54 13.72
N GLY A 75 5.40 19.75 13.75
CA GLY A 75 6.12 19.51 14.97
C GLY A 75 5.61 18.30 15.72
N SER A 76 4.58 17.69 15.20
CA SER A 76 4.00 16.52 15.80
C SER A 76 4.29 15.30 14.94
N LYS A 77 4.20 14.13 15.53
CA LYS A 77 4.42 12.90 14.80
C LYS A 77 3.06 12.44 14.32
N ARG A 78 2.89 12.33 13.03
CA ARG A 78 1.62 11.94 12.45
C ARG A 78 1.65 10.48 12.08
N GLU A 79 0.48 9.97 11.82
CA GLU A 79 0.27 8.61 11.38
C GLU A 79 -0.61 8.62 10.13
N LYS A 80 -0.09 8.13 9.04
CA LYS A 80 -0.86 8.04 7.80
C LYS A 80 -0.93 6.66 7.29
N LEU A 81 -2.10 6.25 6.93
CA LEU A 81 -2.29 4.98 6.31
C LEU A 81 -2.08 5.17 4.83
N ILE A 82 -0.97 4.70 4.37
CA ILE A 82 -0.66 4.81 2.99
C ILE A 82 -0.85 3.48 2.33
N LEU A 83 -1.39 3.50 1.14
CA LEU A 83 -1.62 2.30 0.43
C LEU A 83 -0.58 2.25 -0.65
N ILE A 84 0.43 1.49 -0.42
CA ILE A 84 1.54 1.37 -1.34
C ILE A 84 1.26 0.27 -2.35
N GLN A 85 1.65 0.48 -3.53
CA GLN A 85 1.59 -0.44 -4.62
C GLN A 85 2.99 -0.57 -5.12
N TRP A 86 3.62 -1.67 -4.87
CA TRP A 86 4.92 -1.89 -5.44
C TRP A 86 4.66 -2.32 -6.85
N ILE A 87 4.95 -1.46 -7.77
CA ILE A 87 4.76 -1.71 -9.15
C ILE A 87 6.10 -2.14 -9.71
N PRO A 88 6.35 -3.45 -9.78
CA PRO A 88 7.64 -3.95 -10.10
C PRO A 88 7.97 -3.85 -11.58
N ASP A 89 9.17 -3.47 -11.82
CA ASP A 89 9.69 -3.25 -13.17
C ASP A 89 9.90 -4.56 -13.91
N THR A 90 10.32 -5.55 -13.20
CA THR A 90 10.85 -6.75 -13.81
C THR A 90 10.01 -7.97 -13.42
N ALA A 91 8.81 -7.70 -12.98
CA ALA A 91 7.91 -8.74 -12.53
C ALA A 91 7.15 -9.34 -13.70
N ARG A 92 6.35 -10.30 -13.38
CA ARG A 92 5.52 -10.98 -14.33
C ARG A 92 4.40 -10.04 -14.77
N PRO A 93 3.82 -10.23 -15.97
CA PRO A 93 2.76 -9.37 -16.52
C PRO A 93 1.66 -9.03 -15.51
N ARG A 94 1.12 -10.04 -14.82
CA ARG A 94 0.00 -9.81 -13.86
C ARG A 94 0.44 -8.86 -12.75
N GLU A 95 1.60 -9.15 -12.21
CA GLU A 95 2.21 -8.42 -11.10
C GLU A 95 2.42 -6.97 -11.50
N LYS A 96 2.87 -6.74 -12.72
CA LYS A 96 3.05 -5.38 -13.21
C LYS A 96 1.68 -4.68 -13.54
N MET A 97 0.88 -5.34 -14.42
CA MET A 97 -0.35 -4.69 -14.96
C MET A 97 -1.54 -4.62 -14.04
N MET A 98 -1.86 -5.73 -13.44
CA MET A 98 -3.08 -5.84 -12.65
C MET A 98 -2.97 -5.03 -11.40
N TYR A 99 -1.78 -4.99 -10.86
CA TYR A 99 -1.51 -4.27 -9.64
C TYR A 99 -1.51 -2.76 -9.91
N SER A 100 -1.07 -2.36 -11.10
CA SER A 100 -1.15 -0.97 -11.51
C SER A 100 -2.62 -0.54 -11.68
N ALA A 101 -3.45 -1.44 -12.15
CA ALA A 101 -4.85 -1.14 -12.43
C ALA A 101 -5.74 -1.20 -11.18
N SER A 102 -5.55 -2.21 -10.35
CA SER A 102 -6.44 -2.47 -9.19
C SER A 102 -6.27 -1.47 -8.02
N ARG A 103 -5.37 -0.48 -8.20
CA ARG A 103 -5.16 0.58 -7.20
C ARG A 103 -6.46 1.37 -6.99
N ASP A 104 -7.26 1.45 -8.02
CA ASP A 104 -8.52 2.17 -8.00
C ASP A 104 -9.58 1.39 -7.19
N ALA A 105 -9.56 0.09 -7.35
CA ALA A 105 -10.50 -0.78 -6.69
C ALA A 105 -10.25 -0.84 -5.17
N LEU A 106 -9.02 -1.11 -4.79
CA LEU A 106 -8.68 -1.27 -3.37
C LEU A 106 -8.76 0.08 -2.62
N SER A 107 -8.69 1.17 -3.36
CA SER A 107 -8.77 2.49 -2.78
C SER A 107 -10.19 2.73 -2.21
N SER A 108 -11.19 2.02 -2.77
CA SER A 108 -12.55 2.15 -2.31
C SER A 108 -12.72 1.60 -0.88
N VAL A 109 -12.09 0.47 -0.60
CA VAL A 109 -12.18 -0.11 0.72
C VAL A 109 -11.20 0.54 1.68
N SER A 110 -10.17 1.10 1.13
CA SER A 110 -9.16 1.75 1.91
C SER A 110 -9.54 3.22 2.17
N GLU A 111 -10.45 3.40 3.10
CA GLU A 111 -10.93 4.71 3.48
C GLU A 111 -9.83 5.42 4.26
N GLY A 112 -9.42 6.57 3.77
CA GLY A 112 -8.42 7.38 4.44
C GLY A 112 -7.01 7.13 3.95
N TYR A 113 -6.86 6.19 3.07
CA TYR A 113 -5.55 5.82 2.58
C TYR A 113 -5.10 6.69 1.42
N LEU A 114 -3.80 6.92 1.35
CA LEU A 114 -3.22 7.66 0.27
C LEU A 114 -2.58 6.65 -0.67
N PRO A 115 -3.06 6.56 -1.92
CA PRO A 115 -2.46 5.67 -2.91
C PRO A 115 -1.08 6.15 -3.30
N ILE A 116 -0.10 5.34 -3.03
CA ILE A 116 1.26 5.67 -3.31
C ILE A 116 1.93 4.49 -4.02
N GLN A 117 2.33 4.69 -5.25
CA GLN A 117 2.93 3.62 -6.00
C GLN A 117 4.44 3.75 -5.92
N ALA A 118 5.10 2.64 -5.80
CA ALA A 118 6.53 2.61 -5.82
C ALA A 118 6.91 1.82 -7.03
N ASN A 119 7.71 2.39 -7.88
CA ASN A 119 8.14 1.69 -9.09
C ASN A 119 9.52 1.16 -8.88
N ASP A 120 10.18 1.78 -7.97
CA ASP A 120 11.53 1.47 -7.58
C ASP A 120 11.60 1.62 -6.08
N GLU A 121 12.68 1.16 -5.49
CA GLU A 121 12.95 1.24 -4.07
C GLU A 121 12.88 2.70 -3.58
N SER A 122 13.15 3.63 -4.49
CA SER A 122 13.10 5.07 -4.20
C SER A 122 11.72 5.47 -3.66
N GLY A 123 10.66 4.79 -4.12
CA GLY A 123 9.32 5.12 -3.70
C GLY A 123 8.97 4.54 -2.35
N LEU A 124 9.83 3.67 -1.86
CA LEU A 124 9.65 3.04 -0.56
C LEU A 124 10.57 3.67 0.47
N ASP A 125 11.29 4.68 0.06
CA ASP A 125 12.22 5.34 0.96
C ASP A 125 11.50 6.45 1.70
N ALA A 126 11.71 6.48 3.01
CA ALA A 126 11.02 7.41 3.92
C ALA A 126 11.07 8.87 3.46
N GLU A 127 12.20 9.30 2.90
CA GLU A 127 12.36 10.69 2.49
C GLU A 127 11.49 11.06 1.30
N GLU A 128 11.27 10.10 0.42
CA GLU A 128 10.44 10.32 -0.74
C GLU A 128 8.96 10.25 -0.32
N ILE A 129 8.69 9.36 0.63
CA ILE A 129 7.34 9.19 1.14
C ILE A 129 6.89 10.43 1.92
N ILE A 130 7.71 10.88 2.89
CA ILE A 130 7.38 12.08 3.70
C ILE A 130 7.13 13.29 2.81
N ARG A 131 7.89 13.37 1.72
CA ARG A 131 7.79 14.46 0.77
C ARG A 131 6.39 14.52 0.15
N LYS A 132 5.92 13.39 -0.35
CA LYS A 132 4.62 13.34 -0.99
C LYS A 132 3.47 13.38 0.02
N VAL A 133 3.64 12.71 1.14
CA VAL A 133 2.63 12.72 2.17
C VAL A 133 2.45 14.13 2.75
N ARG A 134 3.55 14.85 2.98
CA ARG A 134 3.44 16.20 3.48
C ARG A 134 3.00 17.17 2.41
N LEU A 135 3.25 16.81 1.17
CA LEU A 135 2.72 17.57 0.05
C LEU A 135 1.18 17.50 0.13
N HIS A 136 0.68 16.31 0.42
CA HIS A 136 -0.75 16.06 0.61
C HIS A 136 -1.25 16.74 1.92
N ARG A 137 -0.36 16.86 2.89
CA ARG A 137 -0.67 17.57 4.15
C ARG A 137 -0.77 19.06 3.94
N SER A 138 -0.22 19.51 2.86
CA SER A 138 -0.23 20.90 2.49
C SER A 138 -1.48 21.22 1.65
N VAL A 139 -2.47 20.31 1.71
CA VAL A 139 -3.73 20.34 0.97
C VAL A 139 -4.44 21.74 0.94
N ALA A 140 -4.33 22.50 2.03
CA ALA A 140 -4.96 23.82 2.09
C ALA A 140 -4.24 24.79 1.16
N ALA A 141 -2.92 24.74 1.17
CA ALA A 141 -2.09 25.55 0.30
C ALA A 141 -2.08 24.94 -1.11
N ALA A 142 -2.39 23.65 -1.15
CA ALA A 142 -2.51 22.82 -2.35
C ALA A 142 -1.15 22.42 -2.94
N LEU A 143 -0.43 23.40 -3.51
CA LEU A 143 0.86 23.18 -4.20
C LEU A 143 0.67 22.31 -5.45
N GLU A 144 -0.57 22.24 -5.91
CA GLU A 144 -0.95 21.42 -7.04
C GLU A 144 -2.30 21.91 -7.54
#